data_7LAG
#
_entry.id   7LAG
#
_cell.length_a   143.459
_cell.length_b   149.886
_cell.length_c   228.642
_cell.angle_alpha   90.000
_cell.angle_beta   90.000
_cell.angle_gamma   90.000
#
_symmetry.space_group_name_H-M   'C 2 2 21'
#
loop_
_entity.id
_entity.type
_entity.pdbx_description
1 polymer 'Myeloperoxidase light chain'
2 polymer 'Isoform H14 of Myeloperoxidase'
3 branched 2-acetamido-2-deoxy-beta-D-glucopyranose-(1-4)-2-acetamido-2-deoxy-beta-D-glucopyranose
4 branched alpha-D-mannopyranose-(1-3)-[alpha-D-mannopyranose-(1-6)]beta-D-mannopyranose-(1-4)-2-acetamido-2-deoxy-beta-D-glucopyranose-(1-4)-[alpha-L-fucopyranose-(1-6)]2-acetamido-2-deoxy-beta-D-glucopyranose
5 non-polymer 'CHLORIDE ION'
6 non-polymer 'PROTOPORPHYRIN IX CONTAINING FE'
7 non-polymer 2-acetamido-2-deoxy-beta-D-glucopyranose
8 non-polymer 'CALCIUM ION'
9 non-polymer 7-({1-[(3-phenoxyphenyl)methyl]-1H-pyrazol-4-yl}methyl)-3H-[1,2,3]triazolo[4,5-b]pyridin-5-amine
#
loop_
_entity_poly.entity_id
_entity_poly.type
_entity_poly.pdbx_seq_one_letter_code
_entity_poly.pdbx_strand_id
1 'polypeptide(L)'
;CPEQDKYRTITGMCNNRRSPTLGASNRAFVRWLPAEYEDGFSLPYGWTPGVKRNGFPVALARAVSNEIVRFPTDQLTPDQ
ERSLMFMQWGQLLDHDLDFTPEPAA
;
A,D,F,H
2 'polypeptide(L)'
;VNCETSCVQQPPCFPLKIPPNDPRIKNQADCIPFFRSCPACPGSNITIRNQINALTSFVDASMVYGSEEPLARNLRNMSN
QLGLLAVNQRFQDNGRALLPFDNLHDDPCLLTNRSARIPCFLAGDTRSSEMPELTSMHTLLLREHNRLATELKSLNPRWD
GERLYQEARKIVGAMVQIITYRDYLPLVLGPTAMRKYLPTYRSYNDSVDPRIANVFTNAFRYGHTLIQPFMFRLDNRYQP
MEPNPRVPLSRVFFASWRVVLEGGIDPILRGLMATPAKLNRQNQIAVDEIRERLFEQVMRIGLDLPALNMQRSRDHGLPG
YNAWRRFCGLPQPETVGQLGTVLRNLKLARKLMEQYGTPNNIDIWMGGVSEPLKRKGRVGPLLACIIGTQFRKLRDGDRF
WWENEGVFSMQQRQALAQISLPRIICDNTGITTVSKNNIFMSNSYPRDFVNCSTLPALNLASWREA
;
B,E,G,I
#
loop_
_chem_comp.id
_chem_comp.type
_chem_comp.name
_chem_comp.formula
BMA D-saccharide, beta linking beta-D-mannopyranose 'C6 H12 O6'
CA non-polymer 'CALCIUM ION' 'Ca 2'
CL non-polymer 'CHLORIDE ION' 'Cl -1'
FUC L-saccharide, alpha linking alpha-L-fucopyranose 'C6 H12 O5'
HEM non-polymer 'PROTOPORPHYRIN IX CONTAINING FE' 'C34 H32 Fe N4 O4'
MAN D-saccharide, alpha linking alpha-D-mannopyranose 'C6 H12 O6'
NAG D-saccharide, beta linking 2-acetamido-2-deoxy-beta-D-glucopyranose 'C8 H15 N O6'
XSD non-polymer 7-({1-[(3-phenoxyphenyl)methyl]-1H-pyrazol-4-yl}methyl)-3H-[1,2,3]triazolo[4,5-b]pyridin-5-amine 'C22 H19 N7 O'
#
# COMPACT_ATOMS: atom_id res chain seq x y z
N CYS A 1 37.27 -0.34 8.38
CA CYS A 1 35.90 -0.40 8.89
C CYS A 1 35.67 -1.72 9.69
N PRO A 2 35.65 -1.66 11.05
CA PRO A 2 35.51 -2.91 11.83
C PRO A 2 34.16 -3.62 11.75
N GLU A 3 34.21 -4.98 11.65
CA GLU A 3 33.05 -5.88 11.55
C GLU A 3 32.19 -5.93 12.82
N GLN A 4 32.76 -5.49 13.98
CA GLN A 4 32.06 -5.40 15.27
C GLN A 4 32.68 -4.27 16.10
N ASP A 5 31.82 -3.43 16.72
CA ASP A 5 32.22 -2.27 17.54
C ASP A 5 31.19 -1.94 18.62
N LYS A 6 31.68 -1.43 19.77
CA LYS A 6 30.82 -1.08 20.90
C LYS A 6 30.47 0.41 20.91
N TYR A 7 31.38 1.24 20.37
CA TYR A 7 31.24 2.69 20.40
C TYR A 7 31.27 3.38 19.06
N ARG A 8 30.68 4.57 19.04
CA ARG A 8 30.69 5.47 17.91
C ARG A 8 32.09 6.03 17.76
N THR A 9 32.46 6.33 16.52
CA THR A 9 33.69 7.02 16.21
C THR A 9 33.33 8.50 16.46
N ILE A 10 34.33 9.37 16.62
CA ILE A 10 34.07 10.78 16.84
C ILE A 10 33.51 11.48 15.57
N THR A 11 34.07 11.14 14.41
CA THR A 11 33.70 11.73 13.11
C THR A 11 32.42 11.18 12.52
N GLY A 12 31.91 10.09 13.09
CA GLY A 12 30.71 9.45 12.57
C GLY A 12 30.99 8.43 11.47
N MET A 13 32.26 8.35 11.04
CA MET A 13 32.75 7.42 10.02
C MET A 13 32.48 5.99 10.55
N CYS A 14 32.12 5.05 9.66
CA CYS A 14 31.84 3.63 9.97
C CYS A 14 30.50 3.39 10.66
N ASN A 15 29.63 4.39 10.75
CA ASN A 15 28.29 4.19 11.31
C ASN A 15 27.53 3.30 10.34
N ASN A 16 27.44 3.72 9.06
CA ASN A 16 26.87 2.88 8.00
C ASN A 16 28.05 2.06 7.47
N ARG A 17 27.93 0.74 7.48
CA ARG A 17 29.02 -0.10 7.03
C ARG A 17 29.21 -0.17 5.50
N ARG A 18 28.11 -0.04 4.73
CA ARG A 18 28.13 -0.10 3.27
C ARG A 18 28.66 1.17 2.64
N SER A 19 28.26 2.31 3.21
CA SER A 19 28.69 3.64 2.76
C SER A 19 29.19 4.35 4.06
N PRO A 20 30.46 4.05 4.46
CA PRO A 20 30.95 4.52 5.77
C PRO A 20 31.09 6.03 6.02
N THR A 21 30.93 6.90 4.99
CA THR A 21 31.00 8.35 5.23
C THR A 21 29.63 8.94 5.55
N LEU A 22 28.53 8.18 5.34
CA LEU A 22 27.15 8.65 5.54
C LEU A 22 26.86 9.05 6.98
N GLY A 23 26.60 10.33 7.17
CA GLY A 23 26.38 10.88 8.50
C GLY A 23 27.68 11.33 9.17
N ALA A 24 28.84 11.05 8.56
CA ALA A 24 30.14 11.50 9.06
C ALA A 24 30.38 13.00 8.81
N SER A 25 31.29 13.60 9.60
CA SER A 25 31.60 15.02 9.55
C SER A 25 32.43 15.42 8.31
N ASN A 26 32.43 16.73 7.99
CA ASN A 26 33.12 17.36 6.85
C ASN A 26 32.83 16.65 5.53
N ARG A 27 31.54 16.58 5.19
CA ARG A 27 31.03 15.94 3.98
C ARG A 27 29.89 16.79 3.42
N ALA A 28 29.72 16.79 2.09
CA ALA A 28 28.64 17.55 1.47
C ALA A 28 27.25 17.07 1.94
N PHE A 29 26.29 18.00 2.02
CA PHE A 29 24.94 17.65 2.42
C PHE A 29 24.31 16.84 1.32
N VAL A 30 23.34 15.99 1.67
CA VAL A 30 22.53 15.30 0.69
C VAL A 30 21.49 16.35 0.18
N ARG A 31 21.03 16.21 -1.05
CA ARG A 31 20.01 17.09 -1.61
C ARG A 31 18.77 16.25 -1.80
N TRP A 32 17.61 16.76 -1.33
CA TRP A 32 16.33 16.10 -1.52
C TRP A 32 15.68 16.55 -2.84
N LEU A 33 16.12 17.69 -3.39
CA LEU A 33 15.71 18.27 -4.67
C LEU A 33 16.95 18.82 -5.37
N PRO A 34 17.02 18.87 -6.73
CA PRO A 34 18.17 19.49 -7.39
C PRO A 34 18.23 20.99 -7.08
N ALA A 35 19.46 21.52 -6.89
CA ALA A 35 19.69 22.94 -6.59
C ALA A 35 19.19 23.88 -7.69
N GLU A 36 18.85 25.12 -7.30
CA GLU A 36 18.34 26.16 -8.18
C GLU A 36 19.19 27.39 -8.03
N TYR A 37 20.09 27.56 -8.98
CA TYR A 37 21.01 28.67 -9.06
C TYR A 37 20.72 29.46 -10.33
N GLU A 38 21.00 30.77 -10.27
CA GLU A 38 20.87 31.74 -11.36
C GLU A 38 21.51 31.25 -12.67
N ASP A 39 22.70 30.63 -12.59
CA ASP A 39 23.45 30.10 -13.77
C ASP A 39 23.28 28.57 -13.95
N GLY A 40 22.51 27.95 -13.07
CA GLY A 40 22.29 26.52 -13.08
C GLY A 40 23.18 25.72 -12.16
N PHE A 41 24.44 26.19 -11.90
CA PHE A 41 25.37 25.39 -11.09
C PHE A 41 26.06 26.11 -9.89
N SER A 42 26.16 27.46 -9.84
CA SER A 42 26.84 28.10 -8.71
C SER A 42 26.32 29.46 -8.25
N LEU A 43 25.89 30.33 -9.16
CA LEU A 43 25.47 31.68 -8.78
C LEU A 43 24.11 31.73 -8.09
N PRO A 44 24.01 32.41 -6.93
CA PRO A 44 22.72 32.46 -6.24
C PRO A 44 21.73 33.41 -6.90
N TYR A 45 20.42 33.09 -6.79
CA TYR A 45 19.36 33.96 -7.31
C TYR A 45 19.47 35.26 -6.53
N GLY A 46 19.60 36.37 -7.26
CA GLY A 46 19.83 37.70 -6.70
C GLY A 46 21.22 38.21 -6.96
N TRP A 47 22.12 37.32 -7.40
CA TRP A 47 23.52 37.67 -7.72
C TRP A 47 23.60 38.72 -8.84
N THR A 48 22.93 38.51 -9.96
CA THR A 48 22.97 39.44 -11.07
C THR A 48 21.77 40.36 -11.11
N PRO A 49 22.01 41.70 -11.08
CA PRO A 49 20.89 42.66 -11.19
C PRO A 49 20.15 42.45 -12.52
N GLY A 50 18.83 42.49 -12.44
CA GLY A 50 17.98 42.29 -13.62
C GLY A 50 17.59 40.87 -13.93
N VAL A 51 18.38 39.88 -13.47
CA VAL A 51 18.06 38.46 -13.72
C VAL A 51 16.89 38.00 -12.83
N LYS A 52 15.80 37.58 -13.47
CA LYS A 52 14.60 37.12 -12.78
C LYS A 52 14.63 35.63 -12.43
N ARG A 53 13.90 35.25 -11.37
CA ARG A 53 13.71 33.85 -10.97
C ARG A 53 12.26 33.53 -11.36
N ASN A 54 12.06 32.46 -12.17
CA ASN A 54 10.75 32.00 -12.67
C ASN A 54 9.90 33.16 -13.25
N GLY A 55 10.55 34.03 -14.02
CA GLY A 55 9.89 35.18 -14.64
C GLY A 55 9.51 36.30 -13.69
N PHE A 56 10.10 36.34 -12.48
CA PHE A 56 9.81 37.38 -11.49
C PHE A 56 11.08 38.00 -10.91
N PRO A 57 11.09 39.35 -10.68
CA PRO A 57 12.30 39.97 -10.05
C PRO A 57 12.55 39.38 -8.68
N VAL A 58 13.82 39.18 -8.35
CA VAL A 58 14.24 38.62 -7.06
C VAL A 58 14.14 39.69 -5.97
N ALA A 59 13.32 39.41 -4.94
CA ALA A 59 13.13 40.34 -3.79
C ALA A 59 14.37 40.33 -2.91
N LEU A 60 14.70 41.50 -2.36
CA LEU A 60 15.84 41.67 -1.45
C LEU A 60 15.46 41.04 -0.11
N ALA A 61 16.34 40.16 0.46
CA ALA A 61 16.09 39.50 1.76
C ALA A 61 15.72 40.52 2.84
N ARG A 62 16.45 41.67 2.88
CA ARG A 62 16.18 42.77 3.82
C ARG A 62 14.78 43.39 3.59
N ALA A 63 14.36 43.52 2.31
CA ALA A 63 13.04 44.06 1.98
C ALA A 63 11.93 43.11 2.48
N VAL A 64 12.11 41.78 2.26
CA VAL A 64 11.17 40.76 2.75
C VAL A 64 11.09 40.83 4.28
N SER A 65 12.27 40.90 4.96
CA SER A 65 12.39 41.01 6.41
C SER A 65 11.68 42.26 6.92
N ASN A 66 11.87 43.41 6.25
CA ASN A 66 11.24 44.68 6.61
C ASN A 66 9.73 44.68 6.47
N GLU A 67 9.23 44.12 5.37
CA GLU A 67 7.80 44.13 5.06
C GLU A 67 7.00 43.02 5.71
N ILE A 68 7.61 41.84 5.91
CA ILE A 68 6.89 40.67 6.43
C ILE A 68 7.26 40.30 7.87
N VAL A 69 8.55 40.23 8.17
CA VAL A 69 9.04 39.79 9.49
C VAL A 69 8.86 40.87 10.59
N ARG A 70 9.22 42.14 10.31
CA ARG A 70 9.13 43.25 11.26
C ARG A 70 7.76 43.42 11.92
N PHE A 71 7.76 43.62 13.25
CA PHE A 71 6.56 43.83 14.08
C PHE A 71 6.96 44.55 15.41
N PRO A 72 6.03 45.28 16.08
CA PRO A 72 6.39 45.97 17.33
C PRO A 72 6.58 45.01 18.52
N THR A 73 7.75 45.08 19.15
CA THR A 73 8.17 44.22 20.26
C THR A 73 7.14 44.14 21.39
N ASP A 74 6.53 45.29 21.73
CA ASP A 74 5.49 45.42 22.77
C ASP A 74 4.28 44.50 22.52
N GLN A 75 4.03 44.13 21.25
CA GLN A 75 2.93 43.28 20.80
C GLN A 75 3.15 41.78 21.00
N LEU A 76 4.41 41.35 21.23
CA LEU A 76 4.81 39.96 21.44
C LEU A 76 3.81 39.15 22.28
N THR A 77 3.36 37.99 21.73
CA THR A 77 2.46 37.06 22.39
C THR A 77 3.27 35.94 23.03
N PRO A 78 3.30 35.82 24.38
CA PRO A 78 4.00 34.66 24.98
C PRO A 78 3.22 33.37 24.70
N ASP A 79 3.94 32.25 24.57
CA ASP A 79 3.32 30.95 24.34
C ASP A 79 2.81 30.39 25.66
N GLN A 80 1.51 30.13 25.76
CA GLN A 80 0.93 29.59 26.98
C GLN A 80 1.34 28.13 27.24
N GLU A 81 1.76 27.41 26.18
CA GLU A 81 2.08 26.00 26.29
C GLU A 81 3.52 25.63 25.92
N ARG A 82 4.43 26.61 25.89
CA ARG A 82 5.86 26.38 25.59
C ARG A 82 6.77 27.26 26.44
N SER A 83 7.85 26.66 26.97
CA SER A 83 8.90 27.33 27.75
C SER A 83 10.04 27.78 26.84
N LEU A 84 10.94 28.68 27.34
CA LEU A 84 12.12 29.08 26.57
C LEU A 84 13.06 27.90 26.41
N MET A 85 12.93 26.89 27.31
CA MET A 85 13.68 25.64 27.29
C MET A 85 13.43 24.90 25.99
N PHE A 86 12.19 24.99 25.47
CA PHE A 86 11.80 24.43 24.18
C PHE A 86 12.61 25.08 23.03
N MET A 87 12.84 26.39 23.12
CA MET A 87 13.63 27.14 22.15
C MET A 87 15.09 26.71 22.27
N GLN A 88 15.64 26.76 23.50
CA GLN A 88 17.04 26.47 23.76
C GLN A 88 17.45 25.04 23.45
N TRP A 89 16.57 24.05 23.66
CA TRP A 89 16.90 22.67 23.32
C TRP A 89 17.02 22.56 21.80
N GLY A 90 16.10 23.22 21.08
CA GLY A 90 16.07 23.26 19.63
C GLY A 90 17.37 23.70 19.01
N GLN A 91 17.96 24.82 19.50
CA GLN A 91 19.25 25.33 19.03
C GLN A 91 20.38 24.37 19.45
N LEU A 92 20.36 23.87 20.72
CA LEU A 92 21.36 22.92 21.19
C LEU A 92 21.36 21.66 20.30
N LEU A 93 20.16 21.15 19.97
CA LEU A 93 19.91 20.00 19.09
C LEU A 93 20.47 20.28 17.69
N ASP A 94 20.14 21.47 17.15
CA ASP A 94 20.62 21.94 15.86
C ASP A 94 22.13 21.81 15.75
N HIS A 95 22.84 22.12 16.85
CA HIS A 95 24.29 22.14 16.95
C HIS A 95 24.89 20.73 17.14
N ASP A 96 24.02 19.71 17.21
CA ASP A 96 24.43 18.31 17.23
C ASP A 96 24.32 17.77 15.79
N LEU A 97 23.53 18.46 14.94
CA LEU A 97 23.22 18.01 13.59
C LEU A 97 23.98 18.70 12.48
N ASP A 98 23.95 20.05 12.43
CA ASP A 98 24.61 20.75 11.33
C ASP A 98 25.28 22.07 11.67
N PHE A 99 26.43 22.26 11.05
CA PHE A 99 27.24 23.49 11.02
C PHE A 99 27.80 23.61 9.61
N THR A 100 27.44 24.70 8.91
CA THR A 100 27.84 24.98 7.54
C THR A 100 29.01 25.97 7.53
N PRO A 101 30.26 25.49 7.32
CA PRO A 101 31.41 26.41 7.30
C PRO A 101 31.41 27.50 6.20
N GLU A 102 32.05 28.64 6.53
CA GLU A 102 32.25 29.83 5.70
C GLU A 102 33.75 30.07 5.57
N PRO A 103 34.21 30.89 4.58
CA PRO A 103 35.66 31.09 4.40
C PRO A 103 36.43 31.71 5.58
N ASN B 2 37.22 39.69 2.39
CA ASN B 2 36.88 41.01 2.96
C ASN B 2 35.33 41.32 3.17
N CYS B 3 34.51 40.28 3.34
CA CYS B 3 33.03 40.40 3.49
C CYS B 3 32.59 41.20 4.68
N GLU B 4 33.39 41.17 5.77
CA GLU B 4 33.15 41.88 7.02
C GLU B 4 33.03 43.40 6.84
N THR B 5 33.74 43.99 5.87
CA THR B 5 33.73 45.45 5.73
C THR B 5 33.46 45.97 4.32
N SER B 6 33.63 45.14 3.29
CA SER B 6 33.34 45.56 1.90
C SER B 6 31.88 45.29 1.53
N CYS B 7 31.35 46.07 0.58
CA CYS B 7 29.99 45.93 0.09
C CYS B 7 29.93 45.43 -1.36
N VAL B 8 31.13 45.15 -1.91
CA VAL B 8 31.31 44.65 -3.27
C VAL B 8 30.91 43.17 -3.33
N GLN B 9 30.15 42.80 -4.35
CA GLN B 9 29.74 41.43 -4.61
C GLN B 9 30.82 40.67 -5.42
N GLN B 10 31.89 40.25 -4.74
CA GLN B 10 33.00 39.47 -5.31
C GLN B 10 33.12 38.20 -4.46
N PRO B 11 33.17 36.99 -5.09
CA PRO B 11 33.28 35.74 -4.29
C PRO B 11 34.41 35.79 -3.26
N PRO B 12 34.18 35.31 -2.02
CA PRO B 12 32.99 34.66 -1.49
C PRO B 12 31.93 35.58 -0.89
N CYS B 13 31.97 36.88 -1.18
CA CYS B 13 31.01 37.85 -0.66
C CYS B 13 29.71 37.83 -1.41
N PHE B 14 28.61 37.76 -0.69
CA PHE B 14 27.26 37.87 -1.26
C PHE B 14 26.50 38.86 -0.36
N PRO B 15 26.92 40.15 -0.32
CA PRO B 15 26.27 41.09 0.61
C PRO B 15 24.79 41.33 0.37
N LEU B 16 24.09 41.62 1.46
CA LEU B 16 22.66 41.89 1.40
C LEU B 16 22.47 43.38 1.11
N LYS B 17 22.00 43.70 -0.11
CA LYS B 17 21.74 45.08 -0.52
C LYS B 17 20.63 45.70 0.37
N ILE B 18 20.70 47.02 0.61
CA ILE B 18 19.76 47.76 1.44
C ILE B 18 18.65 48.38 0.58
N PRO B 19 17.37 48.12 0.91
CA PRO B 19 16.28 48.68 0.11
C PRO B 19 16.05 50.17 0.42
N PRO B 20 15.31 50.91 -0.42
CA PRO B 20 15.02 52.31 -0.06
C PRO B 20 14.02 52.35 1.10
N ASN B 21 14.02 53.45 1.88
CA ASN B 21 13.14 53.65 3.03
C ASN B 21 13.24 52.50 4.07
N ASP B 22 14.48 52.03 4.33
CA ASP B 22 14.77 51.01 5.33
C ASP B 22 14.56 51.61 6.74
N PRO B 23 13.96 50.88 7.71
CA PRO B 23 13.72 51.48 9.03
C PRO B 23 14.97 51.78 9.85
N ARG B 24 16.09 51.09 9.57
CA ARG B 24 17.35 51.25 10.32
C ARG B 24 18.52 51.78 9.47
N ILE B 25 18.84 51.12 8.33
CA ILE B 25 19.99 51.50 7.50
C ILE B 25 19.58 52.55 6.47
N LYS B 26 19.90 53.82 6.77
CA LYS B 26 19.56 54.95 5.89
C LYS B 26 20.60 55.13 4.76
N ASN B 27 21.77 54.47 4.83
CA ASN B 27 22.77 54.56 3.76
C ASN B 27 22.56 53.40 2.76
N GLN B 28 22.07 53.70 1.53
CA GLN B 28 21.78 52.67 0.53
C GLN B 28 23.04 52.06 -0.10
N ALA B 29 24.21 52.72 0.05
CA ALA B 29 25.50 52.23 -0.44
C ALA B 29 26.04 51.16 0.53
N ASP B 30 25.57 51.20 1.79
CA ASP B 30 25.93 50.23 2.83
C ASP B 30 25.29 48.86 2.52
N CYS B 31 25.57 47.85 3.36
CA CYS B 31 25.04 46.49 3.20
C CYS B 31 25.13 45.70 4.50
N ILE B 32 24.56 44.49 4.48
CA ILE B 32 24.67 43.54 5.59
C ILE B 32 25.68 42.47 5.15
N PRO B 33 26.81 42.32 5.90
CA PRO B 33 27.84 41.34 5.52
C PRO B 33 27.34 39.90 5.42
N PHE B 34 27.87 39.17 4.43
CA PHE B 34 27.50 37.78 4.14
C PHE B 34 28.59 37.07 3.34
N PHE B 35 29.09 35.96 3.90
CA PHE B 35 30.07 35.09 3.26
C PHE B 35 29.31 33.88 2.76
N ARG B 36 29.51 33.52 1.49
CA ARG B 36 28.87 32.34 0.91
C ARG B 36 29.41 31.13 1.61
N SER B 37 28.58 30.15 1.88
CA SER B 37 29.03 28.92 2.51
C SER B 37 30.04 28.24 1.59
N CYS B 38 31.11 27.70 2.18
CA CYS B 38 32.18 26.97 1.52
C CYS B 38 31.61 25.92 0.55
N PRO B 39 32.03 25.92 -0.73
CA PRO B 39 31.55 24.87 -1.64
C PRO B 39 32.25 23.54 -1.37
N ALA B 40 31.53 22.41 -1.54
CA ALA B 40 32.06 21.05 -1.39
C ALA B 40 33.15 20.79 -2.44
N CYS B 41 33.00 21.39 -3.62
CA CYS B 41 33.93 21.29 -4.73
C CYS B 41 34.32 22.69 -5.25
N PRO B 42 35.38 23.31 -4.66
CA PRO B 42 35.78 24.67 -5.10
C PRO B 42 36.25 24.81 -6.55
N GLY B 43 35.75 25.89 -7.18
CA GLY B 43 36.11 26.32 -8.52
C GLY B 43 35.58 25.53 -9.69
N SER B 44 34.79 24.46 -9.43
CA SER B 44 34.28 23.56 -10.48
C SER B 44 33.26 24.16 -11.40
N ASN B 45 33.40 23.87 -12.69
CA ASN B 45 32.44 24.29 -13.70
C ASN B 45 31.55 23.10 -14.10
N ILE B 46 31.78 21.92 -13.47
CA ILE B 46 31.06 20.64 -13.73
C ILE B 46 29.97 20.37 -12.71
N THR B 47 30.33 20.38 -11.43
CA THR B 47 29.43 20.05 -10.34
C THR B 47 28.44 21.18 -10.04
N ILE B 48 27.26 20.82 -9.52
CA ILE B 48 26.27 21.77 -9.09
C ILE B 48 26.64 22.05 -7.64
N ARG B 49 26.99 23.32 -7.33
CA ARG B 49 27.44 23.78 -6.04
C ARG B 49 26.63 23.21 -4.90
N ASN B 50 27.35 22.63 -3.92
CA ASN B 50 26.77 22.08 -2.71
C ASN B 50 27.59 22.54 -1.52
N GLN B 51 27.01 22.49 -0.34
CA GLN B 51 27.68 22.98 0.86
C GLN B 51 28.14 21.81 1.73
N ILE B 52 28.92 22.10 2.79
CA ILE B 52 29.53 21.07 3.65
C ILE B 52 28.90 21.06 5.02
N ASN B 53 28.73 19.86 5.62
CA ASN B 53 28.32 19.71 7.00
C ASN B 53 29.60 19.31 7.74
N ALA B 54 30.07 20.19 8.63
CA ALA B 54 31.28 20.04 9.44
C ALA B 54 31.07 19.13 10.66
N LEU B 55 29.81 18.76 10.92
CA LEU B 55 29.41 17.93 12.06
C LEU B 55 28.87 16.59 11.65
N THR B 56 28.75 15.68 12.62
CA THR B 56 28.15 14.36 12.45
C THR B 56 26.65 14.60 12.48
N SER B 57 25.91 14.03 11.52
CA SER B 57 24.46 14.20 11.41
C SER B 57 23.73 13.52 12.58
N PHE B 58 24.33 12.47 13.13
CA PHE B 58 23.77 11.70 14.24
C PHE B 58 23.50 12.51 15.47
N VAL B 59 22.42 12.14 16.18
CA VAL B 59 22.01 12.73 17.46
C VAL B 59 22.91 11.93 18.42
N ASP B 60 24.22 12.34 18.46
CA ASP B 60 25.30 11.64 19.19
C ASP B 60 26.00 12.49 20.22
N ALA B 61 25.43 13.66 20.55
CA ALA B 61 25.97 14.65 21.49
C ALA B 61 27.33 15.18 21.02
N SER B 62 27.49 15.36 19.69
CA SER B 62 28.74 15.87 19.13
C SER B 62 28.98 17.36 19.52
N MET B 63 27.93 18.07 20.00
CA MET B 63 28.09 19.46 20.46
C MET B 63 28.84 19.45 21.81
N VAL B 64 28.99 18.26 22.40
CA VAL B 64 29.68 18.01 23.66
C VAL B 64 31.10 17.45 23.38
N TYR B 65 31.18 16.41 22.54
CA TYR B 65 32.41 15.68 22.31
C TYR B 65 33.25 16.12 21.11
N GLY B 66 32.62 16.74 20.11
CA GLY B 66 33.29 17.15 18.89
C GLY B 66 33.03 16.17 17.77
N SER B 67 33.23 16.63 16.52
CA SER B 67 33.03 15.80 15.33
C SER B 67 34.37 15.54 14.65
N GLU B 68 35.48 15.94 15.31
CA GLU B 68 36.85 15.76 14.81
C GLU B 68 37.74 15.25 15.96
N GLU B 69 38.57 14.22 15.71
CA GLU B 69 39.39 13.59 16.75
C GLU B 69 40.42 14.53 17.45
N PRO B 70 41.17 15.45 16.77
CA PRO B 70 42.06 16.33 17.54
C PRO B 70 41.30 17.19 18.58
N LEU B 71 40.15 17.81 18.17
CA LEU B 71 39.28 18.61 19.05
C LEU B 71 38.73 17.73 20.19
N ALA B 72 38.21 16.54 19.80
CA ALA B 72 37.67 15.54 20.70
C ALA B 72 38.68 15.20 21.80
N ARG B 73 39.98 15.08 21.40
CA ARG B 73 41.09 14.82 22.30
C ARG B 73 41.28 16.03 23.23
N ASN B 74 41.37 17.28 22.70
CA ASN B 74 41.59 18.50 23.52
C ASN B 74 40.57 18.69 24.61
N LEU B 75 39.29 18.41 24.28
CA LEU B 75 38.16 18.53 25.20
C LEU B 75 38.27 17.55 26.35
N ARG B 76 39.12 16.53 26.23
CA ARG B 76 39.30 15.53 27.27
C ARG B 76 40.35 15.94 28.29
N ASN B 77 40.18 15.35 29.49
CA ASN B 77 41.09 15.50 30.64
C ASN B 77 42.09 14.35 30.57
N MET B 78 43.28 14.66 30.08
CA MET B 78 44.35 13.66 29.93
C MET B 78 45.30 13.62 31.14
N SER B 79 44.98 14.37 32.22
CA SER B 79 45.78 14.42 33.45
C SER B 79 45.66 13.16 34.31
N ASN B 80 44.63 12.31 34.05
CA ASN B 80 44.36 11.10 34.82
C ASN B 80 43.60 10.04 34.00
N GLN B 81 43.23 8.92 34.65
CA GLN B 81 42.49 7.80 34.06
C GLN B 81 41.02 7.74 34.55
N LEU B 82 40.40 8.92 34.74
CA LEU B 82 39.02 9.01 35.24
C LEU B 82 37.93 9.27 34.16
N GLY B 83 38.31 9.27 32.88
CA GLY B 83 37.38 9.43 31.77
C GLY B 83 36.58 10.73 31.76
N LEU B 84 37.16 11.83 32.26
CA LEU B 84 36.48 13.11 32.33
C LEU B 84 36.75 14.01 31.14
N LEU B 85 35.90 15.02 31.02
CA LEU B 85 36.02 16.09 30.04
C LEU B 85 36.70 17.24 30.80
N ALA B 86 37.56 18.00 30.11
CA ALA B 86 38.27 19.13 30.70
C ALA B 86 37.32 20.24 31.20
N VAL B 87 37.73 20.93 32.28
CA VAL B 87 36.93 21.99 32.90
C VAL B 87 37.73 23.28 32.97
N ASN B 88 37.05 24.42 33.19
CA ASN B 88 37.71 25.72 33.31
C ASN B 88 38.70 25.69 34.48
N GLN B 89 39.95 26.07 34.24
CA GLN B 89 40.98 26.04 35.28
C GLN B 89 41.09 27.35 36.07
N ARG B 90 40.36 28.39 35.64
CA ARG B 90 40.40 29.70 36.29
C ARG B 90 39.11 30.03 37.04
N PHE B 91 37.96 29.46 36.62
CA PHE B 91 36.66 29.76 37.24
C PHE B 91 35.77 28.58 37.48
N GLN B 92 34.88 28.73 38.46
CA GLN B 92 33.85 27.78 38.88
C GLN B 92 32.51 28.51 39.14
N ASP B 93 31.39 27.77 39.10
CA ASP B 93 30.04 28.29 39.36
C ASP B 93 29.56 27.64 40.68
N ASN B 94 29.87 28.29 41.82
CA ASN B 94 29.58 27.80 43.17
C ASN B 94 30.21 26.40 43.34
N GLY B 95 31.51 26.32 43.03
CA GLY B 95 32.29 25.08 43.09
C GLY B 95 32.00 24.10 41.98
N ARG B 96 31.05 24.42 41.08
CA ARG B 96 30.69 23.54 39.98
C ARG B 96 31.45 23.94 38.71
N ALA B 97 31.72 22.97 37.85
CA ALA B 97 32.49 23.16 36.63
C ALA B 97 31.89 24.11 35.56
N LEU B 98 32.76 24.86 34.91
CA LEU B 98 32.46 25.72 33.77
C LEU B 98 33.26 25.13 32.59
N LEU B 99 32.85 25.44 31.34
CA LEU B 99 33.55 24.96 30.13
C LEU B 99 34.95 25.55 30.07
N PRO B 100 35.96 24.88 29.47
CA PRO B 100 37.28 25.52 29.38
C PRO B 100 37.19 26.71 28.43
N PHE B 101 38.18 27.60 28.47
CA PHE B 101 38.18 28.71 27.52
C PHE B 101 38.82 28.23 26.23
N ASP B 102 38.59 28.96 25.16
CA ASP B 102 39.19 28.68 23.85
C ASP B 102 40.31 29.69 23.63
N ASN B 103 41.26 29.35 22.75
CA ASN B 103 42.36 30.25 22.40
C ASN B 103 42.16 30.66 20.95
N LEU B 104 41.34 31.71 20.74
CA LEU B 104 40.98 32.19 19.42
C LEU B 104 41.84 33.35 18.95
N HIS B 105 42.14 33.40 17.64
CA HIS B 105 42.90 34.47 16.99
C HIS B 105 42.14 35.80 17.19
N ASP B 106 40.86 35.85 16.72
CA ASP B 106 39.93 36.98 16.91
C ASP B 106 38.77 36.45 17.78
N ASP B 107 38.82 36.71 19.11
CA ASP B 107 37.78 36.28 20.04
C ASP B 107 36.65 37.33 20.14
N PRO B 108 35.41 36.97 19.77
CA PRO B 108 34.28 37.93 19.86
C PRO B 108 33.81 38.24 21.28
N CYS B 109 33.94 37.30 22.22
CA CYS B 109 33.51 37.47 23.61
C CYS B 109 34.22 38.59 24.33
N LEU B 110 35.49 38.80 23.98
CA LEU B 110 36.31 39.85 24.56
C LEU B 110 35.80 41.23 24.16
N LEU B 111 35.08 41.30 23.03
CA LEU B 111 34.50 42.54 22.51
C LEU B 111 33.25 42.98 23.27
N THR B 112 32.46 42.01 23.76
CA THR B 112 31.21 42.27 24.50
C THR B 112 31.45 43.03 25.81
N ASN B 113 32.67 42.98 26.35
CA ASN B 113 33.05 43.72 27.59
C ASN B 113 34.58 43.86 27.70
N ARG B 114 35.12 45.07 27.47
CA ARG B 114 36.54 45.36 27.56
C ARG B 114 37.13 45.00 28.93
N SER B 115 36.62 45.62 30.03
CA SER B 115 37.15 45.40 31.38
C SER B 115 37.12 43.95 31.87
N ALA B 116 36.01 43.21 31.62
CA ALA B 116 35.86 41.82 32.06
C ALA B 116 36.91 40.86 31.50
N ARG B 117 37.37 41.11 30.25
CA ARG B 117 38.38 40.32 29.54
C ARG B 117 38.10 38.79 29.58
N ILE B 118 36.81 38.39 29.43
CA ILE B 118 36.37 36.98 29.44
C ILE B 118 36.23 36.43 28.02
N PRO B 119 37.13 35.52 27.61
CA PRO B 119 37.04 34.96 26.24
C PRO B 119 35.93 33.93 26.08
N CYS B 120 35.79 33.41 24.86
CA CYS B 120 34.84 32.36 24.51
C CYS B 120 35.18 31.06 25.20
N PHE B 121 34.15 30.24 25.42
CA PHE B 121 34.24 28.88 25.96
C PHE B 121 34.55 27.90 24.82
N LEU B 122 35.10 26.74 25.19
CA LEU B 122 35.46 25.69 24.26
C LEU B 122 34.58 24.47 24.53
N ALA B 123 33.87 23.99 23.49
CA ALA B 123 32.98 22.82 23.53
C ALA B 123 33.11 21.95 22.26
N GLY B 124 32.25 20.95 22.13
CA GLY B 124 32.19 20.08 20.95
C GLY B 124 31.82 20.84 19.70
N ASP B 125 30.97 21.85 19.83
CA ASP B 125 30.55 22.73 18.74
C ASP B 125 31.10 24.12 18.98
N THR B 126 31.57 24.80 17.90
CA THR B 126 32.19 26.12 17.93
C THR B 126 31.25 27.28 18.28
N ARG B 127 29.93 27.06 18.35
CA ARG B 127 29.02 28.17 18.65
C ARG B 127 28.56 28.24 20.12
N SER B 128 29.21 27.47 21.01
CA SER B 128 28.87 27.35 22.43
C SER B 128 28.71 28.67 23.19
N SER B 129 29.45 29.73 22.80
CA SER B 129 29.39 31.04 23.48
C SER B 129 28.47 32.04 22.80
N GLU B 130 27.72 31.59 21.77
CA GLU B 130 26.81 32.44 20.99
C GLU B 130 25.80 33.21 21.85
N MET B 131 25.21 32.55 22.86
CA MET B 131 24.30 33.18 23.80
C MET B 131 24.41 32.44 25.15
N PRO B 132 24.38 33.14 26.31
CA PRO B 132 24.56 32.46 27.61
C PRO B 132 23.61 31.30 27.89
N GLU B 133 22.41 31.31 27.27
CA GLU B 133 21.42 30.24 27.41
C GLU B 133 21.96 28.95 26.79
N LEU B 134 22.61 29.08 25.64
CA LEU B 134 23.21 27.95 24.95
C LEU B 134 24.41 27.44 25.75
N THR B 135 25.28 28.37 26.20
CA THR B 135 26.45 28.08 27.02
C THR B 135 26.02 27.25 28.23
N SER B 136 24.94 27.67 28.89
CA SER B 136 24.36 27.01 30.06
C SER B 136 23.99 25.56 29.78
N MET B 137 23.40 25.29 28.61
CA MET B 137 23.01 23.94 28.20
C MET B 137 24.24 23.08 27.94
N HIS B 138 25.29 23.68 27.35
CA HIS B 138 26.56 23.02 27.08
C HIS B 138 27.26 22.68 28.38
N THR B 139 27.24 23.64 29.35
CA THR B 139 27.84 23.54 30.67
C THR B 139 27.15 22.45 31.49
N LEU B 140 25.84 22.31 31.31
CA LEU B 140 25.03 21.31 31.97
C LEU B 140 25.46 19.90 31.52
N LEU B 141 25.62 19.70 30.19
CA LEU B 141 25.99 18.42 29.61
C LEU B 141 27.42 18.00 29.94
N LEU B 142 28.34 18.99 30.07
CA LEU B 142 29.73 18.72 30.42
C LEU B 142 29.74 18.11 31.83
N ARG B 143 29.01 18.76 32.76
CA ARG B 143 28.86 18.34 34.14
C ARG B 143 28.24 16.93 34.21
N GLU B 144 27.17 16.66 33.40
CA GLU B 144 26.53 15.35 33.34
C GLU B 144 27.47 14.24 32.90
N HIS B 145 28.39 14.48 31.94
CA HIS B 145 29.38 13.48 31.54
C HIS B 145 30.28 13.14 32.72
N ASN B 146 30.85 14.18 33.38
CA ASN B 146 31.77 13.97 34.50
C ASN B 146 31.10 13.27 35.67
N ARG B 147 29.82 13.59 35.92
CA ARG B 147 29.00 12.99 36.96
C ARG B 147 28.86 11.49 36.68
N LEU B 148 28.58 11.14 35.41
CA LEU B 148 28.43 9.74 34.97
C LEU B 148 29.74 8.99 35.08
N ALA B 149 30.86 9.59 34.59
CA ALA B 149 32.21 9.03 34.61
C ALA B 149 32.66 8.73 36.06
N THR B 150 32.21 9.58 37.02
CA THR B 150 32.51 9.46 38.44
C THR B 150 31.74 8.28 39.05
N GLU B 151 30.43 8.17 38.77
CA GLU B 151 29.58 7.09 39.29
C GLU B 151 30.03 5.71 38.78
N LEU B 152 30.31 5.64 37.48
CA LEU B 152 30.78 4.44 36.80
C LEU B 152 32.12 3.95 37.36
N LYS B 153 33.00 4.89 37.80
CA LYS B 153 34.31 4.59 38.39
C LYS B 153 34.12 3.90 39.74
N SER B 154 33.19 4.40 40.57
CA SER B 154 32.91 3.76 41.87
C SER B 154 32.24 2.40 41.67
N LEU B 155 31.47 2.23 40.57
CA LEU B 155 30.82 0.97 40.21
C LEU B 155 31.86 -0.02 39.67
N ASN B 156 32.70 0.41 38.73
CA ASN B 156 33.72 -0.41 38.07
C ASN B 156 35.11 0.21 38.26
N PRO B 157 35.73 0.06 39.46
CA PRO B 157 37.08 0.63 39.68
C PRO B 157 38.18 0.11 38.75
N ARG B 158 37.99 -1.08 38.16
CA ARG B 158 38.95 -1.68 37.25
C ARG B 158 38.95 -1.02 35.84
N TRP B 159 37.90 -0.23 35.51
CA TRP B 159 37.79 0.46 34.22
C TRP B 159 38.81 1.60 34.11
N ASP B 160 39.40 1.75 32.90
CA ASP B 160 40.39 2.79 32.61
C ASP B 160 39.70 4.04 32.05
N GLY B 161 40.45 5.12 31.91
CA GLY B 161 40.00 6.40 31.37
C GLY B 161 39.23 6.31 30.07
N GLU B 162 39.76 5.54 29.09
CA GLU B 162 39.10 5.35 27.78
C GLU B 162 37.73 4.70 27.94
N ARG B 163 37.65 3.61 28.74
CA ARG B 163 36.40 2.88 29.01
C ARG B 163 35.34 3.79 29.63
N LEU B 164 35.74 4.55 30.67
CA LEU B 164 34.91 5.48 31.41
C LEU B 164 34.38 6.61 30.52
N TYR B 165 35.30 7.20 29.71
CA TYR B 165 34.97 8.28 28.76
C TYR B 165 33.92 7.77 27.77
N GLN B 166 34.18 6.60 27.18
CA GLN B 166 33.30 6.00 26.19
C GLN B 166 31.93 5.64 26.75
N GLU B 167 31.89 4.98 27.91
CA GLU B 167 30.64 4.55 28.52
C GLU B 167 29.72 5.74 28.89
N ALA B 168 30.27 6.81 29.52
CA ALA B 168 29.54 8.02 29.86
C ALA B 168 29.02 8.71 28.56
N ARG B 169 29.90 8.84 27.54
CA ARG B 169 29.58 9.43 26.22
C ARG B 169 28.36 8.73 25.59
N LYS B 170 28.38 7.37 25.61
CA LYS B 170 27.31 6.51 25.12
C LYS B 170 25.99 6.86 25.84
N ILE B 171 26.01 6.98 27.19
CA ILE B 171 24.85 7.38 27.98
C ILE B 171 24.38 8.79 27.61
N VAL B 172 25.30 9.76 27.49
CA VAL B 172 24.96 11.17 27.18
C VAL B 172 24.25 11.26 25.84
N GLY B 173 24.81 10.57 24.83
CA GLY B 173 24.25 10.51 23.49
C GLY B 173 22.84 9.96 23.50
N ALA B 174 22.63 8.90 24.34
CA ALA B 174 21.32 8.25 24.47
C ALA B 174 20.31 9.20 25.10
N MET B 175 20.75 9.95 26.12
CA MET B 175 19.92 10.92 26.80
C MET B 175 19.44 12.05 25.89
N VAL B 176 20.30 12.52 24.96
CA VAL B 176 19.93 13.53 23.98
C VAL B 176 18.83 12.95 23.06
N GLN B 177 19.01 11.68 22.58
CA GLN B 177 18.07 10.98 21.70
C GLN B 177 16.71 10.80 22.37
N ILE B 178 16.70 10.43 23.67
CA ILE B 178 15.50 10.22 24.47
C ILE B 178 14.71 11.54 24.64
N ILE B 179 15.38 12.62 25.08
CA ILE B 179 14.76 13.93 25.31
C ILE B 179 14.18 14.48 24.01
N THR B 180 14.93 14.36 22.89
CA THR B 180 14.58 14.86 21.56
C THR B 180 13.34 14.14 20.97
N TYR B 181 13.38 12.80 20.93
CA TYR B 181 12.32 12.03 20.29
C TYR B 181 11.08 11.82 21.17
N ARG B 182 11.25 11.68 22.50
CA ARG B 182 10.14 11.45 23.42
C ARG B 182 9.48 12.75 23.88
N ASP B 183 10.27 13.82 24.09
CA ASP B 183 9.72 15.07 24.64
C ASP B 183 9.70 16.28 23.71
N TYR B 184 10.76 16.48 22.91
CA TYR B 184 10.92 17.65 22.04
C TYR B 184 10.09 17.61 20.75
N LEU B 185 10.38 16.64 19.84
CA LEU B 185 9.71 16.52 18.53
C LEU B 185 8.19 16.38 18.62
N PRO B 186 7.61 15.60 19.56
CA PRO B 186 6.14 15.57 19.64
C PRO B 186 5.53 16.97 19.80
N LEU B 187 6.28 17.90 20.44
CA LEU B 187 5.87 19.28 20.70
C LEU B 187 6.20 20.25 19.54
N VAL B 188 7.07 19.83 18.61
CA VAL B 188 7.39 20.63 17.41
C VAL B 188 6.33 20.30 16.35
N LEU B 189 6.16 19.01 16.05
CA LEU B 189 5.29 18.50 15.01
C LEU B 189 3.80 18.38 15.33
N GLY B 190 3.47 18.17 16.61
CA GLY B 190 2.11 17.85 17.03
C GLY B 190 1.89 16.35 16.86
N PRO B 191 0.77 15.77 17.34
CA PRO B 191 0.60 14.32 17.30
C PRO B 191 0.40 13.66 15.94
N THR B 192 -0.37 14.29 15.01
CA THR B 192 -0.64 13.63 13.73
C THR B 192 0.65 13.54 12.88
N ALA B 193 1.47 14.62 12.85
CA ALA B 193 2.74 14.62 12.11
C ALA B 193 3.73 13.68 12.80
N MET B 194 3.67 13.60 14.14
CA MET B 194 4.48 12.68 14.93
C MET B 194 4.21 11.23 14.48
N ARG B 195 2.93 10.82 14.40
CA ARG B 195 2.56 9.48 13.90
C ARG B 195 2.96 9.30 12.42
N LYS B 196 2.74 10.35 11.57
CA LYS B 196 3.04 10.30 10.14
C LYS B 196 4.54 10.20 9.81
N TYR B 197 5.36 11.05 10.39
CA TYR B 197 6.77 11.06 10.09
C TYR B 197 7.62 10.24 11.05
N LEU B 198 7.14 9.97 12.26
CA LEU B 198 7.89 9.17 13.21
C LEU B 198 7.08 7.99 13.78
N PRO B 199 6.70 6.99 12.93
CA PRO B 199 5.99 5.81 13.46
C PRO B 199 6.89 5.04 14.42
N THR B 200 6.30 4.17 15.28
CA THR B 200 7.02 3.37 16.27
C THR B 200 8.30 2.78 15.70
N TYR B 201 9.44 2.96 16.42
CA TYR B 201 10.72 2.40 15.99
C TYR B 201 10.66 0.86 15.89
N ARG B 202 11.11 0.29 14.74
CA ARG B 202 11.15 -1.17 14.57
C ARG B 202 12.60 -1.59 14.87
N SER B 203 13.54 -1.27 13.97
CA SER B 203 14.98 -1.54 14.14
C SER B 203 15.85 -0.71 13.16
N TYR B 204 17.18 -0.81 13.33
CA TYR B 204 18.14 -0.14 12.47
C TYR B 204 18.03 -0.65 11.06
N ASN B 205 18.15 0.26 10.10
CA ASN B 205 18.17 -0.11 8.70
C ASN B 205 19.29 0.60 7.93
N ASP B 206 20.22 -0.20 7.41
CA ASP B 206 21.41 0.28 6.71
C ASP B 206 21.12 0.89 5.33
N SER B 207 19.85 0.93 4.91
CA SER B 207 19.46 1.48 3.62
C SER B 207 18.80 2.83 3.76
N VAL B 208 18.86 3.38 4.97
CA VAL B 208 18.32 4.69 5.28
C VAL B 208 19.50 5.68 5.38
N ASP B 209 19.56 6.63 4.43
CA ASP B 209 20.61 7.64 4.37
C ASP B 209 20.48 8.59 5.60
N PRO B 210 21.49 8.56 6.53
CA PRO B 210 21.39 9.36 7.75
C PRO B 210 21.83 10.80 7.62
N ARG B 211 22.33 11.20 6.46
CA ARG B 211 22.83 12.56 6.19
C ARG B 211 21.81 13.66 6.40
N ILE B 212 22.28 14.85 6.82
CA ILE B 212 21.42 16.02 7.01
C ILE B 212 21.27 16.64 5.64
N ALA B 213 20.02 16.86 5.21
CA ALA B 213 19.76 17.42 3.91
C ALA B 213 19.98 18.93 3.93
N ASN B 214 20.42 19.48 2.78
CA ASN B 214 20.65 20.91 2.61
C ASN B 214 19.45 21.74 3.11
N VAL B 215 18.22 21.41 2.67
CA VAL B 215 16.97 22.09 3.09
C VAL B 215 16.79 22.13 4.62
N PHE B 216 17.26 21.03 5.30
CA PHE B 216 17.11 20.91 6.75
C PHE B 216 17.85 22.02 7.52
N THR B 217 19.05 22.41 7.02
CA THR B 217 19.86 23.49 7.61
C THR B 217 19.09 24.81 7.65
N ASN B 218 18.12 25.00 6.69
CA ASN B 218 17.31 26.21 6.60
C ASN B 218 15.92 26.09 7.26
N ALA B 219 15.26 24.91 7.11
CA ALA B 219 13.92 24.65 7.67
C ALA B 219 13.94 24.64 9.21
N PHE B 220 15.01 24.05 9.79
CA PHE B 220 15.14 23.96 11.25
C PHE B 220 15.40 25.33 11.92
N ARG B 221 15.60 26.40 11.12
CA ARG B 221 15.76 27.77 11.64
C ARG B 221 14.40 28.34 12.08
N TYR B 222 13.29 27.58 11.90
CA TYR B 222 11.94 27.93 12.40
C TYR B 222 12.03 28.41 13.86
N GLY B 223 12.99 27.84 14.61
CA GLY B 223 13.26 28.13 16.01
C GLY B 223 13.52 29.60 16.27
N HIS B 224 13.91 30.35 15.21
CA HIS B 224 14.15 31.79 15.30
C HIS B 224 12.86 32.56 15.66
N THR B 225 11.68 31.97 15.35
CA THR B 225 10.36 32.53 15.66
C THR B 225 9.98 32.32 17.14
N LEU B 226 10.73 31.48 17.86
CA LEU B 226 10.50 31.18 19.29
C LEU B 226 11.33 32.07 20.21
N ILE B 227 12.36 32.73 19.67
CA ILE B 227 13.30 33.59 20.40
C ILE B 227 12.60 34.79 21.07
N GLN B 228 12.89 35.00 22.38
CA GLN B 228 12.39 36.14 23.16
C GLN B 228 13.40 37.31 23.06
N PRO B 229 12.97 38.60 23.17
CA PRO B 229 13.93 39.71 23.04
C PRO B 229 14.85 39.95 24.27
N PHE B 230 14.70 39.14 25.32
CA PHE B 230 15.52 39.24 26.52
C PHE B 230 16.06 37.91 26.97
N MET B 231 17.16 37.96 27.72
CA MET B 231 17.66 36.82 28.44
C MET B 231 17.11 37.07 29.86
N PHE B 232 16.36 36.10 30.38
CA PHE B 232 15.69 36.17 31.68
C PHE B 232 16.49 35.41 32.73
N ARG B 233 16.79 36.07 33.84
CA ARG B 233 17.54 35.47 34.95
C ARG B 233 16.70 35.50 36.20
N LEU B 234 16.46 34.32 36.81
CA LEU B 234 15.62 34.17 38.01
C LEU B 234 16.37 33.62 39.21
N ASP B 235 16.02 34.08 40.41
CA ASP B 235 16.67 33.66 41.67
C ASP B 235 16.12 32.33 42.20
N ASN B 236 16.61 31.88 43.39
CA ASN B 236 16.20 30.64 44.09
C ASN B 236 14.68 30.50 44.18
N ARG B 237 13.98 31.62 44.48
CA ARG B 237 12.52 31.70 44.65
C ARG B 237 11.80 31.95 43.31
N TYR B 238 12.52 31.79 42.18
CA TYR B 238 12.04 31.99 40.81
C TYR B 238 11.47 33.38 40.58
N GLN B 239 12.14 34.36 41.19
CA GLN B 239 11.80 35.77 41.14
C GLN B 239 12.83 36.49 40.28
N PRO B 240 12.46 37.59 39.58
CA PRO B 240 13.45 38.31 38.75
C PRO B 240 14.72 38.63 39.54
N MET B 241 15.87 38.12 39.07
CA MET B 241 17.15 38.32 39.72
C MET B 241 17.64 39.74 39.43
N GLU B 242 17.39 40.67 40.37
CA GLU B 242 17.77 42.08 40.29
C GLU B 242 19.25 42.28 40.70
N PRO B 243 19.98 43.23 40.08
CA PRO B 243 19.59 44.08 38.94
C PRO B 243 19.73 43.33 37.61
N ASN B 244 19.13 43.90 36.55
CA ASN B 244 19.14 43.36 35.19
C ASN B 244 18.53 41.94 35.08
N PRO B 245 17.24 41.73 35.45
CA PRO B 245 16.64 40.40 35.26
C PRO B 245 16.24 40.12 33.81
N ARG B 246 15.98 41.20 33.01
CA ARG B 246 15.61 41.15 31.58
C ARG B 246 16.70 41.87 30.74
N VAL B 247 17.76 41.17 30.34
CA VAL B 247 18.82 41.81 29.54
C VAL B 247 18.51 41.66 28.03
N PRO B 248 18.46 42.78 27.25
CA PRO B 248 18.19 42.65 25.81
C PRO B 248 19.20 41.73 25.16
N LEU B 249 18.70 40.87 24.27
CA LEU B 249 19.51 39.87 23.58
C LEU B 249 20.71 40.45 22.82
N SER B 250 20.56 41.67 22.28
CA SER B 250 21.63 42.39 21.58
C SER B 250 22.80 42.76 22.52
N ARG B 251 22.68 42.47 23.82
CA ARG B 251 23.71 42.71 24.82
C ARG B 251 24.23 41.38 25.42
N VAL B 252 23.70 40.20 24.97
CA VAL B 252 24.11 38.89 25.50
C VAL B 252 24.88 38.02 24.48
N PHE B 253 24.75 38.29 23.16
CA PHE B 253 25.45 37.52 22.13
C PHE B 253 26.95 37.53 22.42
N PHE B 254 27.56 36.34 22.55
CA PHE B 254 29.00 36.15 22.87
C PHE B 254 29.40 36.76 24.22
N ALA B 255 28.45 36.94 25.14
CA ALA B 255 28.77 37.53 26.44
C ALA B 255 29.03 36.47 27.50
N SER B 256 30.16 35.74 27.32
CA SER B 256 30.67 34.69 28.22
C SER B 256 31.01 35.26 29.62
N TRP B 257 31.24 36.59 29.73
CA TRP B 257 31.52 37.25 30.99
C TRP B 257 30.31 37.19 31.90
N ARG B 258 29.08 37.23 31.34
CA ARG B 258 27.83 37.18 32.10
C ARG B 258 27.72 35.85 32.85
N VAL B 259 28.17 34.74 32.25
CA VAL B 259 28.15 33.42 32.91
C VAL B 259 29.17 33.40 34.09
N VAL B 260 30.39 33.86 33.81
CA VAL B 260 31.50 33.90 34.76
C VAL B 260 31.29 34.91 35.90
N LEU B 261 30.87 36.14 35.58
CA LEU B 261 30.74 37.24 36.53
C LEU B 261 29.31 37.65 36.93
N GLU B 262 28.27 37.10 36.28
CA GLU B 262 26.92 37.55 36.67
C GLU B 262 26.02 36.44 37.19
N GLY B 263 26.58 35.48 37.94
CA GLY B 263 25.80 34.45 38.61
C GLY B 263 25.82 32.99 38.19
N GLY B 264 26.59 32.67 37.17
CA GLY B 264 26.68 31.28 36.70
C GLY B 264 25.50 30.86 35.86
N ILE B 265 25.27 29.53 35.73
CA ILE B 265 24.25 29.01 34.83
C ILE B 265 22.86 28.83 35.48
N ASP B 266 22.80 28.66 36.81
CA ASP B 266 21.52 28.45 37.55
C ASP B 266 20.45 29.53 37.26
N PRO B 267 20.75 30.87 37.33
CA PRO B 267 19.71 31.87 37.02
C PRO B 267 19.24 31.82 35.56
N ILE B 268 20.17 31.47 34.64
CA ILE B 268 19.87 31.35 33.20
C ILE B 268 18.93 30.16 32.96
N LEU B 269 19.19 29.00 33.60
CA LEU B 269 18.37 27.80 33.47
C LEU B 269 16.95 27.97 34.02
N ARG B 270 16.82 28.68 35.18
CA ARG B 270 15.54 29.00 35.84
C ARG B 270 14.71 29.91 34.94
N GLY B 271 15.39 30.86 34.28
CA GLY B 271 14.77 31.76 33.32
C GLY B 271 14.23 31.01 32.13
N LEU B 272 14.97 29.99 31.64
CA LEU B 272 14.54 29.19 30.50
C LEU B 272 13.32 28.34 30.83
N MET B 273 13.30 27.75 32.04
CA MET B 273 12.23 26.89 32.52
C MET B 273 10.95 27.63 32.84
N ALA B 274 11.06 28.76 33.58
CA ALA B 274 9.91 29.52 34.07
C ALA B 274 9.45 30.69 33.18
N THR B 275 9.99 30.82 31.97
CA THR B 275 9.58 31.89 31.07
C THR B 275 8.95 31.26 29.83
N PRO B 276 7.80 31.78 29.35
CA PRO B 276 7.24 31.23 28.10
C PRO B 276 8.10 31.61 26.89
N ALA B 277 8.12 30.73 25.89
CA ALA B 277 8.78 30.95 24.62
C ALA B 277 7.91 31.99 23.85
N LYS B 278 8.49 32.62 22.82
CA LYS B 278 7.72 33.54 22.00
C LYS B 278 6.83 32.65 21.10
N LEU B 279 5.53 32.99 20.98
CA LEU B 279 4.63 32.28 20.10
C LEU B 279 4.74 32.84 18.66
N ASN B 280 4.96 31.96 17.66
CA ASN B 280 5.02 32.39 16.25
C ASN B 280 3.59 32.67 15.77
N ARG B 281 3.34 33.94 15.44
CA ARG B 281 2.05 34.38 14.93
C ARG B 281 2.33 34.98 13.57
N GLN B 282 1.36 34.90 12.65
CA GLN B 282 1.54 35.34 11.26
C GLN B 282 1.84 36.85 11.10
N ASN B 283 1.55 37.68 12.15
CA ASN B 283 1.85 39.11 12.15
C ASN B 283 2.92 39.47 13.19
N GLN B 284 3.54 38.44 13.80
CA GLN B 284 4.59 38.55 14.82
C GLN B 284 5.55 37.38 14.60
N ILE B 285 6.25 37.36 13.47
CA ILE B 285 7.11 36.24 13.10
C ILE B 285 8.43 36.21 13.91
N ALA B 286 9.26 37.30 13.89
CA ALA B 286 10.54 37.33 14.64
C ALA B 286 10.87 38.69 15.20
N VAL B 287 11.46 38.73 16.40
CA VAL B 287 11.79 39.97 17.15
C VAL B 287 12.96 40.78 16.56
N ASP B 288 12.98 42.08 16.86
CA ASP B 288 13.98 43.02 16.36
C ASP B 288 15.36 42.88 16.98
N GLU B 289 15.46 42.15 18.09
CA GLU B 289 16.76 41.90 18.72
C GLU B 289 17.63 41.04 17.79
N ILE B 290 16.99 40.15 16.99
CA ILE B 290 17.66 39.32 15.98
C ILE B 290 17.48 39.92 14.55
N ARG B 291 16.40 40.68 14.34
CA ARG B 291 16.09 41.28 13.04
C ARG B 291 16.85 42.57 12.78
N GLU B 292 17.27 43.29 13.83
CA GLU B 292 17.94 44.58 13.69
C GLU B 292 19.26 44.69 14.45
N ARG B 293 19.37 43.98 15.56
CA ARG B 293 20.51 44.12 16.44
C ARG B 293 21.31 42.82 16.65
N LEU B 294 21.20 41.85 15.71
CA LEU B 294 21.96 40.60 15.82
C LEU B 294 23.48 40.87 15.70
N PHE B 295 24.20 40.55 16.78
CA PHE B 295 25.66 40.68 16.90
C PHE B 295 26.16 42.15 16.78
N GLU B 296 25.30 43.13 17.07
CA GLU B 296 25.51 44.57 17.07
C GLU B 296 26.80 45.01 17.80
N GLN B 297 27.14 44.37 18.97
CA GLN B 297 28.33 44.76 19.75
C GLN B 297 29.65 44.06 19.33
N VAL B 298 29.62 43.22 18.27
CA VAL B 298 30.84 42.53 17.77
C VAL B 298 31.07 42.75 16.26
N MET B 299 30.20 43.49 15.58
CA MET B 299 30.27 43.73 14.14
C MET B 299 30.15 45.20 13.83
N ARG B 300 30.54 45.60 12.59
CA ARG B 300 30.43 46.99 12.11
C ARG B 300 28.98 47.48 12.04
N ILE B 301 28.03 46.55 11.89
CA ILE B 301 26.60 46.81 11.76
C ILE B 301 25.84 45.60 12.35
N GLY B 302 24.64 45.85 12.86
CA GLY B 302 23.77 44.81 13.38
C GLY B 302 23.18 44.02 12.23
N LEU B 303 23.27 42.68 12.30
CA LEU B 303 22.73 41.79 11.26
C LEU B 303 21.19 41.59 11.42
N ASP B 304 20.57 41.00 10.37
CA ASP B 304 19.15 40.67 10.29
C ASP B 304 19.07 39.13 10.12
N LEU B 305 18.88 38.38 11.23
CA LEU B 305 18.82 36.90 11.20
C LEU B 305 17.78 36.38 10.18
N PRO B 306 16.50 36.85 10.19
CA PRO B 306 15.55 36.38 9.15
C PRO B 306 16.06 36.59 7.72
N ALA B 307 16.62 37.80 7.42
CA ALA B 307 17.17 38.10 6.09
C ALA B 307 18.37 37.23 5.77
N LEU B 308 19.27 36.97 6.75
CA LEU B 308 20.42 36.06 6.57
C LEU B 308 19.96 34.65 6.20
N ASN B 309 18.89 34.14 6.85
CA ASN B 309 18.32 32.83 6.52
C ASN B 309 17.90 32.79 5.06
N MET B 310 17.20 33.85 4.59
CA MET B 310 16.72 33.97 3.21
C MET B 310 17.86 34.06 2.21
N GLN B 311 18.91 34.80 2.54
CA GLN B 311 20.08 34.91 1.67
C GLN B 311 20.79 33.56 1.63
N ARG B 312 20.80 32.85 2.79
CA ARG B 312 21.45 31.55 2.91
C ARG B 312 20.79 30.51 2.03
N SER B 313 19.47 30.49 1.98
CA SER B 313 18.77 29.51 1.17
C SER B 313 19.13 29.72 -0.29
N ARG B 314 19.31 31.01 -0.70
CA ARG B 314 19.71 31.39 -2.07
C ARG B 314 21.13 30.97 -2.36
N ASP B 315 22.04 31.20 -1.39
CA ASP B 315 23.45 30.81 -1.44
C ASP B 315 23.51 29.30 -1.67
N HIS B 316 22.66 28.56 -0.92
CA HIS B 316 22.56 27.10 -0.94
C HIS B 316 21.79 26.56 -2.13
N GLY B 317 21.28 27.46 -2.96
CA GLY B 317 20.54 27.10 -4.16
C GLY B 317 19.30 26.28 -3.87
N LEU B 318 18.63 26.56 -2.75
CA LEU B 318 17.42 25.82 -2.40
C LEU B 318 16.24 26.19 -3.29
N PRO B 319 15.48 25.20 -3.80
CA PRO B 319 14.24 25.54 -4.52
C PRO B 319 13.27 26.34 -3.62
N GLY B 320 12.30 27.00 -4.25
CA GLY B 320 11.32 27.77 -3.51
C GLY B 320 10.22 26.96 -2.86
N TYR B 321 9.34 27.70 -2.18
CA TYR B 321 8.20 27.18 -1.43
C TYR B 321 7.38 26.06 -2.14
N ASN B 322 6.87 26.31 -3.36
CA ASN B 322 6.06 25.32 -4.13
C ASN B 322 6.77 24.03 -4.44
N ALA B 323 8.10 24.08 -4.68
CA ALA B 323 8.90 22.88 -4.99
C ALA B 323 8.97 21.99 -3.77
N TRP B 324 9.03 22.60 -2.56
CA TRP B 324 9.08 21.83 -1.32
C TRP B 324 7.72 21.29 -0.93
N ARG B 325 6.66 22.04 -1.24
CA ARG B 325 5.28 21.62 -0.98
C ARG B 325 5.04 20.39 -1.86
N ARG B 326 5.49 20.43 -3.15
CA ARG B 326 5.36 19.30 -4.08
C ARG B 326 6.15 18.08 -3.56
N PHE B 327 7.39 18.31 -3.08
CA PHE B 327 8.24 17.26 -2.50
C PHE B 327 7.52 16.55 -1.35
N CYS B 328 6.81 17.35 -0.52
CA CYS B 328 6.07 16.89 0.63
C CYS B 328 4.73 16.23 0.25
N GLY B 329 4.29 16.46 -0.99
CA GLY B 329 3.02 15.95 -1.48
C GLY B 329 1.90 16.77 -0.91
N LEU B 330 2.12 18.10 -0.84
CA LEU B 330 1.21 19.12 -0.35
C LEU B 330 0.69 19.99 -1.52
N PRO B 331 -0.58 20.52 -1.44
CA PRO B 331 -1.09 21.36 -2.56
C PRO B 331 -0.21 22.59 -2.80
N GLN B 332 0.11 22.84 -4.07
CA GLN B 332 0.99 23.94 -4.46
C GLN B 332 0.21 25.18 -4.89
N PRO B 333 0.15 26.25 -4.03
CA PRO B 333 -0.55 27.49 -4.43
C PRO B 333 0.14 28.19 -5.62
N GLU B 334 -0.67 28.63 -6.60
CA GLU B 334 -0.12 29.26 -7.80
C GLU B 334 -0.35 30.77 -7.83
N THR B 335 -1.36 31.22 -7.09
CA THR B 335 -1.72 32.65 -7.00
C THR B 335 -2.02 33.07 -5.56
N VAL B 336 -2.12 34.38 -5.29
CA VAL B 336 -2.38 34.97 -3.97
C VAL B 336 -3.64 34.34 -3.29
N GLY B 337 -4.74 34.15 -4.05
CA GLY B 337 -5.96 33.54 -3.55
C GLY B 337 -5.78 32.11 -3.06
N GLN B 338 -4.89 31.35 -3.73
CA GLN B 338 -4.57 29.96 -3.38
C GLN B 338 -3.68 29.92 -2.18
N LEU B 339 -2.68 30.81 -2.14
CA LEU B 339 -1.72 30.96 -1.03
C LEU B 339 -2.45 31.40 0.23
N GLY B 340 -3.50 32.22 0.05
CA GLY B 340 -4.34 32.72 1.12
C GLY B 340 -5.02 31.57 1.81
N THR B 341 -5.49 30.61 1.00
CA THR B 341 -6.17 29.40 1.45
C THR B 341 -5.17 28.52 2.18
N VAL B 342 -3.95 28.40 1.64
CA VAL B 342 -2.91 27.58 2.25
C VAL B 342 -2.52 28.12 3.62
N LEU B 343 -2.22 29.43 3.69
CA LEU B 343 -1.85 30.10 4.94
C LEU B 343 -3.06 30.39 5.84
N ARG B 344 -4.31 30.19 5.33
CA ARG B 344 -5.56 30.49 6.06
C ARG B 344 -5.47 31.94 6.54
N ASN B 345 -4.91 32.82 5.68
CA ASN B 345 -4.65 34.24 5.95
C ASN B 345 -4.37 34.97 4.65
N LEU B 346 -5.30 35.84 4.22
CA LEU B 346 -5.15 36.61 2.99
C LEU B 346 -4.17 37.79 3.12
N LYS B 347 -4.17 38.50 4.28
CA LYS B 347 -3.26 39.64 4.50
C LYS B 347 -1.80 39.25 4.31
N LEU B 348 -1.37 38.07 4.86
CA LEU B 348 -0.02 37.52 4.73
C LEU B 348 0.29 37.05 3.30
N ALA B 349 -0.72 36.50 2.59
CA ALA B 349 -0.53 36.05 1.20
C ALA B 349 -0.29 37.25 0.29
N ARG B 350 -1.07 38.35 0.51
CA ARG B 350 -0.99 39.62 -0.21
C ARG B 350 0.41 40.21 0.01
N LYS B 351 0.81 40.26 1.29
CA LYS B 351 2.09 40.75 1.76
C LYS B 351 3.22 40.02 1.05
N LEU B 352 3.16 38.66 1.05
CA LEU B 352 4.12 37.75 0.41
C LEU B 352 4.18 37.87 -1.09
N MET B 353 3.02 38.04 -1.75
CA MET B 353 2.97 38.13 -3.22
C MET B 353 3.53 39.42 -3.77
N GLU B 354 3.35 40.54 -3.04
CA GLU B 354 3.90 41.86 -3.34
C GLU B 354 5.43 41.76 -3.39
N GLN B 355 6.01 40.90 -2.51
CA GLN B 355 7.45 40.69 -2.43
C GLN B 355 7.97 39.72 -3.48
N TYR B 356 7.33 38.54 -3.62
CA TYR B 356 7.85 37.48 -4.47
C TYR B 356 7.26 37.34 -5.88
N GLY B 357 6.02 37.78 -6.07
CA GLY B 357 5.33 37.70 -7.36
C GLY B 357 4.74 36.34 -7.69
N THR B 358 5.29 35.28 -7.08
CA THR B 358 4.85 33.90 -7.25
C THR B 358 5.19 33.05 -6.02
N PRO B 359 4.27 32.15 -5.58
CA PRO B 359 4.60 31.27 -4.46
C PRO B 359 5.76 30.32 -4.76
N ASN B 360 6.17 30.22 -6.06
CA ASN B 360 7.30 29.40 -6.50
C ASN B 360 8.62 30.01 -6.02
N ASN B 361 8.67 31.35 -5.86
CA ASN B 361 9.86 32.10 -5.46
C ASN B 361 9.98 32.39 -3.96
N ILE B 362 8.98 32.04 -3.15
CA ILE B 362 9.07 32.28 -1.72
C ILE B 362 10.20 31.44 -1.15
N ASP B 363 11.12 32.09 -0.39
CA ASP B 363 12.24 31.45 0.28
C ASP B 363 11.70 30.44 1.33
N ILE B 364 12.21 29.20 1.33
CA ILE B 364 11.78 28.09 2.19
C ILE B 364 11.54 28.50 3.67
N TRP B 365 12.48 29.23 4.33
CA TRP B 365 12.26 29.66 5.74
C TRP B 365 11.02 30.55 5.82
N MET B 366 10.95 31.56 4.95
CA MET B 366 9.85 32.50 4.90
C MET B 366 8.49 31.82 4.74
N GLY B 367 8.38 30.90 3.77
CA GLY B 367 7.15 30.18 3.50
C GLY B 367 6.78 29.25 4.62
N GLY B 368 7.77 28.47 5.05
CA GLY B 368 7.66 27.53 6.16
C GLY B 368 7.12 28.14 7.44
N VAL B 369 7.70 29.28 7.89
CA VAL B 369 7.30 29.97 9.13
C VAL B 369 6.01 30.76 8.98
N SER B 370 5.58 31.01 7.73
CA SER B 370 4.35 31.74 7.40
C SER B 370 3.09 30.86 7.58
N GLU B 371 3.22 29.55 7.43
CA GLU B 371 2.10 28.59 7.48
C GLU B 371 1.45 28.51 8.85
N PRO B 372 0.12 28.29 8.92
CA PRO B 372 -0.52 28.14 10.22
C PRO B 372 -0.10 26.85 10.94
N LEU B 373 0.30 26.97 12.21
CA LEU B 373 0.80 25.87 13.04
C LEU B 373 -0.18 24.70 13.16
N LYS B 374 0.35 23.47 13.17
CA LYS B 374 -0.43 22.25 13.31
C LYS B 374 -0.93 22.13 14.75
N ARG B 375 -2.10 21.48 14.96
CA ARG B 375 -2.70 21.27 16.28
C ARG B 375 -1.69 20.58 17.19
N LYS B 376 -1.41 21.24 18.35
CA LYS B 376 -0.47 20.83 19.40
C LYS B 376 1.00 20.78 18.90
N GLY B 377 1.28 21.51 17.83
CA GLY B 377 2.61 21.64 17.23
C GLY B 377 3.00 23.09 17.05
N ARG B 378 4.28 23.35 16.72
CA ARG B 378 4.77 24.72 16.54
C ARG B 378 5.31 25.01 15.13
N VAL B 379 4.90 24.16 14.16
CA VAL B 379 5.23 24.28 12.72
C VAL B 379 4.01 23.94 11.89
N GLY B 380 4.05 24.34 10.62
CA GLY B 380 3.00 24.07 9.65
C GLY B 380 3.23 22.74 8.96
N PRO B 381 2.35 22.34 8.03
CA PRO B 381 2.56 21.05 7.34
C PRO B 381 3.90 20.88 6.64
N LEU B 382 4.36 21.92 5.94
CA LEU B 382 5.60 21.91 5.18
C LEU B 382 6.86 21.73 6.06
N LEU B 383 7.01 22.49 7.17
CA LEU B 383 8.15 22.30 8.04
C LEU B 383 8.04 20.99 8.79
N ALA B 384 6.81 20.55 9.13
CA ALA B 384 6.57 19.26 9.78
C ALA B 384 7.04 18.13 8.85
N CYS B 385 6.86 18.33 7.55
CA CYS B 385 7.31 17.30 6.64
C CYS B 385 8.83 17.23 6.56
N ILE B 386 9.51 18.36 6.32
CA ILE B 386 10.97 18.45 6.24
C ILE B 386 11.63 17.98 7.55
N ILE B 387 11.20 18.55 8.67
CA ILE B 387 11.72 18.20 10.00
C ILE B 387 11.46 16.72 10.33
N GLY B 388 10.20 16.30 10.19
CA GLY B 388 9.79 14.92 10.44
C GLY B 388 10.56 13.89 9.62
N THR B 389 10.73 14.17 8.31
CA THR B 389 11.48 13.35 7.37
C THR B 389 12.95 13.23 7.79
N GLN B 390 13.58 14.37 8.14
CA GLN B 390 14.98 14.38 8.58
C GLN B 390 15.19 13.55 9.84
N PHE B 391 14.37 13.76 10.89
CA PHE B 391 14.55 13.02 12.13
C PHE B 391 14.27 11.52 12.02
N ARG B 392 13.34 11.11 11.11
CA ARG B 392 13.16 9.67 10.92
C ARG B 392 14.41 9.01 10.37
N LYS B 393 15.07 9.70 9.41
CA LYS B 393 16.31 9.22 8.81
C LYS B 393 17.44 9.17 9.85
N LEU B 394 17.49 10.15 10.81
CA LEU B 394 18.50 10.22 11.87
C LEU B 394 18.36 9.09 12.88
N ARG B 395 17.10 8.63 13.06
CA ARG B 395 16.76 7.55 13.97
C ARG B 395 16.92 6.15 13.32
N ASP B 396 16.22 5.92 12.18
CA ASP B 396 16.24 4.64 11.46
C ASP B 396 17.57 4.32 10.74
N GLY B 397 18.39 5.34 10.50
CA GLY B 397 19.68 5.21 9.83
C GLY B 397 20.88 5.32 10.75
N ASP B 398 20.64 5.24 12.06
CA ASP B 398 21.71 5.30 13.04
C ASP B 398 21.87 3.91 13.64
N ARG B 399 23.03 3.32 13.43
CA ARG B 399 23.37 2.00 13.93
C ARG B 399 23.56 2.03 15.47
N PHE B 400 23.86 3.21 16.03
CA PHE B 400 24.06 3.39 17.45
C PHE B 400 22.84 4.02 18.13
N TRP B 401 21.66 3.90 17.51
CA TRP B 401 20.41 4.41 18.11
C TRP B 401 20.18 3.59 19.40
N TRP B 402 19.87 4.29 20.51
CA TRP B 402 19.76 3.70 21.84
C TRP B 402 18.85 2.45 21.93
N GLU B 403 17.79 2.38 21.08
CA GLU B 403 16.83 1.26 21.07
C GLU B 403 17.29 0.09 20.22
N ASN B 404 18.38 0.24 19.46
CA ASN B 404 18.86 -0.81 18.55
C ASN B 404 19.51 -1.95 19.30
N GLU B 405 19.23 -3.22 18.87
CA GLU B 405 19.77 -4.43 19.49
C GLU B 405 21.31 -4.46 19.44
N GLY B 406 21.92 -4.69 20.60
CA GLY B 406 23.36 -4.71 20.76
C GLY B 406 23.97 -3.43 21.31
N VAL B 407 23.27 -2.28 21.18
CA VAL B 407 23.76 -0.98 21.68
C VAL B 407 23.77 -0.96 23.23
N PHE B 408 22.62 -1.30 23.86
CA PHE B 408 22.44 -1.43 25.29
C PHE B 408 21.69 -2.74 25.59
N SER B 409 21.72 -3.20 26.83
CA SER B 409 20.99 -4.39 27.26
C SER B 409 19.53 -3.99 27.56
N MET B 410 18.63 -4.98 27.70
CA MET B 410 17.21 -4.75 28.04
C MET B 410 17.13 -3.91 29.34
N GLN B 411 17.95 -4.27 30.36
CA GLN B 411 18.04 -3.59 31.66
C GLN B 411 18.55 -2.13 31.54
N GLN B 412 19.59 -1.89 30.73
CA GLN B 412 20.15 -0.57 30.48
C GLN B 412 19.13 0.32 29.79
N ARG B 413 18.38 -0.24 28.82
CA ARG B 413 17.31 0.47 28.11
C ARG B 413 16.22 0.83 29.09
N GLN B 414 15.78 -0.15 29.91
CA GLN B 414 14.75 0.02 30.94
C GLN B 414 15.15 1.16 31.90
N ALA B 415 16.46 1.25 32.25
CA ALA B 415 17.00 2.30 33.10
C ALA B 415 17.00 3.66 32.39
N LEU B 416 17.49 3.72 31.14
CA LEU B 416 17.56 4.94 30.32
C LEU B 416 16.21 5.57 30.08
N ALA B 417 15.16 4.75 29.94
CA ALA B 417 13.78 5.23 29.75
C ALA B 417 13.32 6.16 30.90
N GLN B 418 13.94 6.04 32.08
CA GLN B 418 13.63 6.84 33.26
C GLN B 418 14.28 8.24 33.27
N ILE B 419 15.19 8.53 32.34
CA ILE B 419 15.86 9.84 32.29
C ILE B 419 14.90 10.96 31.81
N SER B 420 15.26 12.22 32.14
CA SER B 420 14.55 13.44 31.76
C SER B 420 15.51 14.63 31.93
N LEU B 421 15.26 15.73 31.18
CA LEU B 421 16.04 16.97 31.27
C LEU B 421 15.93 17.64 32.67
N PRO B 422 14.74 17.73 33.34
CA PRO B 422 14.72 18.34 34.67
C PRO B 422 15.60 17.58 35.66
N ARG B 423 15.68 16.23 35.53
CA ARG B 423 16.54 15.44 36.41
C ARG B 423 18.01 15.75 36.18
N ILE B 424 18.41 15.91 34.89
CA ILE B 424 19.78 16.26 34.53
C ILE B 424 20.12 17.57 35.25
N ILE B 425 19.20 18.59 35.19
CA ILE B 425 19.37 19.88 35.87
C ILE B 425 19.64 19.68 37.40
N CYS B 426 18.79 18.88 38.06
CA CYS B 426 18.87 18.55 39.50
C CYS B 426 20.22 18.01 39.90
N ASP B 427 20.72 17.03 39.13
CA ASP B 427 21.98 16.34 39.36
C ASP B 427 23.23 17.19 39.14
N ASN B 428 23.12 18.29 38.36
CA ASN B 428 24.30 19.09 38.01
C ASN B 428 24.24 20.60 38.31
N THR B 429 23.32 21.03 39.17
CA THR B 429 23.18 22.45 39.55
C THR B 429 22.72 22.53 41.01
N GLY B 430 22.58 23.77 41.49
CA GLY B 430 22.05 24.06 42.81
C GLY B 430 20.54 24.25 42.78
N ILE B 431 19.92 23.98 41.62
CA ILE B 431 18.47 24.09 41.42
C ILE B 431 17.80 22.88 42.06
N THR B 432 16.86 23.14 42.99
CA THR B 432 16.14 22.13 43.77
C THR B 432 14.65 21.98 43.38
N THR B 433 14.10 22.97 42.64
CA THR B 433 12.72 22.98 42.15
C THR B 433 12.79 23.16 40.63
N VAL B 434 12.28 22.18 39.87
CA VAL B 434 12.35 22.16 38.39
C VAL B 434 10.99 22.02 37.71
N SER B 435 10.97 22.15 36.38
CA SER B 435 9.79 21.99 35.53
C SER B 435 9.23 20.58 35.66
N LYS B 436 7.90 20.48 35.72
CA LYS B 436 7.20 19.18 35.72
C LYS B 436 7.31 18.67 34.29
N ASN B 437 7.41 17.35 34.11
CA ASN B 437 7.50 16.81 32.75
C ASN B 437 6.13 17.00 32.08
N ASN B 438 6.05 17.52 30.83
CA ASN B 438 7.13 17.82 29.88
C ASN B 438 7.76 19.21 30.10
N ILE B 439 9.10 19.24 30.26
CA ILE B 439 9.91 20.45 30.49
C ILE B 439 9.65 21.54 29.44
N PHE B 440 9.44 21.11 28.18
CA PHE B 440 9.21 21.99 27.03
C PHE B 440 7.82 22.59 27.06
N MET B 441 6.89 21.95 27.79
CA MET B 441 5.54 22.46 27.93
C MET B 441 5.42 23.33 29.18
N SER B 442 5.98 22.85 30.32
CA SER B 442 5.92 23.53 31.62
C SER B 442 6.68 24.86 31.59
N ASN B 443 5.97 25.99 31.86
CA ASN B 443 6.54 27.35 31.79
C ASN B 443 6.06 28.34 32.88
N SER B 444 5.22 27.90 33.83
CA SER B 444 4.69 28.78 34.86
C SER B 444 5.00 28.32 36.27
N TYR B 445 5.65 29.21 37.07
CA TYR B 445 6.00 28.96 38.47
C TYR B 445 4.94 29.55 39.42
N PRO B 446 4.47 28.78 40.43
CA PRO B 446 4.85 27.41 40.80
C PRO B 446 4.05 26.29 40.17
N ARG B 447 2.96 26.64 39.45
CA ARG B 447 1.99 25.72 38.83
C ARG B 447 2.62 24.49 38.18
N ASP B 448 3.57 24.71 37.26
CA ASP B 448 4.22 23.65 36.48
C ASP B 448 5.56 23.23 37.07
N PHE B 449 5.74 23.39 38.39
CA PHE B 449 7.01 23.08 39.02
C PHE B 449 6.90 22.01 40.10
N VAL B 450 7.97 21.21 40.23
CA VAL B 450 8.10 20.11 41.20
C VAL B 450 9.47 20.08 41.85
N ASN B 451 9.58 19.35 42.96
CA ASN B 451 10.84 19.17 43.68
C ASN B 451 11.62 18.04 43.03
N CYS B 452 12.96 18.11 43.14
CA CYS B 452 13.91 17.13 42.61
C CYS B 452 13.70 15.71 43.10
N SER B 453 13.37 15.57 44.41
CA SER B 453 13.11 14.29 45.10
C SER B 453 12.09 13.43 44.33
N THR B 454 10.99 14.06 43.81
CA THR B 454 9.91 13.43 43.08
C THR B 454 10.39 12.80 41.77
N LEU B 455 11.44 13.39 41.13
CA LEU B 455 11.99 12.93 39.87
C LEU B 455 12.88 11.70 40.04
N PRO B 456 12.68 10.64 39.22
CA PRO B 456 13.53 9.45 39.35
C PRO B 456 14.94 9.62 38.76
N ALA B 457 15.97 9.27 39.55
CA ALA B 457 17.37 9.33 39.13
C ALA B 457 17.70 8.16 38.17
N LEU B 458 18.78 8.30 37.39
CA LEU B 458 19.21 7.23 36.50
C LEU B 458 19.95 6.17 37.33
N ASN B 459 19.44 4.92 37.34
CA ASN B 459 20.05 3.81 38.07
C ASN B 459 21.08 3.17 37.18
N LEU B 460 22.36 3.26 37.59
CA LEU B 460 23.46 2.70 36.81
C LEU B 460 23.83 1.25 37.19
N ALA B 461 23.03 0.58 38.06
CA ALA B 461 23.27 -0.79 38.51
C ALA B 461 23.55 -1.78 37.35
N SER B 462 22.77 -1.69 36.24
CA SER B 462 22.91 -2.52 35.04
C SER B 462 24.23 -2.27 34.27
N TRP B 463 25.06 -1.34 34.75
CA TRP B 463 26.35 -1.03 34.15
C TRP B 463 27.54 -1.67 34.89
N ARG B 464 27.30 -2.31 36.06
CA ARG B 464 28.35 -2.99 36.85
C ARG B 464 28.78 -4.26 36.12
N GLU B 465 30.07 -4.35 35.76
CA GLU B 465 30.67 -5.48 35.05
C GLU B 465 30.99 -6.64 35.99
N CYS C 1 19.21 32.17 -19.83
CA CYS C 1 18.07 31.28 -20.01
C CYS C 1 16.87 32.03 -20.63
N PRO C 2 16.59 31.85 -21.96
CA PRO C 2 15.46 32.59 -22.58
C PRO C 2 14.06 32.19 -22.11
N GLU C 3 13.19 33.21 -21.91
CA GLU C 3 11.80 33.06 -21.45
C GLU C 3 10.88 32.38 -22.49
N GLN C 4 11.31 32.36 -23.77
CA GLN C 4 10.60 31.73 -24.89
C GLN C 4 11.61 31.21 -25.91
N ASP C 5 11.41 29.95 -26.36
CA ASP C 5 12.25 29.25 -27.34
C ASP C 5 11.46 28.19 -28.10
N LYS C 6 11.79 27.98 -29.39
CA LYS C 6 11.10 27.00 -30.22
C LYS C 6 11.85 25.67 -30.28
N TYR C 7 13.19 25.72 -30.14
CA TYR C 7 14.07 24.57 -30.27
C TYR C 7 14.93 24.26 -29.06
N ARG C 8 15.36 23.01 -28.99
CA ARG C 8 16.31 22.55 -27.97
C ARG C 8 17.67 23.19 -28.25
N THR C 9 18.44 23.41 -27.18
CA THR C 9 19.81 23.87 -27.31
C THR C 9 20.60 22.58 -27.60
N ILE C 10 21.83 22.70 -28.09
CA ILE C 10 22.65 21.51 -28.39
C ILE C 10 23.13 20.79 -27.11
N THR C 11 23.53 21.56 -26.10
CA THR C 11 24.05 21.04 -24.83
C THR C 11 22.96 20.54 -23.90
N GLY C 12 21.70 20.88 -24.16
CA GLY C 12 20.60 20.45 -23.32
C GLY C 12 20.29 21.43 -22.22
N MET C 13 21.10 22.50 -22.15
CA MET C 13 20.96 23.61 -21.22
C MET C 13 19.60 24.29 -21.48
N CYS C 14 18.94 24.72 -20.41
CA CYS C 14 17.66 25.46 -20.41
C CYS C 14 16.44 24.60 -20.69
N ASN C 15 16.57 23.25 -20.77
CA ASN C 15 15.40 22.38 -20.96
C ASN C 15 14.54 22.55 -19.72
N ASN C 16 15.13 22.34 -18.51
CA ASN C 16 14.47 22.60 -17.25
C ASN C 16 14.76 24.06 -16.95
N ARG C 17 13.71 24.89 -16.77
CA ARG C 17 13.95 26.30 -16.56
C ARG C 17 14.39 26.66 -15.14
N ARG C 18 13.96 25.86 -14.12
CA ARG C 18 14.30 26.06 -12.70
C ARG C 18 15.74 25.66 -12.38
N SER C 19 16.18 24.53 -12.96
CA SER C 19 17.52 23.98 -12.79
C SER C 19 18.03 23.75 -14.22
N PRO C 20 18.51 24.83 -14.90
CA PRO C 20 18.83 24.73 -16.34
C PRO C 20 19.94 23.77 -16.78
N THR C 21 20.75 23.19 -15.88
CA THR C 21 21.78 22.22 -16.29
C THR C 21 21.24 20.80 -16.30
N LEU C 22 20.03 20.55 -15.75
CA LEU C 22 19.47 19.20 -15.64
C LEU C 22 19.22 18.54 -16.99
N GLY C 23 19.96 17.47 -17.23
CA GLY C 23 19.88 16.77 -18.50
C GLY C 23 20.86 17.31 -19.52
N ALA C 24 21.53 18.42 -19.21
CA ALA C 24 22.55 19.01 -20.08
C ALA C 24 23.88 18.20 -20.05
N SER C 25 24.70 18.35 -21.08
CA SER C 25 25.97 17.65 -21.23
C SER C 25 27.08 18.13 -20.26
N ASN C 26 28.11 17.28 -20.07
CA ASN C 26 29.27 17.47 -19.20
C ASN C 26 28.88 17.94 -17.79
N ARG C 27 28.01 17.13 -17.16
CA ARG C 27 27.51 17.33 -15.80
C ARG C 27 27.56 15.99 -15.08
N ALA C 28 27.59 15.98 -13.75
CA ALA C 28 27.62 14.72 -12.99
C ALA C 28 26.29 13.95 -13.08
N PHE C 29 26.37 12.61 -13.06
CA PHE C 29 25.15 11.80 -13.05
C PHE C 29 24.45 12.01 -11.73
N VAL C 30 23.14 11.80 -11.72
CA VAL C 30 22.37 11.79 -10.48
C VAL C 30 22.62 10.37 -9.86
N ARG C 31 22.56 10.26 -8.54
CA ARG C 31 22.69 8.96 -7.87
C ARG C 31 21.33 8.62 -7.29
N TRP C 32 20.86 7.38 -7.53
CA TRP C 32 19.62 6.87 -6.98
C TRP C 32 19.86 6.23 -5.62
N LEU C 33 21.13 5.83 -5.34
CA LEU C 33 21.59 5.28 -4.04
C LEU C 33 22.96 5.89 -3.72
N PRO C 34 23.33 6.11 -2.43
CA PRO C 34 24.69 6.62 -2.14
C PRO C 34 25.77 5.64 -2.58
N ALA C 35 26.88 6.14 -3.11
CA ALA C 35 27.99 5.31 -3.59
C ALA C 35 28.64 4.43 -2.48
N GLU C 36 29.24 3.30 -2.90
CA GLU C 36 29.88 2.32 -2.03
C GLU C 36 31.29 2.06 -2.55
N TYR C 37 32.25 2.70 -1.89
CA TYR C 37 33.67 2.61 -2.19
C TYR C 37 34.39 1.99 -1.00
N GLU C 38 35.51 1.31 -1.29
CA GLU C 38 36.41 0.66 -0.34
C GLU C 38 36.81 1.57 0.83
N ASP C 39 37.10 2.87 0.56
CA ASP C 39 37.48 3.88 1.56
C ASP C 39 36.31 4.82 1.96
N GLY C 40 35.13 4.58 1.39
CA GLY C 40 33.95 5.40 1.64
C GLY C 40 33.71 6.50 0.61
N PHE C 41 34.78 7.06 0.00
CA PHE C 41 34.58 8.20 -0.91
C PHE C 41 35.22 8.11 -2.32
N SER C 42 36.27 7.26 -2.55
CA SER C 42 36.90 7.23 -3.88
C SER C 42 37.43 5.88 -4.37
N LEU C 43 38.03 5.05 -3.49
CA LEU C 43 38.65 3.81 -3.92
C LEU C 43 37.64 2.73 -4.25
N PRO C 44 37.77 2.11 -5.44
CA PRO C 44 36.80 1.06 -5.80
C PRO C 44 36.98 -0.24 -5.03
N TYR C 45 35.88 -0.98 -4.79
CA TYR C 45 35.96 -2.28 -4.16
C TYR C 45 36.74 -3.13 -5.12
N GLY C 46 37.79 -3.77 -4.61
CA GLY C 46 38.69 -4.54 -5.45
C GLY C 46 40.03 -3.84 -5.63
N TRP C 47 40.13 -2.57 -5.21
CA TRP C 47 41.37 -1.78 -5.28
C TRP C 47 42.46 -2.39 -4.43
N THR C 48 42.16 -2.66 -3.17
CA THR C 48 43.13 -3.25 -2.28
C THR C 48 42.93 -4.76 -2.10
N PRO C 49 43.95 -5.57 -2.45
CA PRO C 49 43.85 -7.03 -2.22
C PRO C 49 43.63 -7.32 -0.74
N GLY C 50 42.73 -8.25 -0.46
CA GLY C 50 42.39 -8.65 0.89
C GLY C 50 41.28 -7.86 1.56
N VAL C 51 41.03 -6.60 1.10
CA VAL C 51 39.97 -5.77 1.70
C VAL C 51 38.61 -6.29 1.26
N LYS C 52 37.85 -6.79 2.25
CA LYS C 52 36.54 -7.39 2.01
C LYS C 52 35.43 -6.36 1.78
N ARG C 53 34.29 -6.83 1.30
CA ARG C 53 33.05 -6.11 1.09
C ARG C 53 32.01 -6.91 1.85
N ASN C 54 31.29 -6.27 2.83
CA ASN C 54 30.24 -6.90 3.66
C ASN C 54 30.68 -8.26 4.24
N GLY C 55 31.90 -8.31 4.76
CA GLY C 55 32.49 -9.52 5.33
C GLY C 55 32.92 -10.58 4.33
N PHE C 56 32.98 -10.25 3.01
CA PHE C 56 33.36 -11.21 1.96
C PHE C 56 34.44 -10.71 1.01
N PRO C 57 35.41 -11.60 0.62
CA PRO C 57 36.41 -11.19 -0.37
C PRO C 57 35.76 -10.75 -1.67
N VAL C 58 36.32 -9.71 -2.30
CA VAL C 58 35.85 -9.18 -3.57
C VAL C 58 36.36 -10.11 -4.69
N ALA C 59 35.43 -10.68 -5.46
CA ALA C 59 35.72 -11.58 -6.57
C ALA C 59 36.31 -10.77 -7.72
N LEU C 60 37.26 -11.36 -8.46
CA LEU C 60 37.86 -10.71 -9.64
C LEU C 60 36.81 -10.69 -10.77
N ALA C 61 36.57 -9.52 -11.40
CA ALA C 61 35.63 -9.36 -12.51
C ALA C 61 35.84 -10.43 -13.59
N ARG C 62 37.13 -10.65 -13.97
CA ARG C 62 37.53 -11.66 -14.95
C ARG C 62 37.18 -13.09 -14.47
N ALA C 63 37.33 -13.37 -13.15
CA ALA C 63 36.98 -14.68 -12.60
C ALA C 63 35.47 -14.92 -12.69
N VAL C 64 34.67 -13.90 -12.35
CA VAL C 64 33.20 -13.98 -12.47
C VAL C 64 32.83 -14.21 -13.96
N SER C 65 33.46 -13.46 -14.87
CA SER C 65 33.26 -13.57 -16.32
C SER C 65 33.60 -14.97 -16.82
N ASN C 66 34.73 -15.53 -16.34
CA ASN C 66 35.18 -16.87 -16.69
C ASN C 66 34.25 -17.97 -16.21
N GLU C 67 33.79 -17.89 -14.95
CA GLU C 67 32.97 -18.92 -14.33
C GLU C 67 31.48 -18.82 -14.64
N ILE C 68 30.95 -17.61 -14.83
CA ILE C 68 29.51 -17.40 -15.03
C ILE C 68 29.12 -17.03 -16.46
N VAL C 69 29.84 -16.06 -17.07
CA VAL C 69 29.52 -15.52 -18.39
C VAL C 69 29.92 -16.47 -19.54
N ARG C 70 31.15 -17.00 -19.51
CA ARG C 70 31.68 -17.93 -20.53
C ARG C 70 30.76 -19.09 -20.87
N PHE C 71 30.59 -19.36 -22.19
CA PHE C 71 29.82 -20.47 -22.76
C PHE C 71 30.28 -20.78 -24.20
N PRO C 72 30.07 -22.02 -24.73
CA PRO C 72 30.49 -22.32 -26.11
C PRO C 72 29.60 -21.65 -27.17
N THR C 73 30.22 -20.90 -28.07
CA THR C 73 29.56 -20.10 -29.11
C THR C 73 28.58 -20.93 -29.94
N ASP C 74 28.94 -22.19 -30.27
CA ASP C 74 28.14 -23.15 -31.04
C ASP C 74 26.76 -23.40 -30.40
N GLN C 75 26.65 -23.20 -29.08
CA GLN C 75 25.44 -23.41 -28.26
C GLN C 75 24.43 -22.27 -28.29
N LEU C 76 24.85 -21.10 -28.80
CA LEU C 76 24.03 -19.88 -28.92
C LEU C 76 22.60 -20.17 -29.38
N THR C 77 21.61 -19.65 -28.65
CA THR C 77 20.20 -19.79 -29.01
C THR C 77 19.75 -18.51 -29.75
N PRO C 78 19.39 -18.58 -31.07
CA PRO C 78 18.87 -17.37 -31.73
C PRO C 78 17.49 -17.03 -31.15
N ASP C 79 17.16 -15.73 -31.04
CA ASP C 79 15.88 -15.30 -30.50
C ASP C 79 14.81 -15.44 -31.58
N GLN C 80 13.76 -16.23 -31.30
CA GLN C 80 12.69 -16.41 -32.28
C GLN C 80 11.81 -15.16 -32.45
N GLU C 81 11.83 -14.27 -31.46
CA GLU C 81 10.96 -13.10 -31.45
C GLU C 81 11.69 -11.76 -31.40
N ARG C 82 13.01 -11.72 -31.76
CA ARG C 82 13.81 -10.49 -31.80
C ARG C 82 14.82 -10.51 -32.94
N SER C 83 14.99 -9.37 -33.61
CA SER C 83 15.96 -9.15 -34.69
C SER C 83 17.26 -8.55 -34.12
N LEU C 84 18.38 -8.57 -34.90
CA LEU C 84 19.61 -7.92 -34.47
C LEU C 84 19.41 -6.40 -34.42
N MET C 85 18.40 -5.88 -35.18
CA MET C 85 18.00 -4.49 -35.19
C MET C 85 17.62 -4.05 -33.77
N PHE C 86 17.02 -4.97 -32.98
CA PHE C 86 16.66 -4.75 -31.58
C PHE C 86 17.91 -4.47 -30.74
N MET C 87 19.01 -5.19 -31.04
CA MET C 87 20.29 -5.04 -30.38
C MET C 87 20.88 -3.66 -30.78
N GLN C 88 20.95 -3.40 -32.11
CA GLN C 88 21.55 -2.18 -32.65
C GLN C 88 20.83 -0.89 -32.27
N TRP C 89 19.50 -0.92 -32.16
CA TRP C 89 18.76 0.26 -31.75
C TRP C 89 19.13 0.63 -30.31
N GLY C 90 19.23 -0.37 -29.45
CA GLY C 90 19.59 -0.18 -28.05
C GLY C 90 20.95 0.46 -27.88
N GLN C 91 21.91 0.09 -28.75
CA GLN C 91 23.24 0.67 -28.66
C GLN C 91 23.18 2.10 -29.18
N LEU C 92 22.41 2.35 -30.26
CA LEU C 92 22.25 3.68 -30.86
C LEU C 92 21.54 4.64 -29.86
N LEU C 93 20.50 4.13 -29.19
CA LEU C 93 19.73 4.82 -28.17
C LEU C 93 20.64 5.20 -26.98
N ASP C 94 21.45 4.27 -26.48
CA ASP C 94 22.40 4.50 -25.40
C ASP C 94 23.30 5.69 -25.72
N HIS C 95 23.70 5.79 -26.98
CA HIS C 95 24.61 6.82 -27.45
C HIS C 95 23.94 8.17 -27.61
N ASP C 96 22.63 8.24 -27.30
CA ASP C 96 21.85 9.48 -27.26
C ASP C 96 21.75 9.89 -25.79
N LEU C 97 21.97 8.93 -24.87
CA LEU C 97 21.80 9.15 -23.44
C LEU C 97 23.06 9.34 -22.64
N ASP C 98 24.02 8.38 -22.74
CA ASP C 98 25.21 8.50 -21.90
C ASP C 98 26.51 8.05 -22.55
N PHE C 99 27.55 8.84 -22.23
CA PHE C 99 28.95 8.59 -22.51
C PHE C 99 29.72 9.07 -21.30
N THR C 100 30.44 8.13 -20.64
CA THR C 100 31.22 8.40 -19.44
C THR C 100 32.69 8.57 -19.79
N PRO C 101 33.21 9.82 -19.84
CA PRO C 101 34.63 10.02 -20.21
C PRO C 101 35.67 9.40 -19.27
N GLU C 102 36.83 9.06 -19.82
CA GLU C 102 38.00 8.49 -19.12
C GLU C 102 39.21 9.41 -19.45
N PRO C 103 40.31 9.38 -18.67
CA PRO C 103 41.51 10.19 -19.01
C PRO C 103 42.20 9.81 -20.32
N VAL D 1 51.10 7.48 -15.52
CA VAL D 1 50.98 6.04 -15.82
C VAL D 1 50.16 5.78 -17.08
N ASN D 2 50.59 4.81 -17.91
CA ASN D 2 49.83 4.49 -19.10
C ASN D 2 49.05 3.20 -18.89
N CYS D 3 47.71 3.31 -18.73
CA CYS D 3 46.81 2.15 -18.49
C CYS D 3 46.81 1.13 -19.64
N GLU D 4 47.03 1.60 -20.88
CA GLU D 4 47.09 0.79 -22.09
C GLU D 4 48.23 -0.22 -22.08
N THR D 5 49.38 0.10 -21.44
CA THR D 5 50.55 -0.78 -21.48
C THR D 5 51.04 -1.30 -20.11
N SER D 6 50.73 -0.60 -19.01
CA SER D 6 51.18 -1.00 -17.67
C SER D 6 50.15 -1.83 -16.93
N CYS D 7 50.60 -2.63 -15.96
CA CYS D 7 49.73 -3.45 -15.11
C CYS D 7 49.69 -2.96 -13.67
N VAL D 8 50.40 -1.85 -13.42
CA VAL D 8 50.47 -1.21 -12.12
C VAL D 8 49.15 -0.49 -11.79
N GLN D 9 48.65 -0.68 -10.56
CA GLN D 9 47.44 -0.04 -10.07
C GLN D 9 47.79 1.33 -9.47
N GLN D 10 48.00 2.32 -10.34
CA GLN D 10 48.29 3.71 -9.98
C GLN D 10 47.23 4.59 -10.65
N PRO D 11 46.54 5.49 -9.91
CA PRO D 11 45.50 6.32 -10.54
C PRO D 11 45.98 7.03 -11.82
N PRO D 12 45.18 7.06 -12.92
CA PRO D 12 43.79 6.58 -13.07
C PRO D 12 43.63 5.12 -13.49
N CYS D 13 44.68 4.30 -13.35
CA CYS D 13 44.64 2.88 -13.74
C CYS D 13 44.00 2.04 -12.68
N PHE D 14 43.05 1.20 -13.10
CA PHE D 14 42.39 0.22 -12.24
C PHE D 14 42.41 -1.11 -13.02
N PRO D 15 43.62 -1.68 -13.31
CA PRO D 15 43.66 -2.91 -14.12
C PRO D 15 42.93 -4.11 -13.54
N LEU D 16 42.41 -4.94 -14.44
CA LEU D 16 41.70 -6.15 -14.08
C LEU D 16 42.72 -7.27 -13.89
N LYS D 17 42.94 -7.69 -12.63
CA LYS D 17 43.85 -8.80 -12.32
C LYS D 17 43.34 -10.14 -12.94
N ILE D 18 44.27 -11.01 -13.34
CA ILE D 18 43.97 -12.28 -14.01
C ILE D 18 43.88 -13.43 -12.98
N PRO D 19 42.78 -14.24 -13.01
CA PRO D 19 42.65 -15.34 -12.05
C PRO D 19 43.51 -16.54 -12.43
N PRO D 20 43.75 -17.51 -11.52
CA PRO D 20 44.52 -18.70 -11.94
C PRO D 20 43.69 -19.57 -12.88
N ASN D 21 44.37 -20.34 -13.75
CA ASN D 21 43.75 -21.25 -14.74
C ASN D 21 42.73 -20.54 -15.65
N ASP D 22 43.09 -19.33 -16.10
CA ASP D 22 42.29 -18.52 -17.01
C ASP D 22 42.28 -19.21 -18.40
N PRO D 23 41.14 -19.24 -19.13
CA PRO D 23 41.13 -19.94 -20.44
C PRO D 23 41.99 -19.31 -21.52
N ARG D 24 42.32 -18.03 -21.40
CA ARG D 24 43.07 -17.32 -22.43
C ARG D 24 44.38 -16.68 -21.92
N ILE D 25 44.35 -15.93 -20.82
CA ILE D 25 45.55 -15.26 -20.30
C ILE D 25 46.29 -16.17 -19.29
N LYS D 26 47.35 -16.84 -19.78
CA LYS D 26 48.14 -17.78 -18.97
C LYS D 26 49.11 -17.09 -17.98
N ASN D 27 49.48 -15.81 -18.25
CA ASN D 27 50.38 -15.03 -17.41
C ASN D 27 49.57 -14.27 -16.35
N GLN D 28 49.72 -14.67 -15.07
CA GLN D 28 49.00 -14.03 -13.96
C GLN D 28 49.53 -12.64 -13.61
N ALA D 29 50.76 -12.28 -14.08
CA ALA D 29 51.34 -10.97 -13.88
C ALA D 29 50.72 -9.97 -14.89
N ASP D 30 50.16 -10.47 -16.00
CA ASP D 30 49.48 -9.66 -17.02
C ASP D 30 48.14 -9.14 -16.43
N CYS D 31 47.39 -8.35 -17.23
CA CYS D 31 46.10 -7.78 -16.83
C CYS D 31 45.30 -7.28 -18.04
N ILE D 32 44.06 -6.86 -17.77
CA ILE D 32 43.20 -6.27 -18.77
C ILE D 32 43.18 -4.76 -18.49
N PRO D 33 43.57 -3.92 -19.48
CA PRO D 33 43.65 -2.47 -19.23
C PRO D 33 42.31 -1.85 -18.87
N PHE D 34 42.35 -0.84 -17.99
CA PHE D 34 41.18 -0.15 -17.49
C PHE D 34 41.56 1.21 -16.90
N PHE D 35 40.92 2.26 -17.44
CA PHE D 35 41.07 3.64 -16.99
C PHE D 35 39.82 3.96 -16.19
N ARG D 36 39.99 4.49 -14.98
CA ARG D 36 38.85 4.90 -14.16
C ARG D 36 38.15 6.06 -14.84
N SER D 37 36.82 6.06 -14.78
CA SER D 37 36.06 7.15 -15.36
C SER D 37 36.43 8.45 -14.63
N CYS D 38 36.55 9.54 -15.41
CA CYS D 38 36.88 10.87 -14.94
C CYS D 38 36.00 11.28 -13.76
N PRO D 39 36.59 11.73 -12.62
CA PRO D 39 35.73 12.18 -11.51
C PRO D 39 35.12 13.55 -11.78
N ALA D 40 33.89 13.78 -11.30
CA ALA D 40 33.17 15.05 -11.42
C ALA D 40 33.92 16.16 -10.65
N CYS D 41 34.54 15.77 -9.52
CA CYS D 41 35.33 16.66 -8.68
C CYS D 41 36.74 16.05 -8.43
N PRO D 42 37.73 16.35 -9.32
CA PRO D 42 39.08 15.79 -9.15
C PRO D 42 39.84 16.20 -7.90
N GLY D 43 40.48 15.22 -7.27
CA GLY D 43 41.35 15.38 -6.11
C GLY D 43 40.70 15.67 -4.78
N SER D 44 39.34 15.69 -4.72
CA SER D 44 38.61 16.00 -3.50
C SER D 44 38.64 14.92 -2.43
N ASN D 45 38.85 15.35 -1.19
CA ASN D 45 38.84 14.51 0.01
C ASN D 45 37.48 14.66 0.73
N ILE D 46 36.59 15.54 0.21
CA ILE D 46 35.27 15.85 0.79
C ILE D 46 34.13 15.12 0.09
N THR D 47 34.04 15.28 -1.23
CA THR D 47 32.96 14.73 -2.03
C THR D 47 33.10 13.22 -2.25
N ILE D 48 31.96 12.56 -2.46
CA ILE D 48 31.93 11.13 -2.75
C ILE D 48 32.01 11.10 -4.26
N ARG D 49 33.07 10.45 -4.76
CA ARG D 49 33.40 10.32 -6.17
C ARG D 49 32.19 9.97 -7.02
N ASN D 50 31.98 10.78 -8.07
CA ASN D 50 30.91 10.60 -9.03
C ASN D 50 31.49 10.77 -10.42
N GLN D 51 30.81 10.26 -11.43
CA GLN D 51 31.29 10.30 -12.80
C GLN D 51 30.48 11.32 -13.63
N ILE D 52 30.96 11.61 -14.86
CA ILE D 52 30.36 12.65 -15.70
C ILE D 52 29.61 12.07 -16.88
N ASN D 53 28.48 12.71 -17.27
CA ASN D 53 27.80 12.35 -18.50
C ASN D 53 28.17 13.44 -19.50
N ALA D 54 28.89 13.05 -20.56
CA ALA D 54 29.38 13.92 -21.64
C ALA D 54 28.26 14.33 -22.63
N LEU D 55 27.13 13.62 -22.58
CA LEU D 55 25.99 13.79 -23.48
C LEU D 55 24.77 14.36 -22.78
N THR D 56 23.80 14.84 -23.58
CA THR D 56 22.50 15.30 -23.11
C THR D 56 21.70 14.01 -22.82
N SER D 57 21.08 13.94 -21.64
CA SER D 57 20.29 12.77 -21.23
C SER D 57 19.05 12.58 -22.11
N PHE D 58 18.53 13.68 -22.67
CA PHE D 58 17.34 13.67 -23.52
C PHE D 58 17.47 12.78 -24.76
N VAL D 59 16.36 12.15 -25.14
CA VAL D 59 16.23 11.34 -26.33
C VAL D 59 15.96 12.44 -27.38
N ASP D 60 17.05 13.15 -27.77
CA ASP D 60 17.03 14.33 -28.66
C ASP D 60 17.86 14.17 -29.91
N ALA D 61 18.29 12.92 -30.20
CA ALA D 61 19.13 12.55 -31.35
C ALA D 61 20.49 13.22 -31.27
N SER D 62 21.04 13.38 -30.06
CA SER D 62 22.35 14.02 -29.89
C SER D 62 23.50 13.15 -30.44
N MET D 63 23.23 11.85 -30.74
CA MET D 63 24.23 10.98 -31.38
C MET D 63 24.39 11.39 -32.85
N VAL D 64 23.44 12.23 -33.33
CA VAL D 64 23.41 12.78 -34.68
C VAL D 64 23.96 14.21 -34.70
N TYR D 65 23.47 15.06 -33.80
CA TYR D 65 23.76 16.48 -33.80
C TYR D 65 24.92 16.93 -32.89
N GLY D 66 25.24 16.16 -31.85
CA GLY D 66 26.26 16.51 -30.89
C GLY D 66 25.66 17.11 -29.65
N SER D 67 26.40 17.06 -28.52
CA SER D 67 25.98 17.59 -27.23
C SER D 67 26.84 18.83 -26.84
N GLU D 68 27.68 19.29 -27.78
CA GLU D 68 28.59 20.43 -27.59
C GLU D 68 28.54 21.31 -28.85
N GLU D 69 28.42 22.66 -28.66
CA GLU D 69 28.25 23.62 -29.77
C GLU D 69 29.39 23.60 -30.80
N PRO D 70 30.71 23.57 -30.46
CA PRO D 70 31.74 23.51 -31.53
C PRO D 70 31.54 22.30 -32.46
N LEU D 71 31.33 21.09 -31.88
CA LEU D 71 31.09 19.85 -32.63
C LEU D 71 29.82 19.96 -33.50
N ALA D 72 28.72 20.44 -32.91
CA ALA D 72 27.45 20.67 -33.62
C ALA D 72 27.63 21.62 -34.83
N ARG D 73 28.48 22.65 -34.71
CA ARG D 73 28.75 23.57 -35.81
C ARG D 73 29.51 22.83 -36.93
N ASN D 74 30.52 22.03 -36.56
CA ASN D 74 31.34 21.22 -37.48
C ASN D 74 30.55 20.21 -38.26
N LEU D 75 29.59 19.52 -37.62
CA LEU D 75 28.75 18.51 -38.26
C LEU D 75 27.81 19.10 -39.32
N ARG D 76 27.63 20.40 -39.31
CA ARG D 76 26.76 21.09 -40.25
C ARG D 76 27.47 21.49 -41.51
N ASN D 77 26.69 21.56 -42.56
CA ASN D 77 27.16 21.99 -43.86
C ASN D 77 26.89 23.49 -43.98
N MET D 78 27.95 24.29 -43.80
CA MET D 78 27.89 25.76 -43.82
C MET D 78 28.17 26.35 -45.21
N SER D 79 28.27 25.50 -46.25
CA SER D 79 28.53 25.93 -47.63
C SER D 79 27.32 26.61 -48.29
N ASN D 80 26.11 26.44 -47.71
CA ASN D 80 24.88 27.02 -48.27
C ASN D 80 23.81 27.27 -47.19
N GLN D 81 22.59 27.69 -47.62
CA GLN D 81 21.44 27.99 -46.77
C GLN D 81 20.36 26.90 -46.86
N LEU D 82 20.77 25.62 -47.02
CA LEU D 82 19.86 24.47 -47.15
C LEU D 82 19.66 23.64 -45.85
N GLY D 83 20.32 24.09 -44.78
CA GLY D 83 20.26 23.49 -43.46
C GLY D 83 20.60 22.01 -43.34
N LEU D 84 21.52 21.53 -44.17
CA LEU D 84 21.95 20.13 -44.19
C LEU D 84 23.08 19.83 -43.19
N LEU D 85 23.30 18.53 -42.98
CA LEU D 85 24.40 18.03 -42.19
C LEU D 85 25.48 17.68 -43.20
N ALA D 86 26.77 17.90 -42.83
CA ALA D 86 27.92 17.59 -43.69
C ALA D 86 28.01 16.12 -44.05
N VAL D 87 28.49 15.85 -45.26
CA VAL D 87 28.61 14.48 -45.80
C VAL D 87 30.05 14.20 -46.20
N ASN D 88 30.41 12.93 -46.38
CA ASN D 88 31.76 12.53 -46.82
C ASN D 88 32.05 13.15 -48.17
N GLN D 89 33.17 13.87 -48.28
CA GLN D 89 33.53 14.54 -49.55
C GLN D 89 34.38 13.67 -50.47
N ARG D 90 34.78 12.47 -50.00
CA ARG D 90 35.61 11.55 -50.77
C ARG D 90 34.86 10.31 -51.25
N PHE D 91 33.80 9.89 -50.54
CA PHE D 91 33.07 8.67 -50.87
C PHE D 91 31.54 8.78 -50.73
N GLN D 92 30.81 7.95 -51.51
CA GLN D 92 29.34 7.79 -51.47
C GLN D 92 29.00 6.27 -51.46
N ASP D 93 27.72 5.91 -51.13
CA ASP D 93 27.18 4.54 -51.12
C ASP D 93 26.06 4.44 -52.18
N ASN D 94 26.45 4.14 -53.43
CA ASN D 94 25.58 4.12 -54.61
C ASN D 94 24.86 5.48 -54.73
N GLY D 95 25.65 6.55 -54.75
CA GLY D 95 25.17 7.93 -54.84
C GLY D 95 24.62 8.48 -53.55
N ARG D 96 24.52 7.65 -52.52
CA ARG D 96 23.98 8.04 -51.22
C ARG D 96 25.07 8.48 -50.25
N ALA D 97 24.73 9.43 -49.38
CA ALA D 97 25.67 10.02 -48.43
C ALA D 97 26.26 9.07 -47.38
N LEU D 98 27.56 9.30 -47.08
CA LEU D 98 28.29 8.64 -46.00
C LEU D 98 28.66 9.73 -44.97
N LEU D 99 28.93 9.34 -43.69
CA LEU D 99 29.32 10.31 -42.64
C LEU D 99 30.68 10.93 -43.00
N PRO D 100 30.99 12.18 -42.58
CA PRO D 100 32.31 12.73 -42.90
C PRO D 100 33.37 11.97 -42.09
N PHE D 101 34.64 12.12 -42.47
CA PHE D 101 35.69 11.47 -41.73
C PHE D 101 36.10 12.39 -40.58
N ASP D 102 36.72 11.82 -39.54
CA ASP D 102 37.23 12.54 -38.39
C ASP D 102 38.76 12.74 -38.54
N ASN D 103 39.30 13.75 -37.86
CA ASN D 103 40.72 14.05 -37.87
C ASN D 103 41.27 13.69 -36.47
N LEU D 104 41.56 12.41 -36.25
CA LEU D 104 42.07 11.92 -34.96
C LEU D 104 43.56 11.74 -34.99
N HIS D 105 44.24 12.06 -33.87
CA HIS D 105 45.70 11.91 -33.72
C HIS D 105 46.04 10.41 -33.86
N ASP D 106 45.43 9.56 -33.01
CA ASP D 106 45.57 8.11 -33.05
C ASP D 106 44.20 7.55 -33.45
N ASP D 107 44.05 7.23 -34.74
CA ASP D 107 42.82 6.73 -35.35
C ASP D 107 42.76 5.21 -35.20
N PRO D 108 41.81 4.63 -34.42
CA PRO D 108 41.77 3.15 -34.31
C PRO D 108 41.33 2.50 -35.61
N CYS D 109 40.49 3.20 -36.41
CA CYS D 109 39.99 2.70 -37.68
C CYS D 109 41.08 2.43 -38.69
N LEU D 110 42.10 3.30 -38.75
CA LEU D 110 43.26 3.09 -39.63
C LEU D 110 44.01 1.82 -39.27
N LEU D 111 44.01 1.39 -37.98
CA LEU D 111 44.66 0.15 -37.53
C LEU D 111 44.02 -1.11 -38.11
N THR D 112 42.69 -1.11 -38.29
CA THR D 112 41.93 -2.27 -38.76
C THR D 112 42.34 -2.68 -40.21
N ASN D 113 42.97 -1.73 -40.97
CA ASN D 113 43.48 -1.96 -42.34
C ASN D 113 44.32 -0.78 -42.87
N ARG D 114 45.64 -1.02 -43.01
CA ARG D 114 46.59 -0.02 -43.50
C ARG D 114 46.38 0.38 -44.94
N SER D 115 46.32 -0.59 -45.89
CA SER D 115 46.13 -0.31 -47.31
C SER D 115 44.86 0.50 -47.66
N ALA D 116 43.70 0.18 -47.04
CA ALA D 116 42.42 0.86 -47.25
C ALA D 116 42.47 2.37 -46.94
N ARG D 117 43.26 2.79 -45.93
CA ARG D 117 43.47 4.19 -45.53
C ARG D 117 42.14 4.95 -45.26
N ILE D 118 41.16 4.26 -44.60
CA ILE D 118 39.83 4.81 -44.30
C ILE D 118 39.71 5.21 -42.81
N PRO D 119 39.79 6.52 -42.51
CA PRO D 119 39.70 6.93 -41.09
C PRO D 119 38.31 6.74 -40.48
N CYS D 120 38.20 6.98 -39.17
CA CYS D 120 36.97 6.92 -38.38
C CYS D 120 36.01 7.97 -38.88
N PHE D 121 34.71 7.65 -38.87
CA PHE D 121 33.66 8.58 -39.24
C PHE D 121 33.42 9.59 -38.13
N LEU D 122 32.87 10.75 -38.48
CA LEU D 122 32.57 11.81 -37.55
C LEU D 122 31.04 11.98 -37.45
N ALA D 123 30.50 11.86 -36.21
CA ALA D 123 29.07 11.98 -35.90
C ALA D 123 28.84 12.79 -34.62
N GLY D 124 27.57 12.86 -34.17
CA GLY D 124 27.18 13.51 -32.93
C GLY D 124 27.82 12.86 -31.72
N ASP D 125 27.97 11.52 -31.74
CA ASP D 125 28.63 10.76 -30.70
C ASP D 125 29.94 10.17 -31.25
N THR D 126 31.01 10.17 -30.42
CA THR D 126 32.36 9.73 -30.77
C THR D 126 32.53 8.22 -31.00
N ARG D 127 31.50 7.40 -30.71
CA ARG D 127 31.64 5.96 -30.88
C ARG D 127 31.03 5.44 -32.18
N SER D 128 30.65 6.33 -33.12
CA SER D 128 30.00 6.03 -34.39
C SER D 128 30.64 4.95 -35.23
N SER D 129 32.00 4.82 -35.18
CA SER D 129 32.74 3.81 -35.96
C SER D 129 33.03 2.53 -35.19
N GLU D 130 32.48 2.39 -33.97
CA GLU D 130 32.72 1.24 -33.09
C GLU D 130 32.43 -0.09 -33.75
N MET D 131 31.33 -0.19 -34.49
CA MET D 131 30.97 -1.37 -35.25
C MET D 131 30.15 -0.93 -36.49
N PRO D 132 30.37 -1.56 -37.69
CA PRO D 132 29.66 -1.09 -38.90
C PRO D 132 28.13 -1.05 -38.80
N GLU D 133 27.54 -1.87 -37.93
CA GLU D 133 26.08 -1.89 -37.71
C GLU D 133 25.63 -0.56 -37.06
N LEU D 134 26.42 -0.05 -36.12
CA LEU D 134 26.16 1.22 -35.46
C LEU D 134 26.35 2.36 -36.48
N THR D 135 27.48 2.32 -37.24
CA THR D 135 27.80 3.31 -38.27
C THR D 135 26.64 3.43 -39.24
N SER D 136 26.08 2.27 -39.64
CA SER D 136 24.96 2.18 -40.57
C SER D 136 23.72 2.91 -40.06
N MET D 137 23.43 2.78 -38.75
CA MET D 137 22.31 3.45 -38.11
C MET D 137 22.52 4.95 -38.06
N HIS D 138 23.78 5.39 -37.82
CA HIS D 138 24.19 6.81 -37.80
C HIS D 138 24.08 7.40 -39.21
N THR D 139 24.52 6.64 -40.23
CA THR D 139 24.48 7.04 -41.65
C THR D 139 23.02 7.16 -42.12
N LEU D 140 22.15 6.28 -41.62
CA LEU D 140 20.73 6.28 -41.93
C LEU D 140 20.08 7.59 -41.45
N LEU D 141 20.38 7.98 -40.19
CA LEU D 141 19.86 9.19 -39.59
C LEU D 141 20.39 10.49 -40.23
N LEU D 142 21.65 10.43 -40.74
CA LEU D 142 22.30 11.54 -41.43
C LEU D 142 21.52 11.86 -42.70
N ARG D 143 21.17 10.80 -43.42
CA ARG D 143 20.41 10.83 -44.66
C ARG D 143 19.00 11.32 -44.41
N GLU D 144 18.37 10.82 -43.34
CA GLU D 144 17.01 11.21 -42.96
C GLU D 144 16.88 12.72 -42.72
N HIS D 145 17.87 13.32 -42.01
CA HIS D 145 17.89 14.77 -41.76
C HIS D 145 17.92 15.54 -43.09
N ASN D 146 18.86 15.19 -43.98
CA ASN D 146 19.03 15.87 -45.26
C ASN D 146 17.82 15.71 -46.17
N ARG D 147 17.19 14.53 -46.13
CA ARG D 147 15.97 14.21 -46.90
C ARG D 147 14.85 15.14 -46.44
N LEU D 148 14.70 15.30 -45.10
CA LEU D 148 13.70 16.18 -44.48
C LEU D 148 13.96 17.65 -44.83
N ALA D 149 15.22 18.11 -44.71
CA ALA D 149 15.64 19.48 -44.98
C ALA D 149 15.39 19.87 -46.45
N THR D 150 15.52 18.88 -47.35
CA THR D 150 15.28 19.02 -48.78
C THR D 150 13.76 19.21 -49.05
N GLU D 151 12.92 18.34 -48.44
CA GLU D 151 11.46 18.36 -48.54
C GLU D 151 10.91 19.65 -47.94
N LEU D 152 11.50 20.10 -46.80
CA LEU D 152 11.12 21.33 -46.11
C LEU D 152 11.45 22.63 -46.90
N LYS D 153 12.46 22.56 -47.79
CA LYS D 153 12.90 23.66 -48.65
C LYS D 153 11.89 23.84 -49.78
N SER D 154 11.42 22.73 -50.39
CA SER D 154 10.45 22.82 -51.47
C SER D 154 9.09 23.27 -50.95
N LEU D 155 8.79 22.94 -49.70
CA LEU D 155 7.55 23.36 -49.05
C LEU D 155 7.61 24.84 -48.65
N ASN D 156 8.71 25.25 -47.98
CA ASN D 156 8.94 26.59 -47.51
C ASN D 156 10.23 27.19 -48.10
N PRO D 157 10.18 27.65 -49.39
CA PRO D 157 11.39 28.22 -50.03
C PRO D 157 11.95 29.46 -49.33
N ARG D 158 11.12 30.19 -48.57
CA ARG D 158 11.51 31.39 -47.84
C ARG D 158 12.35 31.09 -46.57
N TRP D 159 12.34 29.83 -46.09
CA TRP D 159 13.10 29.42 -44.90
C TRP D 159 14.60 29.43 -45.16
N ASP D 160 15.39 29.89 -44.17
CA ASP D 160 16.85 29.95 -44.24
C ASP D 160 17.47 28.66 -43.67
N GLY D 161 18.79 28.51 -43.84
CA GLY D 161 19.58 27.38 -43.36
C GLY D 161 19.34 26.99 -41.91
N GLU D 162 19.34 27.99 -41.00
CA GLU D 162 19.11 27.76 -39.57
C GLU D 162 17.72 27.17 -39.32
N ARG D 163 16.68 27.73 -39.96
CA ARG D 163 15.29 27.31 -39.83
C ARG D 163 15.13 25.87 -40.26
N LEU D 164 15.63 25.53 -41.45
CA LEU D 164 15.60 24.19 -42.03
C LEU D 164 16.33 23.19 -41.15
N TYR D 165 17.57 23.52 -40.73
CA TYR D 165 18.37 22.66 -39.85
C TYR D 165 17.59 22.34 -38.59
N GLN D 166 17.04 23.38 -37.94
CA GLN D 166 16.29 23.24 -36.70
C GLN D 166 15.01 22.43 -36.86
N GLU D 167 14.23 22.70 -37.91
CA GLU D 167 12.97 22.00 -38.15
C GLU D 167 13.19 20.51 -38.43
N ALA D 168 14.24 20.17 -39.22
CA ALA D 168 14.63 18.80 -39.54
C ALA D 168 15.12 18.09 -38.28
N ARG D 169 15.99 18.76 -37.47
CA ARG D 169 16.53 18.25 -36.22
C ARG D 169 15.38 17.86 -35.26
N LYS D 170 14.36 18.74 -35.13
CA LYS D 170 13.18 18.57 -34.31
C LYS D 170 12.42 17.30 -34.73
N ILE D 171 12.18 17.10 -36.06
CA ILE D 171 11.53 15.91 -36.59
C ILE D 171 12.34 14.64 -36.28
N VAL D 172 13.67 14.66 -36.50
CA VAL D 172 14.54 13.51 -36.26
C VAL D 172 14.48 13.05 -34.77
N GLY D 173 14.59 14.03 -33.86
CA GLY D 173 14.49 13.83 -32.42
C GLY D 173 13.19 13.15 -32.05
N ALA D 174 12.09 13.58 -32.72
CA ALA D 174 10.74 13.04 -32.54
C ALA D 174 10.70 11.60 -32.99
N MET D 175 11.39 11.29 -34.10
CA MET D 175 11.40 9.95 -34.68
C MET D 175 12.10 8.96 -33.79
N VAL D 176 13.17 9.39 -33.15
CA VAL D 176 13.90 8.55 -32.19
C VAL D 176 12.98 8.22 -30.98
N GLN D 177 12.28 9.26 -30.46
CA GLN D 177 11.34 9.19 -29.33
C GLN D 177 10.22 8.19 -29.63
N ILE D 178 9.53 8.34 -30.78
CA ILE D 178 8.43 7.46 -31.19
C ILE D 178 8.91 6.00 -31.33
N ILE D 179 10.01 5.73 -32.10
CA ILE D 179 10.55 4.37 -32.31
C ILE D 179 10.92 3.69 -30.99
N THR D 180 11.58 4.45 -30.07
CA THR D 180 12.02 4.01 -28.77
C THR D 180 10.84 3.66 -27.86
N TYR D 181 9.93 4.61 -27.62
CA TYR D 181 8.82 4.43 -26.69
C TYR D 181 7.67 3.59 -27.21
N ARG D 182 7.35 3.68 -28.50
CA ARG D 182 6.26 2.90 -29.07
C ARG D 182 6.67 1.47 -29.50
N ASP D 183 7.89 1.29 -30.01
CA ASP D 183 8.30 -0.01 -30.54
C ASP D 183 9.40 -0.75 -29.78
N TYR D 184 10.42 -0.02 -29.29
CA TYR D 184 11.59 -0.59 -28.62
C TYR D 184 11.35 -1.01 -27.17
N LEU D 185 11.10 -0.03 -26.28
CA LEU D 185 10.89 -0.23 -24.83
C LEU D 185 9.82 -1.28 -24.51
N PRO D 186 8.62 -1.31 -25.20
CA PRO D 186 7.65 -2.40 -24.90
C PRO D 186 8.22 -3.82 -25.09
N LEU D 187 9.23 -3.96 -25.98
CA LEU D 187 9.89 -5.22 -26.27
C LEU D 187 11.11 -5.52 -25.33
N VAL D 188 11.58 -4.50 -24.58
CA VAL D 188 12.65 -4.69 -23.62
C VAL D 188 12.03 -5.14 -22.32
N LEU D 189 11.05 -4.35 -21.84
CA LEU D 189 10.37 -4.53 -20.57
C LEU D 189 9.26 -5.55 -20.52
N GLY D 190 8.57 -5.78 -21.64
CA GLY D 190 7.39 -6.62 -21.69
C GLY D 190 6.18 -5.77 -21.33
N PRO D 191 4.94 -6.26 -21.51
CA PRO D 191 3.77 -5.42 -21.24
C PRO D 191 3.49 -4.99 -19.80
N THR D 192 3.66 -5.87 -18.80
CA THR D 192 3.32 -5.48 -17.42
C THR D 192 4.29 -4.38 -16.88
N ALA D 193 5.61 -4.50 -17.16
CA ALA D 193 6.60 -3.48 -16.73
C ALA D 193 6.37 -2.20 -17.53
N MET D 194 5.96 -2.34 -18.82
CA MET D 194 5.62 -1.22 -19.67
C MET D 194 4.51 -0.40 -19.02
N ARG D 195 3.40 -1.05 -18.61
CA ARG D 195 2.29 -0.37 -17.91
C ARG D 195 2.75 0.22 -16.57
N LYS D 196 3.54 -0.54 -15.79
CA LYS D 196 4.03 -0.17 -14.47
C LYS D 196 4.93 1.07 -14.50
N TYR D 197 6.03 1.01 -15.28
CA TYR D 197 7.03 2.08 -15.35
C TYR D 197 6.75 3.15 -16.40
N LEU D 198 5.93 2.84 -17.42
CA LEU D 198 5.63 3.83 -18.44
C LEU D 198 4.13 3.97 -18.68
N PRO D 199 3.35 4.47 -17.69
CA PRO D 199 1.92 4.68 -17.93
C PRO D 199 1.72 5.74 -19.00
N THR D 200 0.54 5.80 -19.64
CA THR D 200 0.22 6.77 -20.70
C THR D 200 0.69 8.18 -20.32
N TYR D 201 1.37 8.83 -21.26
CA TYR D 201 1.88 10.21 -21.08
C TYR D 201 0.73 11.19 -20.79
N ARG D 202 0.87 12.01 -19.73
CA ARG D 202 -0.11 13.04 -19.37
C ARG D 202 0.38 14.37 -19.98
N SER D 203 1.44 14.95 -19.38
CA SER D 203 2.07 16.19 -19.85
C SER D 203 3.49 16.37 -19.23
N TYR D 204 4.24 17.38 -19.71
CA TYR D 204 5.55 17.74 -19.19
C TYR D 204 5.42 18.14 -17.74
N ASN D 205 6.43 17.71 -16.96
CA ASN D 205 6.57 17.95 -15.54
C ASN D 205 7.99 18.48 -15.19
N ASP D 206 8.06 19.76 -14.79
CA ASP D 206 9.35 20.41 -14.47
C ASP D 206 9.96 19.96 -13.14
N SER D 207 9.30 19.05 -12.41
CA SER D 207 9.78 18.53 -11.14
C SER D 207 10.32 17.12 -11.27
N VAL D 208 10.47 16.66 -12.51
CA VAL D 208 10.97 15.34 -12.83
C VAL D 208 12.39 15.52 -13.33
N ASP D 209 13.36 15.00 -12.54
CA ASP D 209 14.79 15.08 -12.83
C ASP D 209 15.09 14.25 -14.11
N PRO D 210 15.47 14.91 -15.22
CA PRO D 210 15.70 14.19 -16.48
C PRO D 210 17.08 13.56 -16.61
N ARG D 211 17.99 13.79 -15.62
CA ARG D 211 19.36 13.26 -15.63
C ARG D 211 19.46 11.74 -15.76
N ILE D 212 20.58 11.25 -16.32
CA ILE D 212 20.85 9.82 -16.34
C ILE D 212 21.47 9.49 -14.98
N ALA D 213 20.93 8.44 -14.33
CA ALA D 213 21.45 7.96 -13.03
C ALA D 213 22.65 7.09 -13.29
N ASN D 214 23.61 7.10 -12.36
CA ASN D 214 24.85 6.34 -12.49
C ASN D 214 24.61 4.84 -12.81
N VAL D 215 23.68 4.18 -12.08
CA VAL D 215 23.31 2.77 -12.24
C VAL D 215 22.87 2.44 -13.68
N PHE D 216 22.13 3.37 -14.33
CA PHE D 216 21.61 3.15 -15.68
C PHE D 216 22.71 2.87 -16.71
N THR D 217 23.84 3.57 -16.62
CA THR D 217 24.98 3.40 -17.54
C THR D 217 25.44 1.97 -17.56
N ASN D 218 25.23 1.23 -16.45
CA ASN D 218 25.62 -0.17 -16.28
C ASN D 218 24.48 -1.14 -16.55
N ALA D 219 23.28 -0.82 -16.03
CA ALA D 219 22.08 -1.62 -16.20
C ALA D 219 21.73 -1.73 -17.67
N PHE D 220 21.85 -0.60 -18.43
CA PHE D 220 21.51 -0.59 -19.85
C PHE D 220 22.52 -1.39 -20.71
N ARG D 221 23.66 -1.83 -20.11
CA ARG D 221 24.64 -2.72 -20.76
C ARG D 221 24.08 -4.19 -20.88
N TYR D 222 22.82 -4.46 -20.46
CA TYR D 222 22.12 -5.73 -20.62
C TYR D 222 22.16 -6.15 -22.12
N GLY D 223 22.17 -5.13 -23.00
CA GLY D 223 22.20 -5.28 -24.44
C GLY D 223 23.38 -6.10 -24.93
N HIS D 224 24.44 -6.20 -24.09
CA HIS D 224 25.63 -7.00 -24.39
C HIS D 224 25.28 -8.49 -24.51
N THR D 225 24.18 -8.95 -23.85
CA THR D 225 23.69 -10.33 -23.89
C THR D 225 22.95 -10.65 -25.20
N LEU D 226 22.62 -9.61 -25.99
CA LEU D 226 21.89 -9.74 -27.27
C LEU D 226 22.82 -9.81 -28.47
N ILE D 227 24.10 -9.43 -28.27
CA ILE D 227 25.13 -9.38 -29.31
C ILE D 227 25.42 -10.76 -29.94
N GLN D 228 25.42 -10.83 -31.29
CA GLN D 228 25.73 -12.03 -32.07
C GLN D 228 27.25 -12.05 -32.37
N PRO D 229 27.89 -13.23 -32.51
CA PRO D 229 29.35 -13.27 -32.75
C PRO D 229 29.80 -12.86 -34.16
N PHE D 230 28.85 -12.53 -35.05
CA PHE D 230 29.16 -12.12 -36.41
C PHE D 230 28.42 -10.89 -36.82
N MET D 231 28.98 -10.18 -37.83
CA MET D 231 28.28 -9.12 -38.53
C MET D 231 27.76 -9.84 -39.79
N PHE D 232 26.43 -9.79 -40.00
CA PHE D 232 25.76 -10.45 -41.11
C PHE D 232 25.43 -9.45 -42.22
N ARG D 233 25.83 -9.78 -43.45
CA ARG D 233 25.58 -8.94 -44.63
C ARG D 233 24.76 -9.72 -45.65
N LEU D 234 23.58 -9.19 -46.02
CA LEU D 234 22.64 -9.85 -46.93
C LEU D 234 22.38 -9.05 -48.21
N ASP D 235 22.16 -9.77 -49.34
CA ASP D 235 21.91 -9.16 -50.65
C ASP D 235 20.44 -8.74 -50.82
N ASN D 236 20.08 -8.20 -52.01
CA ASN D 236 18.73 -7.76 -52.37
C ASN D 236 17.66 -8.85 -52.10
N ARG D 237 17.99 -10.13 -52.37
CA ARG D 237 17.11 -11.29 -52.16
C ARG D 237 17.20 -11.86 -50.73
N TYR D 238 17.83 -11.08 -49.81
CA TYR D 238 18.04 -11.41 -48.40
C TYR D 238 18.79 -12.71 -48.21
N GLN D 239 19.77 -12.93 -49.10
CA GLN D 239 20.62 -14.10 -49.14
C GLN D 239 22.04 -13.70 -48.72
N PRO D 240 22.83 -14.62 -48.11
CA PRO D 240 24.20 -14.27 -47.69
C PRO D 240 25.01 -13.60 -48.81
N MET D 241 25.45 -12.35 -48.56
CA MET D 241 26.24 -11.59 -49.51
C MET D 241 27.70 -12.08 -49.49
N GLU D 242 28.02 -12.97 -50.46
CA GLU D 242 29.34 -13.56 -50.66
C GLU D 242 30.30 -12.59 -51.40
N PRO D 243 31.62 -12.54 -51.06
CA PRO D 243 32.29 -13.31 -50.01
C PRO D 243 32.14 -12.66 -48.64
N ASN D 244 32.44 -13.44 -47.58
CA ASN D 244 32.38 -13.02 -46.18
C ASN D 244 30.98 -12.51 -45.75
N PRO D 245 29.93 -13.35 -45.81
CA PRO D 245 28.62 -12.90 -45.32
C PRO D 245 28.52 -12.88 -43.78
N ARG D 246 29.36 -13.68 -43.06
CA ARG D 246 29.43 -13.78 -41.59
C ARG D 246 30.83 -13.39 -41.12
N VAL D 247 31.08 -12.10 -40.86
CA VAL D 247 32.42 -11.69 -40.40
C VAL D 247 32.47 -11.70 -38.87
N PRO D 248 33.46 -12.39 -38.23
CA PRO D 248 33.53 -12.38 -36.76
C PRO D 248 33.65 -10.94 -36.26
N LEU D 249 32.92 -10.63 -35.19
CA LEU D 249 32.87 -9.30 -34.60
C LEU D 249 34.25 -8.74 -34.23
N SER D 250 35.18 -9.61 -33.80
CA SER D 250 36.56 -9.24 -33.48
C SER D 250 37.35 -8.73 -34.72
N ARG D 251 36.72 -8.73 -35.91
CA ARG D 251 37.33 -8.24 -37.13
C ARG D 251 36.54 -7.05 -37.72
N VAL D 252 35.44 -6.61 -37.02
CA VAL D 252 34.62 -5.48 -37.49
C VAL D 252 34.73 -4.23 -36.58
N PHE D 253 35.17 -4.38 -35.30
CA PHE D 253 35.32 -3.25 -34.39
C PHE D 253 36.21 -2.20 -35.04
N PHE D 254 35.69 -0.96 -35.19
CA PHE D 254 36.39 0.18 -35.82
C PHE D 254 36.78 -0.06 -37.31
N ALA D 255 36.07 -0.96 -38.00
CA ALA D 255 36.38 -1.26 -39.39
C ALA D 255 35.50 -0.47 -40.35
N SER D 256 35.68 0.85 -40.32
CA SER D 256 34.95 1.79 -41.19
C SER D 256 35.22 1.54 -42.70
N TRP D 257 36.38 0.92 -43.05
CA TRP D 257 36.73 0.55 -44.44
C TRP D 257 35.71 -0.42 -45.02
N ARG D 258 35.11 -1.29 -44.17
CA ARG D 258 34.09 -2.26 -44.57
C ARG D 258 32.84 -1.55 -45.11
N VAL D 259 32.46 -0.42 -44.50
CA VAL D 259 31.32 0.38 -44.97
C VAL D 259 31.65 1.03 -46.35
N VAL D 260 32.82 1.66 -46.45
CA VAL D 260 33.30 2.37 -47.64
C VAL D 260 33.59 1.41 -48.81
N LEU D 261 34.33 0.31 -48.56
CA LEU D 261 34.78 -0.62 -49.58
C LEU D 261 34.09 -1.98 -49.64
N GLU D 262 33.22 -2.34 -48.69
CA GLU D 262 32.64 -3.68 -48.79
C GLU D 262 31.12 -3.68 -48.94
N GLY D 263 30.56 -2.69 -49.65
CA GLY D 263 29.14 -2.68 -49.96
C GLY D 263 28.23 -1.61 -49.41
N GLY D 264 28.74 -0.73 -48.57
CA GLY D 264 27.89 0.33 -48.01
C GLY D 264 27.05 -0.16 -46.85
N ILE D 265 25.98 0.59 -46.53
CA ILE D 265 25.15 0.28 -45.36
C ILE D 265 23.98 -0.67 -45.64
N ASP D 266 23.48 -0.74 -46.89
CA ASP D 266 22.35 -1.62 -47.28
C ASP D 266 22.53 -3.09 -46.86
N PRO D 267 23.66 -3.79 -47.17
CA PRO D 267 23.81 -5.18 -46.73
C PRO D 267 23.83 -5.34 -45.21
N ILE D 268 24.38 -4.34 -44.49
CA ILE D 268 24.46 -4.32 -43.03
C ILE D 268 23.05 -4.19 -42.42
N LEU D 269 22.23 -3.30 -42.97
CA LEU D 269 20.84 -3.09 -42.51
C LEU D 269 19.93 -4.29 -42.73
N ARG D 270 20.05 -4.96 -43.88
CA ARG D 270 19.29 -6.18 -44.21
C ARG D 270 19.68 -7.29 -43.23
N GLY D 271 20.98 -7.40 -42.94
CA GLY D 271 21.51 -8.35 -41.98
C GLY D 271 20.92 -8.14 -40.61
N LEU D 272 20.75 -6.87 -40.19
CA LEU D 272 20.16 -6.52 -38.89
C LEU D 272 18.67 -6.89 -38.82
N MET D 273 17.93 -6.64 -39.91
CA MET D 273 16.50 -6.91 -40.02
C MET D 273 16.15 -8.40 -40.13
N ALA D 274 16.88 -9.14 -40.99
CA ALA D 274 16.58 -10.55 -41.24
C ALA D 274 17.40 -11.57 -40.40
N THR D 275 18.13 -11.09 -39.38
CA THR D 275 18.87 -12.01 -38.52
C THR D 275 18.32 -11.93 -37.12
N PRO D 276 18.11 -13.09 -36.44
CA PRO D 276 17.64 -13.02 -35.04
C PRO D 276 18.74 -12.52 -34.11
N ALA D 277 18.34 -11.82 -33.04
CA ALA D 277 19.24 -11.36 -31.98
C ALA D 277 19.65 -12.59 -31.16
N LYS D 278 20.76 -12.51 -30.40
CA LYS D 278 21.16 -13.61 -29.52
C LYS D 278 20.18 -13.58 -28.34
N LEU D 279 19.63 -14.72 -27.93
CA LEU D 279 18.76 -14.79 -26.77
C LEU D 279 19.60 -14.96 -25.48
N ASN D 280 19.36 -14.12 -24.47
CA ASN D 280 20.05 -14.22 -23.19
C ASN D 280 19.46 -15.41 -22.40
N ARG D 281 20.29 -16.42 -22.15
CA ARG D 281 19.91 -17.60 -21.37
C ARG D 281 20.89 -17.67 -20.23
N GLN D 282 20.50 -18.19 -19.07
CA GLN D 282 21.39 -18.20 -17.90
C GLN D 282 22.72 -18.96 -18.08
N ASN D 283 22.78 -19.92 -19.01
CA ASN D 283 24.04 -20.64 -19.29
C ASN D 283 24.67 -20.19 -20.61
N GLN D 284 24.12 -19.11 -21.19
CA GLN D 284 24.57 -18.54 -22.47
C GLN D 284 24.41 -17.02 -22.35
N ILE D 285 25.14 -16.38 -21.40
CA ILE D 285 24.97 -14.96 -21.11
C ILE D 285 25.59 -14.05 -22.20
N ALA D 286 26.91 -14.17 -22.49
CA ALA D 286 27.54 -13.32 -23.52
C ALA D 286 28.63 -14.06 -24.30
N VAL D 287 28.72 -13.77 -25.61
CA VAL D 287 29.64 -14.44 -26.55
C VAL D 287 31.12 -14.06 -26.34
N ASP D 288 32.02 -14.95 -26.74
CA ASP D 288 33.46 -14.78 -26.60
C ASP D 288 34.05 -13.72 -27.53
N GLU D 289 33.30 -13.27 -28.57
CA GLU D 289 33.78 -12.21 -29.45
C GLU D 289 33.96 -10.91 -28.65
N ILE D 290 33.09 -10.70 -27.62
CA ILE D 290 33.15 -9.55 -26.70
C ILE D 290 33.79 -9.93 -25.35
N ARG D 291 33.72 -11.21 -24.97
CA ARG D 291 34.27 -11.70 -23.70
C ARG D 291 35.78 -11.99 -23.77
N GLU D 292 36.32 -12.24 -24.98
CA GLU D 292 37.74 -12.63 -25.15
C GLU D 292 38.45 -11.82 -26.21
N ARG D 293 37.72 -11.34 -27.21
CA ARG D 293 38.32 -10.69 -28.36
C ARG D 293 37.88 -9.25 -28.61
N LEU D 294 37.30 -8.60 -27.58
CA LEU D 294 36.85 -7.23 -27.74
C LEU D 294 38.04 -6.31 -28.00
N PHE D 295 38.02 -5.64 -29.19
CA PHE D 295 39.01 -4.68 -29.67
C PHE D 295 40.39 -5.30 -29.76
N GLU D 296 40.47 -6.65 -29.86
CA GLU D 296 41.76 -7.36 -29.87
C GLU D 296 42.74 -6.83 -30.95
N GLN D 297 42.23 -6.35 -32.11
CA GLN D 297 43.02 -5.84 -33.23
C GLN D 297 43.74 -4.52 -32.92
N VAL D 298 43.07 -3.64 -32.17
CA VAL D 298 43.51 -2.27 -31.90
C VAL D 298 44.15 -2.11 -30.51
N MET D 299 44.27 -3.21 -29.73
CA MET D 299 44.81 -3.17 -28.35
C MET D 299 45.88 -4.21 -28.15
N ARG D 300 46.70 -4.06 -27.09
CA ARG D 300 47.78 -5.02 -26.75
C ARG D 300 47.25 -6.41 -26.36
N ILE D 301 46.01 -6.45 -25.90
CA ILE D 301 45.33 -7.67 -25.47
C ILE D 301 43.82 -7.47 -25.76
N GLY D 302 43.11 -8.58 -26.04
CA GLY D 302 41.67 -8.54 -26.25
C GLY D 302 40.96 -8.32 -24.91
N LEU D 303 40.04 -7.36 -24.87
CA LEU D 303 39.30 -7.04 -23.65
C LEU D 303 38.13 -8.03 -23.40
N ASP D 304 37.56 -7.99 -22.18
CA ASP D 304 36.44 -8.79 -21.71
C ASP D 304 35.31 -7.81 -21.34
N LEU D 305 34.37 -7.56 -22.28
CA LEU D 305 33.27 -6.60 -22.07
C LEU D 305 32.46 -6.91 -20.78
N PRO D 306 31.98 -8.16 -20.54
CA PRO D 306 31.29 -8.44 -19.26
C PRO D 306 32.14 -8.11 -18.02
N ALA D 307 33.45 -8.44 -18.01
CA ALA D 307 34.33 -8.12 -16.89
C ALA D 307 34.53 -6.61 -16.76
N LEU D 308 34.69 -5.90 -17.89
CA LEU D 308 34.81 -4.42 -17.89
C LEU D 308 33.57 -3.79 -17.25
N ASN D 309 32.36 -4.34 -17.55
CA ASN D 309 31.05 -3.93 -17.06
C ASN D 309 31.02 -4.03 -15.55
N MET D 310 31.63 -5.12 -14.98
CA MET D 310 31.70 -5.38 -13.54
C MET D 310 32.73 -4.48 -12.86
N GLN D 311 33.88 -4.25 -13.50
CA GLN D 311 34.92 -3.36 -12.96
C GLN D 311 34.38 -1.93 -12.99
N ARG D 312 33.58 -1.58 -14.02
CA ARG D 312 33.04 -0.24 -14.18
C ARG D 312 32.06 0.09 -13.05
N SER D 313 31.20 -0.88 -12.66
CA SER D 313 30.27 -0.61 -11.55
C SER D 313 31.09 -0.30 -10.30
N ARG D 314 32.17 -1.05 -10.09
CA ARG D 314 33.04 -0.86 -8.94
C ARG D 314 33.71 0.50 -8.97
N ASP D 315 34.22 0.89 -10.16
CA ASP D 315 34.85 2.20 -10.40
C ASP D 315 33.84 3.29 -10.02
N HIS D 316 32.58 3.08 -10.43
CA HIS D 316 31.45 3.99 -10.23
C HIS D 316 30.85 3.91 -8.85
N GLY D 317 31.41 3.03 -8.01
CA GLY D 317 30.95 2.87 -6.64
C GLY D 317 29.50 2.47 -6.52
N LEU D 318 29.00 1.67 -7.46
CA LEU D 318 27.61 1.24 -7.44
C LEU D 318 27.36 0.17 -6.37
N PRO D 319 26.27 0.32 -5.57
CA PRO D 319 25.91 -0.73 -4.61
C PRO D 319 25.68 -2.10 -5.31
N GLY D 320 25.70 -3.17 -4.53
CA GLY D 320 25.45 -4.53 -5.02
C GLY D 320 24.00 -4.83 -5.35
N TYR D 321 23.78 -6.05 -5.84
CA TYR D 321 22.50 -6.61 -6.27
C TYR D 321 21.33 -6.37 -5.30
N ASN D 322 21.45 -6.80 -4.03
CA ASN D 322 20.38 -6.66 -3.05
C ASN D 322 19.94 -5.21 -2.77
N ALA D 323 20.88 -4.26 -2.84
CA ALA D 323 20.58 -2.86 -2.60
C ALA D 323 19.69 -2.33 -3.72
N TRP D 324 19.93 -2.79 -4.95
CA TRP D 324 19.10 -2.39 -6.07
C TRP D 324 17.76 -3.06 -6.04
N ARG D 325 17.70 -4.30 -5.53
CA ARG D 325 16.45 -5.04 -5.39
C ARG D 325 15.60 -4.27 -4.41
N ARG D 326 16.22 -3.87 -3.29
CA ARG D 326 15.60 -3.10 -2.24
C ARG D 326 15.07 -1.76 -2.78
N PHE D 327 15.89 -1.06 -3.58
CA PHE D 327 15.51 0.21 -4.21
C PHE D 327 14.26 0.03 -5.09
N CYS D 328 14.17 -1.10 -5.77
CA CYS D 328 13.08 -1.40 -6.67
C CYS D 328 11.85 -1.85 -5.94
N GLY D 329 12.06 -2.34 -4.71
CA GLY D 329 11.00 -2.85 -3.85
C GLY D 329 10.80 -4.33 -4.09
N LEU D 330 11.88 -5.06 -4.46
CA LEU D 330 11.88 -6.50 -4.71
C LEU D 330 12.54 -7.28 -3.55
N PRO D 331 12.11 -8.52 -3.24
CA PRO D 331 12.75 -9.27 -2.12
C PRO D 331 14.25 -9.45 -2.30
N GLN D 332 15.01 -9.39 -1.20
CA GLN D 332 16.47 -9.48 -1.29
C GLN D 332 16.95 -10.84 -0.79
N PRO D 333 17.28 -11.79 -1.72
CA PRO D 333 17.74 -13.11 -1.28
C PRO D 333 18.99 -12.98 -0.41
N GLU D 334 19.04 -13.71 0.72
CA GLU D 334 20.15 -13.64 1.66
C GLU D 334 21.05 -14.85 1.56
N THR D 335 20.44 -15.98 1.16
CA THR D 335 21.07 -17.28 1.06
C THR D 335 20.90 -17.91 -0.33
N VAL D 336 21.73 -18.91 -0.64
CA VAL D 336 21.79 -19.64 -1.91
C VAL D 336 20.40 -20.21 -2.32
N GLY D 337 19.68 -20.76 -1.35
CA GLY D 337 18.36 -21.35 -1.55
C GLY D 337 17.39 -20.31 -2.04
N GLN D 338 17.36 -19.16 -1.33
CA GLN D 338 16.54 -18.00 -1.64
C GLN D 338 16.94 -17.44 -3.01
N LEU D 339 18.27 -17.26 -3.25
CA LEU D 339 18.78 -16.78 -4.55
C LEU D 339 18.42 -17.71 -5.69
N GLY D 340 18.40 -19.02 -5.40
CA GLY D 340 18.00 -20.09 -6.31
C GLY D 340 16.56 -19.97 -6.77
N THR D 341 15.69 -19.41 -5.89
CA THR D 341 14.26 -19.21 -6.15
C THR D 341 14.06 -18.00 -7.05
N VAL D 342 14.73 -16.87 -6.71
CA VAL D 342 14.70 -15.61 -7.46
C VAL D 342 15.17 -15.90 -8.88
N LEU D 343 16.18 -16.78 -8.99
CA LEU D 343 16.80 -17.12 -10.25
C LEU D 343 16.15 -18.29 -10.98
N ARG D 344 15.26 -19.04 -10.30
CA ARG D 344 14.67 -20.29 -10.80
C ARG D 344 15.85 -21.21 -11.21
N ASN D 345 16.98 -21.09 -10.51
CA ASN D 345 18.20 -21.78 -10.89
C ASN D 345 19.16 -21.92 -9.69
N LEU D 346 19.24 -23.13 -9.14
CA LEU D 346 20.09 -23.41 -8.00
C LEU D 346 21.56 -23.57 -8.49
N LYS D 347 21.75 -24.12 -9.71
CA LYS D 347 23.07 -24.30 -10.33
C LYS D 347 23.73 -22.94 -10.42
N LEU D 348 23.05 -21.95 -11.04
CA LEU D 348 23.56 -20.59 -11.15
C LEU D 348 23.66 -19.89 -9.79
N ALA D 349 22.73 -20.20 -8.85
CA ALA D 349 22.75 -19.60 -7.50
C ALA D 349 24.04 -20.01 -6.79
N ARG D 350 24.35 -21.31 -6.78
CA ARG D 350 25.55 -21.89 -6.18
C ARG D 350 26.81 -21.28 -6.82
N LYS D 351 26.80 -21.14 -8.18
CA LYS D 351 27.90 -20.59 -8.96
C LYS D 351 28.26 -19.16 -8.53
N LEU D 352 27.23 -18.26 -8.51
CA LEU D 352 27.33 -16.85 -8.11
C LEU D 352 27.76 -16.69 -6.66
N MET D 353 27.33 -17.63 -5.79
CA MET D 353 27.66 -17.61 -4.36
C MET D 353 29.11 -18.02 -4.12
N GLU D 354 29.63 -18.99 -4.91
CA GLU D 354 31.03 -19.40 -4.85
C GLU D 354 31.92 -18.20 -5.18
N GLN D 355 31.46 -17.32 -6.07
CA GLN D 355 32.17 -16.11 -6.50
C GLN D 355 32.02 -14.95 -5.52
N TYR D 356 30.77 -14.63 -5.12
CA TYR D 356 30.49 -13.45 -4.30
C TYR D 356 30.33 -13.67 -2.79
N GLY D 357 29.92 -14.87 -2.38
CA GLY D 357 29.71 -15.22 -0.97
C GLY D 357 28.38 -14.75 -0.39
N THR D 358 27.80 -13.69 -0.99
CA THR D 358 26.55 -13.08 -0.59
C THR D 358 25.85 -12.39 -1.77
N PRO D 359 24.50 -12.52 -1.87
CA PRO D 359 23.80 -11.80 -2.95
C PRO D 359 23.93 -10.27 -2.83
N ASN D 360 24.39 -9.78 -1.64
CA ASN D 360 24.63 -8.36 -1.38
C ASN D 360 25.80 -7.83 -2.22
N ASN D 361 26.79 -8.70 -2.53
CA ASN D 361 28.00 -8.35 -3.25
C ASN D 361 27.97 -8.59 -4.76
N ILE D 362 26.90 -9.18 -5.28
CA ILE D 362 26.80 -9.40 -6.72
C ILE D 362 26.78 -8.06 -7.46
N ASP D 363 27.67 -7.90 -8.47
CA ASP D 363 27.74 -6.71 -9.32
C ASP D 363 26.42 -6.55 -10.09
N ILE D 364 25.84 -5.33 -10.08
CA ILE D 364 24.55 -4.99 -10.71
C ILE D 364 24.36 -5.61 -12.10
N TRP D 365 25.31 -5.46 -13.03
CA TRP D 365 25.18 -6.03 -14.37
C TRP D 365 25.03 -7.56 -14.31
N MET D 366 25.92 -8.23 -13.55
CA MET D 366 25.94 -9.66 -13.35
C MET D 366 24.63 -10.20 -12.79
N GLY D 367 24.11 -9.57 -11.72
CA GLY D 367 22.85 -9.96 -11.10
C GLY D 367 21.68 -9.71 -12.02
N GLY D 368 21.64 -8.51 -12.59
CA GLY D 368 20.62 -8.08 -13.54
C GLY D 368 20.42 -9.02 -14.71
N VAL D 369 21.52 -9.40 -15.39
CA VAL D 369 21.48 -10.26 -16.57
C VAL D 369 21.28 -11.75 -16.21
N SER D 370 21.47 -12.11 -14.92
CA SER D 370 21.27 -13.47 -14.40
C SER D 370 19.79 -13.80 -14.17
N GLU D 371 18.95 -12.81 -13.86
CA GLU D 371 17.52 -12.99 -13.58
C GLU D 371 16.73 -13.51 -14.79
N PRO D 372 15.71 -14.37 -14.56
CA PRO D 372 14.87 -14.82 -15.69
C PRO D 372 14.12 -13.64 -16.32
N LEU D 373 14.02 -13.64 -17.64
CA LEU D 373 13.36 -12.60 -18.43
C LEU D 373 11.85 -12.51 -18.16
N LYS D 374 11.29 -11.29 -18.20
CA LYS D 374 9.86 -11.04 -18.00
C LYS D 374 9.12 -11.46 -19.26
N ARG D 375 7.85 -11.91 -19.12
CA ARG D 375 7.03 -12.36 -20.27
C ARG D 375 6.97 -11.26 -21.34
N LYS D 376 7.37 -11.63 -22.59
CA LYS D 376 7.42 -10.78 -23.77
C LYS D 376 8.40 -9.61 -23.60
N GLY D 377 9.38 -9.80 -22.71
CA GLY D 377 10.45 -8.85 -22.42
C GLY D 377 11.81 -9.51 -22.47
N ARG D 378 12.87 -8.72 -22.52
CA ARG D 378 14.23 -9.26 -22.62
C ARG D 378 15.12 -8.93 -21.40
N VAL D 379 14.48 -8.55 -20.27
CA VAL D 379 15.14 -8.26 -19.00
C VAL D 379 14.31 -8.86 -17.86
N GLY D 380 14.93 -8.96 -16.67
CA GLY D 380 14.29 -9.44 -15.46
C GLY D 380 13.66 -8.28 -14.70
N PRO D 381 13.00 -8.56 -13.55
CA PRO D 381 12.36 -7.46 -12.80
C PRO D 381 13.29 -6.29 -12.43
N LEU D 382 14.54 -6.57 -12.02
CA LEU D 382 15.49 -5.54 -11.61
C LEU D 382 15.88 -4.58 -12.74
N LEU D 383 16.35 -5.13 -13.86
CA LEU D 383 16.72 -4.28 -14.97
C LEU D 383 15.49 -3.58 -15.52
N ALA D 384 14.33 -4.30 -15.54
CA ALA D 384 13.04 -3.73 -15.97
C ALA D 384 12.75 -2.49 -15.13
N CYS D 385 12.99 -2.56 -13.81
CA CYS D 385 12.77 -1.44 -12.93
C CYS D 385 13.71 -0.27 -13.20
N ILE D 386 15.04 -0.53 -13.25
CA ILE D 386 16.03 0.51 -13.45
C ILE D 386 15.87 1.21 -14.79
N ILE D 387 15.69 0.42 -15.88
CA ILE D 387 15.48 0.92 -17.25
C ILE D 387 14.16 1.69 -17.36
N GLY D 388 13.07 1.08 -16.88
CA GLY D 388 11.75 1.68 -16.88
C GLY D 388 11.73 3.03 -16.17
N THR D 389 12.29 3.06 -14.95
CA THR D 389 12.40 4.27 -14.14
C THR D 389 13.14 5.40 -14.89
N GLN D 390 14.27 5.08 -15.56
CA GLN D 390 15.05 6.07 -16.27
C GLN D 390 14.31 6.62 -17.47
N PHE D 391 13.68 5.73 -18.28
CA PHE D 391 12.95 6.21 -19.45
C PHE D 391 11.72 7.04 -19.11
N ARG D 392 11.05 6.75 -17.97
CA ARG D 392 9.94 7.59 -17.59
C ARG D 392 10.40 9.02 -17.29
N LYS D 393 11.57 9.14 -16.62
CA LYS D 393 12.20 10.42 -16.28
C LYS D 393 12.61 11.20 -17.54
N LEU D 394 13.10 10.48 -18.56
CA LEU D 394 13.53 11.04 -19.85
C LEU D 394 12.35 11.58 -20.65
N ARG D 395 11.17 10.96 -20.46
CA ARG D 395 9.95 11.34 -21.15
C ARG D 395 9.19 12.46 -20.40
N ASP D 396 8.84 12.23 -19.12
CA ASP D 396 8.09 13.19 -18.28
C ASP D 396 8.86 14.47 -17.90
N GLY D 397 10.19 14.40 -17.96
CA GLY D 397 11.08 15.50 -17.61
C GLY D 397 11.69 16.22 -18.79
N ASP D 398 11.18 15.97 -19.97
CA ASP D 398 11.64 16.59 -21.20
C ASP D 398 10.59 17.58 -21.67
N ARG D 399 10.95 18.87 -21.68
CA ARG D 399 10.07 19.95 -22.09
C ARG D 399 9.85 19.93 -23.60
N PHE D 400 10.76 19.27 -24.34
CA PHE D 400 10.68 19.15 -25.80
C PHE D 400 10.21 17.77 -26.21
N TRP D 401 9.50 17.08 -25.29
CA TRP D 401 8.89 15.79 -25.61
C TRP D 401 7.86 16.08 -26.72
N TRP D 402 7.92 15.30 -27.81
CA TRP D 402 7.11 15.51 -29.01
C TRP D 402 5.60 15.68 -28.73
N GLU D 403 5.08 14.91 -27.77
CA GLU D 403 3.67 14.95 -27.41
C GLU D 403 3.28 16.13 -26.50
N ASN D 404 4.26 16.71 -25.79
CA ASN D 404 4.03 17.86 -24.91
C ASN D 404 3.51 19.02 -25.74
N GLU D 405 2.47 19.69 -25.22
CA GLU D 405 1.79 20.84 -25.83
C GLU D 405 2.81 21.95 -26.13
N GLY D 406 2.68 22.53 -27.32
CA GLY D 406 3.59 23.58 -27.79
C GLY D 406 4.73 23.12 -28.70
N VAL D 407 5.22 21.86 -28.50
CA VAL D 407 6.33 21.28 -29.27
C VAL D 407 5.94 21.06 -30.75
N PHE D 408 4.77 20.43 -31.02
CA PHE D 408 4.22 20.24 -32.37
C PHE D 408 2.72 20.54 -32.32
N SER D 409 2.08 20.74 -33.50
CA SER D 409 0.65 20.96 -33.59
C SER D 409 -0.05 19.58 -33.59
N MET D 410 -1.39 19.55 -33.39
CA MET D 410 -2.19 18.31 -33.42
C MET D 410 -1.94 17.59 -34.76
N GLN D 411 -1.94 18.35 -35.89
CA GLN D 411 -1.71 17.84 -37.25
C GLN D 411 -0.30 17.25 -37.43
N GLN D 412 0.74 17.94 -36.91
CA GLN D 412 2.14 17.48 -36.97
C GLN D 412 2.31 16.20 -36.16
N ARG D 413 1.65 16.11 -34.99
CA ARG D 413 1.68 14.93 -34.14
C ARG D 413 0.99 13.79 -34.87
N GLN D 414 -0.20 14.05 -35.44
CA GLN D 414 -0.98 13.07 -36.21
C GLN D 414 -0.13 12.49 -37.37
N ALA D 415 0.67 13.37 -38.03
CA ALA D 415 1.59 12.98 -39.09
C ALA D 415 2.74 12.13 -38.55
N LEU D 416 3.42 12.59 -37.48
CA LEU D 416 4.56 11.91 -36.84
C LEU D 416 4.21 10.51 -36.34
N ALA D 417 2.96 10.30 -35.89
CA ALA D 417 2.49 9.01 -35.42
C ALA D 417 2.60 7.93 -36.50
N GLN D 418 2.63 8.33 -37.79
CA GLN D 418 2.71 7.42 -38.93
C GLN D 418 4.13 6.96 -39.28
N ILE D 419 5.16 7.54 -38.62
CA ILE D 419 6.56 7.16 -38.85
C ILE D 419 6.86 5.77 -38.28
N SER D 420 7.93 5.15 -38.81
CA SER D 420 8.43 3.84 -38.41
C SER D 420 9.87 3.71 -38.91
N LEU D 421 10.68 2.87 -38.27
CA LEU D 421 12.04 2.59 -38.67
C LEU D 421 12.11 1.92 -40.07
N PRO D 422 11.23 0.93 -40.43
CA PRO D 422 11.31 0.37 -41.80
C PRO D 422 11.07 1.42 -42.89
N ARG D 423 10.15 2.37 -42.64
CA ARG D 423 9.91 3.46 -43.59
C ARG D 423 11.16 4.39 -43.72
N ILE D 424 11.84 4.70 -42.60
CA ILE D 424 13.07 5.49 -42.58
C ILE D 424 14.13 4.79 -43.49
N ILE D 425 14.22 3.45 -43.40
CA ILE D 425 15.13 2.65 -44.24
C ILE D 425 14.77 2.80 -45.72
N CYS D 426 13.47 2.65 -46.08
CA CYS D 426 12.93 2.77 -47.45
C CYS D 426 13.29 4.07 -48.11
N ASP D 427 13.08 5.18 -47.38
CA ASP D 427 13.32 6.53 -47.85
C ASP D 427 14.78 6.90 -48.03
N ASN D 428 15.72 6.18 -47.38
CA ASN D 428 17.13 6.57 -47.40
C ASN D 428 18.13 5.50 -47.84
N THR D 429 17.65 4.42 -48.50
CA THR D 429 18.51 3.32 -48.98
C THR D 429 17.93 2.76 -50.28
N GLY D 430 18.63 1.78 -50.85
CA GLY D 430 18.19 1.04 -52.02
C GLY D 430 17.40 -0.19 -51.62
N ILE D 431 17.05 -0.30 -50.31
CA ILE D 431 16.28 -1.42 -49.78
C ILE D 431 14.81 -1.18 -50.11
N THR D 432 14.20 -2.16 -50.80
CA THR D 432 12.81 -2.11 -51.29
C THR D 432 11.84 -3.06 -50.54
N THR D 433 12.39 -4.04 -49.79
CA THR D 433 11.62 -4.99 -49.00
C THR D 433 12.15 -4.91 -47.57
N VAL D 434 11.29 -4.53 -46.61
CA VAL D 434 11.66 -4.31 -45.21
C VAL D 434 10.85 -5.13 -44.20
N SER D 435 11.26 -5.09 -42.92
CA SER D 435 10.61 -5.76 -41.81
C SER D 435 9.18 -5.22 -41.65
N LYS D 436 8.23 -6.13 -41.39
CA LYS D 436 6.85 -5.77 -41.06
C LYS D 436 6.93 -5.20 -39.62
N ASN D 437 6.08 -4.23 -39.28
CA ASN D 437 6.09 -3.70 -37.93
C ASN D 437 5.53 -4.77 -36.97
N ASN D 438 6.17 -5.07 -35.82
CA ASN D 438 7.31 -4.38 -35.21
C ASN D 438 8.67 -4.88 -35.74
N ILE D 439 9.51 -3.93 -36.23
CA ILE D 439 10.85 -4.17 -36.78
C ILE D 439 11.75 -4.98 -35.82
N PHE D 440 11.63 -4.71 -34.51
CA PHE D 440 12.39 -5.35 -33.46
C PHE D 440 11.93 -6.79 -33.19
N MET D 441 10.69 -7.12 -33.60
CA MET D 441 10.15 -8.46 -33.46
C MET D 441 10.42 -9.27 -34.75
N SER D 442 10.20 -8.62 -35.92
CA SER D 442 10.41 -9.19 -37.25
C SER D 442 11.84 -9.60 -37.49
N ASN D 443 12.07 -10.92 -37.77
CA ASN D 443 13.44 -11.40 -37.99
C ASN D 443 13.60 -12.52 -39.05
N SER D 444 12.50 -12.93 -39.70
CA SER D 444 12.53 -14.01 -40.67
C SER D 444 12.01 -13.62 -42.04
N TYR D 445 12.86 -13.82 -43.07
CA TYR D 445 12.53 -13.53 -44.46
C TYR D 445 12.02 -14.82 -45.19
N PRO D 446 10.92 -14.74 -45.98
CA PRO D 446 10.07 -13.56 -46.26
C PRO D 446 8.90 -13.36 -45.31
N ARG D 447 8.67 -14.31 -44.38
CA ARG D 447 7.55 -14.32 -43.44
C ARG D 447 7.22 -12.95 -42.82
N ASP D 448 8.21 -12.32 -42.20
CA ASP D 448 8.06 -11.05 -41.49
C ASP D 448 8.43 -9.85 -42.36
N PHE D 449 8.36 -9.98 -43.70
CA PHE D 449 8.78 -8.90 -44.60
C PHE D 449 7.67 -8.39 -45.51
N VAL D 450 7.74 -7.09 -45.85
CA VAL D 450 6.79 -6.37 -46.70
C VAL D 450 7.49 -5.43 -47.67
N ASN D 451 6.75 -4.98 -48.70
CA ASN D 451 7.26 -4.01 -49.66
C ASN D 451 7.09 -2.61 -49.12
N CYS D 452 7.98 -1.69 -49.53
CA CYS D 452 7.99 -0.28 -49.14
C CYS D 452 6.71 0.47 -49.44
N SER D 453 6.12 0.20 -50.62
CA SER D 453 4.88 0.79 -51.12
C SER D 453 3.75 0.74 -50.11
N THR D 454 3.60 -0.42 -49.43
CA THR D 454 2.58 -0.68 -48.39
C THR D 454 2.72 0.25 -47.17
N LEU D 455 3.95 0.64 -46.83
CA LEU D 455 4.29 1.49 -45.69
C LEU D 455 3.94 2.96 -45.94
N PRO D 456 3.23 3.61 -44.99
CA PRO D 456 2.89 5.05 -45.19
C PRO D 456 4.06 6.01 -44.96
N ALA D 457 4.28 6.91 -45.93
CA ALA D 457 5.33 7.93 -45.84
C ALA D 457 4.96 9.06 -44.85
N LEU D 458 5.95 9.82 -44.35
CA LEU D 458 5.69 10.95 -43.46
C LEU D 458 5.20 12.12 -44.32
N ASN D 459 3.95 12.59 -44.04
CA ASN D 459 3.35 13.71 -44.76
C ASN D 459 3.76 14.99 -44.07
N LEU D 460 4.52 15.84 -44.79
CA LEU D 460 4.99 17.10 -44.22
C LEU D 460 4.07 18.31 -44.49
N ALA D 461 2.87 18.08 -45.06
CA ALA D 461 1.89 19.13 -45.38
C ALA D 461 1.66 20.13 -44.21
N SER D 462 1.51 19.62 -42.98
CA SER D 462 1.30 20.40 -41.76
C SER D 462 2.50 21.28 -41.37
N TRP D 463 3.61 21.21 -42.15
CA TRP D 463 4.81 22.00 -41.91
C TRP D 463 4.89 23.23 -42.83
N ARG D 464 3.97 23.37 -43.84
CA ARG D 464 3.94 24.53 -44.75
C ARG D 464 3.45 25.76 -43.97
N GLU D 465 4.30 26.82 -43.92
CA GLU D 465 4.05 28.07 -43.19
C GLU D 465 3.14 28.99 -43.97
N CYS E 1 -1.05 -18.70 16.33
CA CYS E 1 -2.14 -19.45 16.95
C CYS E 1 -1.61 -20.67 17.75
N PRO E 2 -1.49 -20.60 19.10
CA PRO E 2 -0.96 -21.75 19.87
C PRO E 2 -1.85 -23.00 19.89
N GLU E 3 -1.20 -24.18 19.77
CA GLU E 3 -1.84 -25.51 19.75
C GLU E 3 -2.45 -25.91 21.12
N GLN E 4 -2.03 -25.23 22.21
CA GLN E 4 -2.52 -25.44 23.57
C GLN E 4 -2.46 -24.13 24.35
N ASP E 5 -3.54 -23.79 25.07
CA ASP E 5 -3.69 -22.57 25.88
C ASP E 5 -4.70 -22.75 27.02
N LYS E 6 -4.48 -22.09 28.15
CA LYS E 6 -5.40 -22.22 29.30
C LYS E 6 -6.33 -21.01 29.38
N TYR E 7 -5.87 -19.84 28.85
CA TYR E 7 -6.61 -18.58 28.94
C TYR E 7 -6.95 -17.93 27.64
N ARG E 8 -8.00 -17.11 27.70
CA ARG E 8 -8.50 -16.32 26.59
C ARG E 8 -7.48 -15.24 26.27
N THR E 9 -7.45 -14.81 24.99
CA THR E 9 -6.63 -13.68 24.59
C THR E 9 -7.50 -12.45 24.78
N ILE E 10 -6.87 -11.31 25.00
CA ILE E 10 -7.60 -10.07 25.21
C ILE E 10 -8.44 -9.70 23.99
N THR E 11 -7.88 -9.84 22.77
CA THR E 11 -8.57 -9.49 21.51
C THR E 11 -9.57 -10.53 21.05
N GLY E 12 -9.53 -11.71 21.66
CA GLY E 12 -10.44 -12.80 21.33
C GLY E 12 -9.94 -13.68 20.22
N MET E 13 -8.81 -13.26 19.58
CA MET E 13 -8.08 -13.96 18.52
C MET E 13 -7.74 -15.38 19.03
N CYS E 14 -7.79 -16.38 18.13
CA CYS E 14 -7.47 -17.78 18.40
C CYS E 14 -8.52 -18.56 19.18
N ASN E 15 -9.70 -17.95 19.50
CA ASN E 15 -10.78 -18.68 20.19
C ASN E 15 -11.21 -19.81 19.24
N ASN E 16 -11.54 -19.46 17.98
CA ASN E 16 -11.84 -20.43 16.95
C ASN E 16 -10.50 -20.74 16.31
N ARG E 17 -10.07 -22.01 16.30
CA ARG E 17 -8.76 -22.32 15.76
C ARG E 17 -8.71 -22.33 14.22
N ARG E 18 -9.84 -22.68 13.55
CA ARG E 18 -9.94 -22.76 12.09
C ARG E 18 -10.04 -21.41 11.43
N SER E 19 -10.80 -20.50 12.04
CA SER E 19 -10.99 -19.13 11.58
C SER E 19 -10.67 -18.25 12.82
N PRO E 20 -9.36 -18.02 13.09
CA PRO E 20 -8.96 -17.37 14.36
C PRO E 20 -9.41 -15.93 14.63
N THR E 21 -9.99 -15.22 13.65
CA THR E 21 -10.47 -13.84 13.89
C THR E 21 -11.92 -13.81 14.35
N LEU E 22 -12.66 -14.95 14.22
CA LEU E 22 -14.08 -15.06 14.57
C LEU E 22 -14.35 -14.78 16.06
N GLY E 23 -15.09 -13.71 16.31
CA GLY E 23 -15.37 -13.27 17.66
C GLY E 23 -14.31 -12.33 18.20
N ALA E 24 -13.22 -12.11 17.44
CA ALA E 24 -12.15 -11.20 17.84
C ALA E 24 -12.55 -9.74 17.59
N SER E 25 -11.88 -8.81 18.29
CA SER E 25 -12.15 -7.37 18.22
C SER E 25 -11.70 -6.72 16.89
N ASN E 26 -12.25 -5.53 16.58
CA ASN E 26 -11.96 -4.71 15.40
C ASN E 26 -12.08 -5.52 14.09
N ARG E 27 -13.25 -6.12 13.88
CA ARG E 27 -13.57 -6.92 12.70
C ARG E 27 -15.01 -6.61 12.28
N ALA E 28 -15.31 -6.78 10.97
CA ALA E 28 -16.66 -6.52 10.45
C ALA E 28 -17.70 -7.45 11.04
N PHE E 29 -18.92 -6.95 11.25
CA PHE E 29 -20.01 -7.78 11.79
C PHE E 29 -20.36 -8.83 10.74
N VAL E 30 -20.92 -9.96 11.19
CA VAL E 30 -21.46 -10.94 10.25
C VAL E 30 -22.88 -10.36 9.86
N ARG E 31 -23.37 -10.70 8.67
CA ARG E 31 -24.70 -10.27 8.24
C ARG E 31 -25.55 -11.51 8.16
N TRP E 32 -26.76 -11.46 8.76
CA TRP E 32 -27.71 -12.57 8.67
C TRP E 32 -28.59 -12.43 7.43
N LEU E 33 -28.69 -11.20 6.88
CA LEU E 33 -29.41 -10.88 5.65
C LEU E 33 -28.57 -9.88 4.84
N PRO E 34 -28.67 -9.87 3.47
CA PRO E 34 -27.89 -8.86 2.71
C PRO E 34 -28.40 -7.45 3.01
N ALA E 35 -27.48 -6.50 3.10
CA ALA E 35 -27.81 -5.09 3.39
C ALA E 35 -28.72 -4.46 2.31
N GLU E 36 -29.50 -3.43 2.72
CA GLU E 36 -30.45 -2.70 1.90
C GLU E 36 -30.13 -1.22 1.99
N TYR E 37 -29.45 -0.72 0.96
CA TYR E 37 -29.04 0.67 0.84
C TYR E 37 -29.72 1.27 -0.40
N GLU E 38 -29.95 2.59 -0.34
CA GLU E 38 -30.54 3.43 -1.39
C GLU E 38 -29.87 3.21 -2.76
N ASP E 39 -28.52 3.07 -2.80
CA ASP E 39 -27.74 2.85 -4.03
C ASP E 39 -27.32 1.37 -4.23
N GLY E 40 -27.75 0.51 -3.31
CA GLY E 40 -27.39 -0.91 -3.34
C GLY E 40 -26.21 -1.30 -2.49
N PHE E 41 -25.20 -0.40 -2.32
CA PHE E 41 -23.96 -0.77 -1.62
C PHE E 41 -23.49 0.18 -0.46
N SER E 42 -23.92 1.46 -0.41
CA SER E 42 -23.43 2.34 0.67
C SER E 42 -24.39 3.41 1.19
N LEU E 43 -25.20 4.05 0.35
CA LEU E 43 -26.05 5.15 0.77
C LEU E 43 -27.26 4.70 1.57
N PRO E 44 -27.50 5.29 2.74
CA PRO E 44 -28.64 4.88 3.55
C PRO E 44 -29.98 5.36 2.98
N TYR E 45 -31.07 4.57 3.20
CA TYR E 45 -32.42 4.98 2.78
C TYR E 45 -32.72 6.24 3.58
N GLY E 46 -33.06 7.32 2.89
CA GLY E 46 -33.28 8.62 3.50
C GLY E 46 -32.20 9.63 3.11
N TRP E 47 -31.10 9.12 2.53
CA TRP E 47 -29.99 9.95 2.09
C TRP E 47 -30.43 10.96 1.01
N THR E 48 -31.06 10.50 -0.05
CA THR E 48 -31.49 11.36 -1.13
C THR E 48 -32.95 11.78 -1.01
N PRO E 49 -33.20 13.11 -0.96
CA PRO E 49 -34.59 13.62 -0.97
C PRO E 49 -35.39 13.06 -2.14
N GLY E 50 -36.59 12.58 -1.84
CA GLY E 50 -37.51 12.04 -2.82
C GLY E 50 -37.34 10.58 -3.22
N VAL E 51 -36.15 9.98 -2.93
CA VAL E 51 -35.93 8.57 -3.26
C VAL E 51 -36.72 7.65 -2.32
N LYS E 52 -37.64 6.85 -2.91
CA LYS E 52 -38.51 5.94 -2.14
C LYS E 52 -37.86 4.61 -1.85
N ARG E 53 -38.28 3.97 -0.76
CA ARG E 53 -37.87 2.62 -0.39
C ARG E 53 -39.10 1.76 -0.67
N ASN E 54 -38.95 0.69 -1.51
CA ASN E 54 -40.03 -0.25 -1.88
C ASN E 54 -41.29 0.48 -2.37
N GLY E 55 -41.13 1.55 -3.14
CA GLY E 55 -42.25 2.33 -3.63
C GLY E 55 -42.95 3.22 -2.60
N PHE E 56 -42.29 3.46 -1.45
CA PHE E 56 -42.86 4.30 -0.38
C PHE E 56 -41.89 5.38 0.10
N PRO E 57 -42.37 6.62 0.35
CA PRO E 57 -41.48 7.66 0.90
C PRO E 57 -40.86 7.21 2.23
N VAL E 58 -39.60 7.55 2.43
CA VAL E 58 -38.87 7.21 3.64
C VAL E 58 -39.30 8.18 4.77
N ALA E 59 -39.83 7.61 5.85
CA ALA E 59 -40.26 8.35 7.03
C ALA E 59 -39.03 8.86 7.78
N LEU E 60 -39.10 10.10 8.30
CA LEU E 60 -38.03 10.69 9.10
C LEU E 60 -38.02 9.95 10.47
N ALA E 61 -36.82 9.46 10.93
CA ALA E 61 -36.66 8.78 12.24
C ALA E 61 -37.31 9.61 13.37
N ARG E 62 -37.06 10.95 13.38
CA ARG E 62 -37.64 11.86 14.37
C ARG E 62 -39.17 11.91 14.29
N ALA E 63 -39.73 11.88 13.05
CA ALA E 63 -41.18 11.90 12.86
C ALA E 63 -41.80 10.60 13.42
N VAL E 64 -41.15 9.43 13.16
CA VAL E 64 -41.62 8.14 13.69
C VAL E 64 -41.59 8.20 15.23
N SER E 65 -40.46 8.70 15.79
CA SER E 65 -40.25 8.86 17.23
C SER E 65 -41.33 9.76 17.84
N ASN E 66 -41.65 10.87 17.18
CA ASN E 66 -42.67 11.82 17.63
C ASN E 66 -44.09 11.23 17.63
N GLU E 67 -44.44 10.51 16.56
CA GLU E 67 -45.78 9.95 16.37
C GLU E 67 -46.04 8.63 17.04
N ILE E 68 -45.01 7.76 17.18
CA ILE E 68 -45.17 6.43 17.73
C ILE E 68 -44.58 6.26 19.12
N VAL E 69 -43.33 6.71 19.32
CA VAL E 69 -42.60 6.49 20.57
C VAL E 69 -43.06 7.43 21.72
N ARG E 70 -43.21 8.74 21.44
CA ARG E 70 -43.61 9.75 22.42
C ARG E 70 -44.86 9.40 23.23
N PHE E 71 -44.80 9.63 24.56
CA PHE E 71 -45.91 9.39 25.51
C PHE E 71 -45.75 10.23 26.80
N PRO E 72 -46.82 10.51 27.60
CA PRO E 72 -46.65 11.32 28.82
C PRO E 72 -45.96 10.54 29.94
N THR E 73 -44.84 11.07 30.46
CA THR E 73 -44.02 10.44 31.49
C THR E 73 -44.83 10.03 32.73
N ASP E 74 -45.81 10.87 33.14
CA ASP E 74 -46.69 10.63 34.28
C ASP E 74 -47.47 9.31 34.17
N GLN E 75 -47.67 8.82 32.93
CA GLN E 75 -48.39 7.60 32.59
C GLN E 75 -47.59 6.31 32.71
N LEU E 76 -46.25 6.41 32.82
CA LEU E 76 -45.31 5.30 32.94
C LEU E 76 -45.83 4.18 33.86
N THR E 77 -45.82 2.93 33.37
CA THR E 77 -46.25 1.77 34.14
C THR E 77 -44.98 1.10 34.70
N PRO E 78 -44.74 1.07 36.02
CA PRO E 78 -43.59 0.30 36.53
C PRO E 78 -43.86 -1.20 36.34
N ASP E 79 -42.83 -1.98 36.07
CA ASP E 79 -42.97 -3.42 35.87
C ASP E 79 -43.10 -4.11 37.22
N GLN E 80 -44.20 -4.83 37.43
CA GLN E 80 -44.39 -5.55 38.70
C GLN E 80 -43.43 -6.75 38.86
N GLU E 81 -42.86 -7.25 37.75
CA GLU E 81 -41.99 -8.43 37.80
C GLU E 81 -40.56 -8.20 37.28
N ARG E 82 -40.11 -6.93 37.19
CA ARG E 82 -38.74 -6.60 36.76
C ARG E 82 -38.17 -5.42 37.52
N SER E 83 -36.89 -5.53 37.92
CA SER E 83 -36.13 -4.49 38.63
C SER E 83 -35.36 -3.62 37.64
N LEU E 84 -34.83 -2.45 38.07
CA LEU E 84 -34.00 -1.64 37.19
C LEU E 84 -32.69 -2.33 36.91
N MET E 85 -32.31 -3.25 37.81
CA MET E 85 -31.13 -4.12 37.69
C MET E 85 -31.20 -4.93 36.41
N PHE E 86 -32.43 -5.35 36.01
CA PHE E 86 -32.69 -6.06 34.75
C PHE E 86 -32.33 -5.18 33.54
N MET E 87 -32.62 -3.87 33.63
CA MET E 87 -32.29 -2.90 32.61
C MET E 87 -30.77 -2.74 32.57
N GLN E 88 -30.15 -2.45 33.74
CA GLN E 88 -28.71 -2.18 33.82
C GLN E 88 -27.83 -3.35 33.43
N TRP E 89 -28.24 -4.60 33.75
CA TRP E 89 -27.44 -5.75 33.37
C TRP E 89 -27.36 -5.85 31.85
N GLY E 90 -28.48 -5.62 31.16
CA GLY E 90 -28.57 -5.64 29.71
C GLY E 90 -27.59 -4.66 29.08
N GLN E 91 -27.55 -3.43 29.61
CA GLN E 91 -26.61 -2.45 29.09
C GLN E 91 -25.17 -2.96 29.30
N LEU E 92 -24.86 -3.39 30.55
CA LEU E 92 -23.53 -3.90 30.91
C LEU E 92 -23.14 -5.07 30.00
N LEU E 93 -24.11 -5.97 29.71
CA LEU E 93 -23.96 -7.12 28.84
C LEU E 93 -23.70 -6.68 27.40
N ASP E 94 -24.42 -5.64 26.95
CA ASP E 94 -24.27 -5.11 25.60
C ASP E 94 -22.82 -4.66 25.39
N HIS E 95 -22.23 -4.09 26.46
CA HIS E 95 -20.88 -3.52 26.45
C HIS E 95 -19.78 -4.59 26.51
N ASP E 96 -20.18 -5.87 26.64
CA ASP E 96 -19.28 -7.03 26.59
C ASP E 96 -19.35 -7.59 25.16
N LEU E 97 -20.41 -7.23 24.42
CA LEU E 97 -20.67 -7.79 23.10
C LEU E 97 -20.35 -6.92 21.93
N ASP E 98 -20.91 -5.69 21.88
CA ASP E 98 -20.66 -4.83 20.73
C ASP E 98 -20.53 -3.34 21.01
N PHE E 99 -19.61 -2.73 20.27
CA PHE E 99 -19.37 -1.28 20.20
C PHE E 99 -19.04 -0.98 18.73
N THR E 100 -19.86 -0.13 18.10
CA THR E 100 -19.72 0.26 16.71
C THR E 100 -19.05 1.64 16.61
N PRO E 101 -17.74 1.67 16.25
CA PRO E 101 -17.03 2.96 16.17
C PRO E 101 -17.54 3.95 15.12
N GLU E 102 -17.35 5.24 15.37
CA GLU E 102 -17.72 6.38 14.52
C GLU E 102 -16.46 7.22 14.27
N PRO E 103 -16.43 8.07 13.21
CA PRO E 103 -15.22 8.86 12.90
C PRO E 103 -14.76 9.84 13.98
N ASN F 2 -17.98 18.88 10.32
CA ASN F 2 -18.13 18.48 11.72
C ASN F 2 -19.60 18.15 12.02
N CYS F 3 -19.93 16.83 12.22
CA CYS F 3 -21.29 16.35 12.47
C CYS F 3 -21.94 16.93 13.71
N GLU F 4 -21.11 17.24 14.72
CA GLU F 4 -21.53 17.84 16.01
C GLU F 4 -22.17 19.22 15.84
N THR F 5 -21.69 20.04 14.87
CA THR F 5 -22.17 21.42 14.71
C THR F 5 -22.88 21.74 13.37
N SER F 6 -22.61 20.98 12.32
CA SER F 6 -23.21 21.25 11.01
C SER F 6 -24.47 20.43 10.75
N CYS F 7 -25.34 20.93 9.86
CA CYS F 7 -26.58 20.27 9.46
C CYS F 7 -26.51 19.74 8.02
N VAL F 8 -25.36 19.94 7.39
CA VAL F 8 -25.09 19.53 6.01
C VAL F 8 -24.87 18.02 5.94
N GLN F 9 -25.54 17.36 4.97
CA GLN F 9 -25.41 15.93 4.73
C GLN F 9 -24.19 15.65 3.80
N GLN F 10 -22.98 15.69 4.40
CA GLN F 10 -21.71 15.41 3.72
C GLN F 10 -21.03 14.29 4.51
N PRO F 11 -20.57 13.19 3.84
CA PRO F 11 -19.92 12.09 4.60
C PRO F 11 -18.82 12.58 5.55
N PRO F 12 -18.74 12.07 6.79
CA PRO F 12 -19.53 10.98 7.40
C PRO F 12 -20.82 11.40 8.11
N CYS F 13 -21.32 12.63 7.83
CA CYS F 13 -22.54 13.15 8.47
C CYS F 13 -23.77 12.63 7.81
N PHE F 14 -24.70 12.12 8.61
CA PHE F 14 -26.02 11.69 8.15
C PHE F 14 -27.04 12.32 9.13
N PRO F 15 -27.15 13.67 9.16
CA PRO F 15 -28.05 14.30 10.16
C PRO F 15 -29.52 13.93 10.05
N LEU F 16 -30.18 13.93 11.19
CA LEU F 16 -31.61 13.62 11.28
C LEU F 16 -32.40 14.90 11.02
N LYS F 17 -33.07 14.99 9.86
CA LYS F 17 -33.92 16.10 9.48
C LYS F 17 -35.10 16.24 10.47
N ILE F 18 -35.54 17.48 10.73
CA ILE F 18 -36.62 17.79 11.68
C ILE F 18 -37.98 17.87 10.97
N PRO F 19 -39.02 17.15 11.46
CA PRO F 19 -40.32 17.21 10.79
C PRO F 19 -41.08 18.50 11.13
N PRO F 20 -42.14 18.88 10.37
CA PRO F 20 -42.91 20.07 10.76
C PRO F 20 -43.71 19.81 12.05
N ASN F 21 -43.98 20.88 12.81
CA ASN F 21 -44.73 20.84 14.08
C ASN F 21 -44.13 19.84 15.09
N ASP F 22 -42.80 19.83 15.21
CA ASP F 22 -42.04 18.99 16.15
C ASP F 22 -42.32 19.52 17.58
N PRO F 23 -42.49 18.63 18.60
CA PRO F 23 -42.78 19.13 19.96
C PRO F 23 -41.66 19.91 20.64
N ARG F 24 -40.40 19.72 20.21
CA ARG F 24 -39.23 20.36 20.81
C ARG F 24 -38.46 21.29 19.86
N ILE F 25 -38.06 20.78 18.66
CA ILE F 25 -37.23 21.54 17.71
C ILE F 25 -38.12 22.32 16.72
N LYS F 26 -38.30 23.62 17.00
CA LYS F 26 -39.16 24.48 16.19
C LYS F 26 -38.49 24.97 14.89
N ASN F 27 -37.15 24.94 14.79
CA ASN F 27 -36.42 25.34 13.59
C ASN F 27 -36.24 24.11 12.68
N GLN F 28 -36.90 24.11 11.50
CA GLN F 28 -36.81 22.99 10.54
C GLN F 28 -35.47 22.91 9.80
N ALA F 29 -34.67 24.01 9.84
CA ALA F 29 -33.34 24.04 9.24
C ALA F 29 -32.34 23.38 10.16
N ASP F 30 -32.67 23.28 11.47
CA ASP F 30 -31.84 22.59 12.47
C ASP F 30 -31.89 21.06 12.22
N CYS F 31 -31.16 20.27 13.03
CA CYS F 31 -31.10 18.82 12.90
C CYS F 31 -30.57 18.16 14.17
N ILE F 32 -30.60 16.83 14.20
CA ILE F 32 -30.02 16.03 15.27
C ILE F 32 -28.72 15.45 14.71
N PRO F 33 -27.56 15.75 15.37
CA PRO F 33 -26.26 15.25 14.88
C PRO F 33 -26.17 13.73 14.80
N PHE F 34 -25.48 13.25 13.76
CA PHE F 34 -25.31 11.83 13.50
C PHE F 34 -24.10 11.57 12.61
N PHE F 35 -23.18 10.74 13.09
CA PHE F 35 -21.98 10.31 12.37
C PHE F 35 -22.26 8.89 11.93
N ARG F 36 -22.04 8.60 10.64
CA ARG F 36 -22.21 7.25 10.11
C ARG F 36 -21.18 6.37 10.74
N SER F 37 -21.56 5.13 11.06
CA SER F 37 -20.62 4.18 11.63
C SER F 37 -19.51 3.90 10.62
N CYS F 38 -18.28 3.78 11.15
CA CYS F 38 -17.05 3.53 10.38
C CYS F 38 -17.24 2.35 9.43
N PRO F 39 -16.96 2.50 8.12
CA PRO F 39 -17.11 1.33 7.22
C PRO F 39 -15.94 0.36 7.37
N ALA F 40 -16.20 -0.94 7.24
CA ALA F 40 -15.18 -2.00 7.32
C ALA F 40 -14.18 -1.87 6.17
N CYS F 41 -14.68 -1.40 5.01
CA CYS F 41 -13.90 -1.16 3.80
C CYS F 41 -14.11 0.28 3.28
N PRO F 42 -13.31 1.26 3.78
CA PRO F 42 -13.50 2.68 3.35
C PRO F 42 -13.26 2.97 1.87
N GLY F 43 -14.15 3.77 1.31
CA GLY F 43 -14.11 4.26 -0.06
C GLY F 43 -14.39 3.28 -1.19
N SER F 44 -14.76 2.03 -0.85
CA SER F 44 -15.02 1.00 -1.86
C SER F 44 -16.30 1.17 -2.64
N ASN F 45 -16.22 0.98 -3.95
CA ASN F 45 -17.37 1.01 -4.85
C ASN F 45 -17.80 -0.41 -5.20
N ILE F 46 -17.08 -1.44 -4.65
CA ILE F 46 -17.28 -2.87 -4.91
C ILE F 46 -18.06 -3.56 -3.79
N THR F 47 -17.56 -3.44 -2.56
CA THR F 47 -18.13 -4.10 -1.41
C THR F 47 -19.42 -3.45 -0.95
N ILE F 48 -20.29 -4.24 -0.30
CA ILE F 48 -21.52 -3.71 0.28
C ILE F 48 -21.10 -3.28 1.67
N ARG F 49 -21.24 -1.96 1.95
CA ARG F 49 -20.88 -1.32 3.21
C ARG F 49 -21.30 -2.13 4.41
N ASN F 50 -20.35 -2.37 5.30
CA ASN F 50 -20.56 -3.09 6.55
C ASN F 50 -19.85 -2.31 7.69
N GLN F 51 -20.26 -2.54 8.93
CA GLN F 51 -19.70 -1.84 10.05
C GLN F 51 -18.74 -2.73 10.87
N ILE F 52 -18.02 -2.15 11.85
CA ILE F 52 -17.00 -2.88 12.64
C ILE F 52 -17.44 -3.09 14.08
N ASN F 53 -17.04 -4.24 14.68
CA ASN F 53 -17.25 -4.45 16.11
C ASN F 53 -15.88 -4.26 16.76
N ALA F 54 -15.74 -3.24 17.59
CA ALA F 54 -14.48 -2.89 18.28
C ALA F 54 -14.14 -3.82 19.48
N LEU F 55 -15.14 -4.63 19.89
CA LEU F 55 -15.06 -5.53 21.04
C LEU F 55 -15.08 -7.00 20.64
N THR F 56 -14.70 -7.87 21.58
CA THR F 56 -14.78 -9.32 21.43
C THR F 56 -16.26 -9.68 21.61
N SER F 57 -16.82 -10.48 20.70
CA SER F 57 -18.23 -10.88 20.73
C SER F 57 -18.54 -11.75 21.96
N PHE F 58 -17.54 -12.49 22.46
CA PHE F 58 -17.66 -13.39 23.59
C PHE F 58 -18.10 -12.71 24.85
N VAL F 59 -18.91 -13.42 25.65
CA VAL F 59 -19.39 -13.00 26.97
C VAL F 59 -18.17 -13.41 27.84
N ASP F 60 -17.09 -12.58 27.76
CA ASP F 60 -15.77 -12.81 28.37
C ASP F 60 -15.34 -11.74 29.35
N ALA F 61 -16.29 -10.87 29.75
CA ALA F 61 -16.08 -9.74 30.65
C ALA F 61 -15.09 -8.74 30.07
N SER F 62 -15.13 -8.54 28.73
CA SER F 62 -14.24 -7.60 28.07
C SER F 62 -14.57 -6.12 28.43
N MET F 63 -15.76 -5.87 29.04
CA MET F 63 -16.10 -4.52 29.52
C MET F 63 -15.31 -4.21 30.79
N VAL F 64 -14.65 -5.24 31.34
CA VAL F 64 -13.80 -5.17 32.52
C VAL F 64 -12.32 -5.17 32.12
N TYR F 65 -11.93 -6.09 31.26
CA TYR F 65 -10.52 -6.30 30.90
C TYR F 65 -10.03 -5.60 29.63
N GLY F 66 -10.94 -5.29 28.72
CA GLY F 66 -10.57 -4.66 27.45
C GLY F 66 -10.52 -5.67 26.33
N SER F 67 -10.62 -5.20 25.09
CA SER F 67 -10.59 -6.04 23.89
C SER F 67 -9.32 -5.75 23.06
N GLU F 68 -8.41 -4.94 23.62
CA GLU F 68 -7.13 -4.56 23.01
C GLU F 68 -6.02 -4.64 24.07
N GLU F 69 -4.87 -5.26 23.70
CA GLU F 69 -3.74 -5.51 24.60
C GLU F 69 -3.16 -4.23 25.27
N PRO F 70 -2.88 -3.09 24.56
CA PRO F 70 -2.37 -1.89 25.28
C PRO F 70 -3.30 -1.44 26.41
N LEU F 71 -4.64 -1.34 26.14
CA LEU F 71 -5.67 -0.98 27.12
C LEU F 71 -5.69 -1.96 28.28
N ALA F 72 -5.67 -3.27 27.99
CA ALA F 72 -5.67 -4.35 29.00
C ALA F 72 -4.47 -4.22 29.96
N ARG F 73 -3.30 -3.89 29.42
CA ARG F 73 -2.10 -3.66 30.23
C ARG F 73 -2.33 -2.44 31.15
N ASN F 74 -2.83 -1.31 30.60
CA ASN F 74 -3.10 -0.09 31.35
C ASN F 74 -4.04 -0.31 32.51
N LEU F 75 -5.11 -1.09 32.31
CA LEU F 75 -6.11 -1.39 33.33
C LEU F 75 -5.56 -2.20 34.51
N ARG F 76 -4.40 -2.83 34.30
CA ARG F 76 -3.73 -3.65 35.30
C ARG F 76 -2.85 -2.85 36.21
N ASN F 77 -2.74 -3.32 37.44
CA ASN F 77 -1.84 -2.74 38.40
C ASN F 77 -0.50 -3.48 38.20
N MET F 78 0.51 -2.78 37.65
CA MET F 78 1.84 -3.34 37.38
C MET F 78 2.85 -3.01 38.49
N SER F 79 2.38 -2.42 39.61
CA SER F 79 3.23 -2.04 40.75
C SER F 79 3.71 -3.26 41.58
N ASN F 80 3.06 -4.42 41.43
CA ASN F 80 3.38 -5.63 42.19
C ASN F 80 2.99 -6.91 41.45
N GLN F 81 3.16 -8.07 42.12
CA GLN F 81 2.88 -9.41 41.60
C GLN F 81 1.60 -10.02 42.22
N LEU F 82 0.58 -9.17 42.47
CA LEU F 82 -0.68 -9.60 43.08
C LEU F 82 -1.85 -9.77 42.08
N GLY F 83 -1.57 -9.57 40.79
CA GLY F 83 -2.47 -9.71 39.68
C GLY F 83 -3.79 -8.96 39.74
N LEU F 84 -3.75 -7.74 40.31
CA LEU F 84 -4.90 -6.89 40.50
C LEU F 84 -5.13 -5.98 39.31
N LEU F 85 -6.32 -5.38 39.29
CA LEU F 85 -6.72 -4.37 38.33
C LEU F 85 -6.48 -3.04 39.06
N ALA F 86 -6.00 -2.01 38.34
CA ALA F 86 -5.71 -0.69 38.89
C ALA F 86 -6.97 -0.03 39.52
N VAL F 87 -6.78 0.76 40.55
CA VAL F 87 -7.87 1.44 41.26
C VAL F 87 -7.61 2.96 41.28
N ASN F 88 -8.66 3.75 41.57
CA ASN F 88 -8.55 5.20 41.66
C ASN F 88 -7.55 5.55 42.76
N GLN F 89 -6.55 6.38 42.43
CA GLN F 89 -5.51 6.76 43.38
C GLN F 89 -5.84 8.02 44.18
N ARG F 90 -6.96 8.68 43.84
CA ARG F 90 -7.36 9.92 44.50
C ARG F 90 -8.60 9.75 45.37
N PHE F 91 -9.48 8.76 45.06
CA PHE F 91 -10.75 8.57 45.78
C PHE F 91 -11.08 7.13 46.06
N GLN F 92 -11.89 6.93 47.14
CA GLN F 92 -12.42 5.64 47.62
C GLN F 92 -13.91 5.79 48.02
N ASP F 93 -14.67 4.69 48.04
CA ASP F 93 -16.09 4.67 48.43
C ASP F 93 -16.18 3.90 49.76
N ASN F 94 -16.03 4.63 50.91
CA ASN F 94 -16.00 4.04 52.26
C ASN F 94 -14.88 2.98 52.31
N GLY F 95 -13.67 3.37 51.92
CA GLY F 95 -12.49 2.50 51.87
C GLY F 95 -12.49 1.52 50.71
N ARG F 96 -13.57 1.49 49.93
CA ARG F 96 -13.70 0.57 48.79
C ARG F 96 -13.21 1.23 47.50
N ALA F 97 -12.66 0.41 46.60
CA ALA F 97 -12.10 0.86 45.35
C ALA F 97 -13.09 1.48 44.36
N LEU F 98 -12.63 2.51 43.66
CA LEU F 98 -13.32 3.17 42.56
C LEU F 98 -12.46 2.92 41.30
N LEU F 99 -13.07 3.01 40.10
CA LEU F 99 -12.35 2.81 38.84
C LEU F 99 -11.30 3.93 38.67
N PRO F 100 -10.16 3.69 37.98
CA PRO F 100 -9.21 4.78 37.77
C PRO F 100 -9.82 5.83 36.84
N PHE F 101 -9.18 7.00 36.75
CA PHE F 101 -9.66 8.03 35.86
C PHE F 101 -9.05 7.87 34.47
N ASP F 102 -9.75 8.37 33.47
CA ASP F 102 -9.25 8.34 32.11
C ASP F 102 -8.65 9.72 31.80
N ASN F 103 -7.70 9.74 30.86
CA ASN F 103 -7.04 10.95 30.44
C ASN F 103 -7.48 11.23 29.01
N LEU F 104 -8.66 11.86 28.87
CA LEU F 104 -9.25 12.19 27.57
C LEU F 104 -9.00 13.63 27.19
N HIS F 105 -8.80 13.89 25.88
CA HIS F 105 -8.59 15.25 25.36
C HIS F 105 -9.84 16.10 25.65
N ASP F 106 -11.02 15.64 25.20
CA ASP F 106 -12.32 16.27 25.43
C ASP F 106 -13.11 15.26 26.29
N ASP F 107 -13.08 15.49 27.62
CA ASP F 107 -13.71 14.64 28.62
C ASP F 107 -15.16 15.09 28.85
N PRO F 108 -16.18 14.26 28.48
CA PRO F 108 -17.58 14.71 28.66
C PRO F 108 -18.00 14.84 30.11
N CYS F 109 -17.38 14.04 31.01
CA CYS F 109 -17.71 14.00 32.44
C CYS F 109 -17.43 15.30 33.17
N LEU F 110 -16.39 16.04 32.76
CA LEU F 110 -16.09 17.33 33.35
C LEU F 110 -17.21 18.31 32.99
N LEU F 111 -17.79 18.18 31.76
CA LEU F 111 -18.86 19.07 31.30
C LEU F 111 -20.07 19.07 32.20
N THR F 112 -20.42 17.90 32.75
CA THR F 112 -21.57 17.71 33.66
C THR F 112 -21.39 18.53 34.97
N ASN F 113 -20.14 18.91 35.27
CA ASN F 113 -19.82 19.65 36.48
C ASN F 113 -18.50 20.43 36.48
N ARG F 114 -18.54 21.77 36.33
CA ARG F 114 -17.32 22.55 36.33
C ARG F 114 -16.56 22.48 37.64
N SER F 115 -17.18 22.90 38.76
CA SER F 115 -16.55 22.96 40.09
C SER F 115 -15.99 21.60 40.58
N ALA F 116 -16.76 20.50 40.44
CA ALA F 116 -16.36 19.16 40.88
C ALA F 116 -15.08 18.63 40.24
N ARG F 117 -14.82 19.00 38.96
CA ARG F 117 -13.63 18.60 38.19
C ARG F 117 -13.31 17.09 38.26
N ILE F 118 -14.36 16.21 38.14
CA ILE F 118 -14.21 14.72 38.20
C ILE F 118 -14.21 14.09 36.78
N PRO F 119 -13.03 13.67 36.28
CA PRO F 119 -12.98 13.06 34.94
C PRO F 119 -13.65 11.71 34.83
N CYS F 120 -13.86 11.26 33.57
CA CYS F 120 -14.43 9.98 33.17
C CYS F 120 -13.61 8.84 33.74
N PHE F 121 -14.30 7.79 34.18
CA PHE F 121 -13.64 6.59 34.68
C PHE F 121 -13.06 5.78 33.52
N LEU F 122 -12.05 4.97 33.81
CA LEU F 122 -11.40 4.11 32.83
C LEU F 122 -11.69 2.65 33.16
N ALA F 123 -12.27 1.91 32.17
CA ALA F 123 -12.63 0.49 32.26
C ALA F 123 -12.30 -0.25 30.96
N GLY F 124 -12.73 -1.51 30.87
CA GLY F 124 -12.55 -2.36 29.69
C GLY F 124 -13.27 -1.83 28.48
N ASP F 125 -14.46 -1.22 28.70
CA ASP F 125 -15.24 -0.59 27.66
C ASP F 125 -15.25 0.91 27.89
N THR F 126 -15.16 1.70 26.80
CA THR F 126 -15.08 3.17 26.82
C THR F 126 -16.36 3.89 27.27
N ARG F 127 -17.49 3.17 27.44
CA ARG F 127 -18.74 3.83 27.83
C ARG F 127 -19.07 3.72 29.31
N SER F 128 -18.12 3.27 30.14
CA SER F 128 -18.25 3.05 31.60
C SER F 128 -18.84 4.22 32.39
N SER F 129 -18.60 5.46 31.96
CA SER F 129 -19.11 6.65 32.67
C SER F 129 -20.43 7.18 32.08
N GLU F 130 -21.04 6.46 31.11
CA GLU F 130 -22.27 6.88 30.42
C GLU F 130 -23.41 7.21 31.36
N MET F 131 -23.61 6.41 32.41
CA MET F 131 -24.61 6.67 33.45
C MET F 131 -24.09 6.05 34.76
N PRO F 132 -24.29 6.72 35.93
CA PRO F 132 -23.73 6.19 37.20
C PRO F 132 -24.15 4.76 37.56
N GLU F 133 -25.31 4.30 37.06
CA GLU F 133 -25.78 2.93 37.28
C GLU F 133 -24.86 1.93 36.57
N LEU F 134 -24.40 2.28 35.36
CA LEU F 134 -23.46 1.46 34.60
C LEU F 134 -22.10 1.48 35.30
N THR F 135 -21.63 2.68 35.67
CA THR F 135 -20.37 2.87 36.39
C THR F 135 -20.33 1.97 37.62
N SER F 136 -21.45 1.96 38.39
CA SER F 136 -21.61 1.16 39.59
C SER F 136 -21.40 -0.33 39.34
N MET F 137 -21.93 -0.84 38.21
CA MET F 137 -21.81 -2.23 37.81
C MET F 137 -20.36 -2.55 37.44
N HIS F 138 -19.68 -1.60 36.77
CA HIS F 138 -18.27 -1.72 36.37
C HIS F 138 -17.37 -1.72 37.60
N THR F 139 -17.63 -0.82 38.56
CA THR F 139 -16.90 -0.73 39.82
C THR F 139 -17.05 -2.06 40.57
N LEU F 140 -18.28 -2.57 40.64
CA LEU F 140 -18.61 -3.82 41.33
C LEU F 140 -17.71 -4.97 40.83
N LEU F 141 -17.58 -5.10 39.50
CA LEU F 141 -16.80 -6.13 38.86
C LEU F 141 -15.29 -5.95 39.05
N LEU F 142 -14.81 -4.69 39.12
CA LEU F 142 -13.41 -4.36 39.40
C LEU F 142 -13.04 -4.89 40.80
N ARG F 143 -13.92 -4.61 41.77
CA ARG F 143 -13.77 -5.04 43.15
C ARG F 143 -13.77 -6.54 43.23
N GLU F 144 -14.69 -7.19 42.49
CA GLU F 144 -14.80 -8.64 42.47
C GLU F 144 -13.52 -9.32 41.98
N HIS F 145 -12.88 -8.78 40.93
CA HIS F 145 -11.62 -9.32 40.41
C HIS F 145 -10.55 -9.27 41.50
N ASN F 146 -10.37 -8.09 42.13
CA ASN F 146 -9.35 -7.89 43.15
C ASN F 146 -9.58 -8.75 44.38
N ARG F 147 -10.86 -8.95 44.75
CA ARG F 147 -11.28 -9.79 45.88
C ARG F 147 -10.85 -11.23 45.60
N LEU F 148 -11.08 -11.71 44.36
CA LEU F 148 -10.72 -13.06 43.89
C LEU F 148 -9.21 -13.24 43.87
N ALA F 149 -8.46 -12.25 43.25
CA ALA F 149 -6.99 -12.24 43.17
C ALA F 149 -6.32 -12.26 44.56
N THR F 150 -6.98 -11.65 45.56
CA THR F 150 -6.53 -11.61 46.95
C THR F 150 -6.70 -12.98 47.60
N GLU F 151 -7.90 -13.60 47.42
CA GLU F 151 -8.25 -14.91 47.97
C GLU F 151 -7.36 -16.01 47.37
N LEU F 152 -7.06 -15.91 46.05
CA LEU F 152 -6.23 -16.86 45.31
C LEU F 152 -4.74 -16.77 45.70
N LYS F 153 -4.31 -15.59 46.19
CA LYS F 153 -2.94 -15.35 46.65
C LYS F 153 -2.73 -16.07 47.99
N SER F 154 -3.70 -15.97 48.93
CA SER F 154 -3.58 -16.66 50.22
C SER F 154 -3.67 -18.18 50.05
N LEU F 155 -4.40 -18.63 49.02
CA LEU F 155 -4.55 -20.04 48.71
C LEU F 155 -3.27 -20.56 48.03
N ASN F 156 -2.76 -19.84 47.02
CA ASN F 156 -1.58 -20.20 46.26
C ASN F 156 -0.52 -19.10 46.32
N PRO F 157 0.23 -18.99 47.45
CA PRO F 157 1.24 -17.92 47.56
C PRO F 157 2.34 -17.95 46.52
N ARG F 158 2.60 -19.14 45.92
CA ARG F 158 3.63 -19.34 44.91
C ARG F 158 3.24 -18.79 43.54
N TRP F 159 1.95 -18.49 43.30
CA TRP F 159 1.45 -17.93 42.04
C TRP F 159 1.94 -16.50 41.83
N ASP F 160 2.29 -16.17 40.57
CA ASP F 160 2.77 -14.84 40.20
C ASP F 160 1.59 -13.96 39.74
N GLY F 161 1.85 -12.65 39.55
CA GLY F 161 0.89 -11.67 39.08
C GLY F 161 0.10 -12.07 37.86
N GLU F 162 0.77 -12.62 36.81
CA GLU F 162 0.13 -13.07 35.57
C GLU F 162 -0.86 -14.19 35.85
N ARG F 163 -0.44 -15.20 36.65
CA ARG F 163 -1.27 -16.34 37.03
C ARG F 163 -2.53 -15.89 37.77
N LEU F 164 -2.35 -15.03 38.79
CA LEU F 164 -3.42 -14.47 39.61
C LEU F 164 -4.41 -13.66 38.78
N TYR F 165 -3.90 -12.76 37.89
CA TYR F 165 -4.71 -11.94 37.00
C TYR F 165 -5.57 -12.83 36.11
N GLN F 166 -4.92 -13.83 35.47
CA GLN F 166 -5.58 -14.75 34.56
C GLN F 166 -6.64 -15.61 35.23
N GLU F 167 -6.33 -16.19 36.39
CA GLU F 167 -7.26 -17.04 37.13
C GLU F 167 -8.51 -16.29 37.60
N ALA F 168 -8.33 -15.05 38.10
CA ALA F 168 -9.42 -14.18 38.54
C ALA F 168 -10.26 -13.76 37.34
N ARG F 169 -9.60 -13.31 36.23
CA ARG F 169 -10.27 -12.91 34.99
C ARG F 169 -11.19 -14.04 34.47
N LYS F 170 -10.69 -15.31 34.52
CA LYS F 170 -11.39 -16.52 34.11
C LYS F 170 -12.68 -16.70 34.93
N ILE F 171 -12.58 -16.56 36.27
CA ILE F 171 -13.72 -16.65 37.19
C ILE F 171 -14.77 -15.55 36.89
N VAL F 172 -14.32 -14.29 36.71
CA VAL F 172 -15.22 -13.15 36.43
C VAL F 172 -16.01 -13.40 35.15
N GLY F 173 -15.32 -13.80 34.07
CA GLY F 173 -15.94 -14.12 32.79
C GLY F 173 -17.02 -15.18 32.94
N ALA F 174 -16.76 -16.23 33.75
CA ALA F 174 -17.72 -17.28 34.04
C ALA F 174 -18.93 -16.71 34.79
N MET F 175 -18.69 -15.78 35.75
CA MET F 175 -19.76 -15.20 36.56
C MET F 175 -20.74 -14.41 35.70
N VAL F 176 -20.21 -13.69 34.69
CA VAL F 176 -21.03 -12.91 33.73
C VAL F 176 -21.89 -13.91 32.90
N GLN F 177 -21.26 -15.01 32.42
CA GLN F 177 -21.91 -16.06 31.61
C GLN F 177 -23.08 -16.69 32.34
N ILE F 178 -22.85 -17.10 33.61
CA ILE F 178 -23.84 -17.73 34.48
C ILE F 178 -25.00 -16.77 34.71
N ILE F 179 -24.73 -15.54 35.24
CA ILE F 179 -25.77 -14.55 35.51
C ILE F 179 -26.62 -14.27 34.25
N THR F 180 -25.93 -14.14 33.08
CA THR F 180 -26.55 -13.87 31.79
C THR F 180 -27.49 -15.00 31.32
N TYR F 181 -26.96 -16.21 31.22
CA TYR F 181 -27.68 -17.36 30.70
C TYR F 181 -28.64 -18.01 31.68
N ARG F 182 -28.32 -18.04 33.00
CA ARG F 182 -29.19 -18.65 34.00
C ARG F 182 -30.27 -17.68 34.52
N ASP F 183 -29.95 -16.39 34.66
CA ASP F 183 -30.89 -15.47 35.29
C ASP F 183 -31.46 -14.36 34.39
N TYR F 184 -30.64 -13.78 33.48
CA TYR F 184 -31.02 -12.65 32.64
C TYR F 184 -31.87 -13.03 31.43
N LEU F 185 -31.27 -13.78 30.48
CA LEU F 185 -31.90 -14.23 29.22
C LEU F 185 -33.26 -14.92 29.43
N PRO F 186 -33.43 -15.86 30.41
CA PRO F 186 -34.78 -16.46 30.61
C PRO F 186 -35.87 -15.42 30.86
N LEU F 187 -35.49 -14.26 31.42
CA LEU F 187 -36.40 -13.16 31.73
C LEU F 187 -36.61 -12.18 30.55
N VAL F 188 -35.74 -12.24 29.55
CA VAL F 188 -35.86 -11.40 28.36
C VAL F 188 -36.80 -12.13 27.39
N LEU F 189 -36.46 -13.40 27.09
CA LEU F 189 -37.14 -14.26 26.12
C LEU F 189 -38.41 -14.93 26.58
N GLY F 190 -38.49 -15.27 27.88
CA GLY F 190 -39.59 -16.07 28.40
C GLY F 190 -39.25 -17.55 28.26
N PRO F 191 -39.98 -18.46 28.92
CA PRO F 191 -39.59 -19.88 28.89
C PRO F 191 -39.67 -20.62 27.55
N THR F 192 -40.69 -20.36 26.70
CA THR F 192 -40.80 -21.11 25.44
C THR F 192 -39.65 -20.71 24.47
N ALA F 193 -39.33 -19.40 24.36
CA ALA F 193 -38.23 -18.93 23.50
C ALA F 193 -36.90 -19.39 24.09
N MET F 194 -36.81 -19.44 25.43
CA MET F 194 -35.63 -19.95 26.12
C MET F 194 -35.35 -21.39 25.69
N ARG F 195 -36.36 -22.29 25.74
CA ARG F 195 -36.23 -23.69 25.26
C ARG F 195 -35.93 -23.75 23.76
N LYS F 196 -36.64 -22.93 22.95
CA LYS F 196 -36.47 -22.88 21.51
C LYS F 196 -35.07 -22.46 21.05
N TYR F 197 -34.62 -21.25 21.48
CA TYR F 197 -33.34 -20.69 21.05
C TYR F 197 -32.15 -21.09 21.94
N LEU F 198 -32.40 -21.50 23.17
CA LEU F 198 -31.30 -21.90 24.05
C LEU F 198 -31.53 -23.27 24.70
N PRO F 199 -31.55 -24.37 23.89
CA PRO F 199 -31.68 -25.71 24.51
C PRO F 199 -30.46 -26.02 25.35
N THR F 200 -30.58 -26.96 26.33
CA THR F 200 -29.50 -27.38 27.23
C THR F 200 -28.17 -27.48 26.50
N TYR F 201 -27.12 -26.86 27.07
CA TYR F 201 -25.78 -26.89 26.52
C TYR F 201 -25.25 -28.33 26.38
N ARG F 202 -24.73 -28.71 25.19
CA ARG F 202 -24.18 -30.02 24.93
C ARG F 202 -22.66 -29.90 25.11
N SER F 203 -21.97 -29.26 24.14
CA SER F 203 -20.53 -28.96 24.20
C SER F 203 -20.14 -27.89 23.16
N TYR F 204 -18.87 -27.46 23.22
CA TYR F 204 -18.31 -26.47 22.27
C TYR F 204 -18.37 -27.05 20.86
N ASN F 205 -18.70 -26.15 19.91
CA ASN F 205 -18.79 -26.44 18.48
C ASN F 205 -18.00 -25.41 17.63
N ASP F 206 -16.90 -25.84 17.01
CA ASP F 206 -16.04 -24.94 16.22
C ASP F 206 -16.64 -24.51 14.87
N SER F 207 -17.84 -25.00 14.54
CA SER F 207 -18.55 -24.66 13.29
C SER F 207 -19.67 -23.66 13.52
N VAL F 208 -19.72 -23.11 14.72
CA VAL F 208 -20.71 -22.13 15.11
C VAL F 208 -20.01 -20.77 15.13
N ASP F 209 -20.45 -19.88 14.20
CA ASP F 209 -19.90 -18.53 14.04
C ASP F 209 -20.23 -17.71 15.31
N PRO F 210 -19.20 -17.35 16.13
CA PRO F 210 -19.48 -16.62 17.37
C PRO F 210 -19.66 -15.12 17.22
N ARG F 211 -19.49 -14.57 15.99
CA ARG F 211 -19.59 -13.14 15.70
C ARG F 211 -20.92 -12.51 16.03
N ILE F 212 -20.90 -11.18 16.32
CA ILE F 212 -22.12 -10.40 16.54
C ILE F 212 -22.66 -10.08 15.17
N ALA F 213 -23.96 -10.35 14.93
CA ALA F 213 -24.58 -9.99 13.65
C ALA F 213 -24.98 -8.52 13.72
N ASN F 214 -24.91 -7.82 12.58
CA ASN F 214 -25.24 -6.40 12.45
C ASN F 214 -26.62 -6.07 13.05
N VAL F 215 -27.67 -6.87 12.72
CA VAL F 215 -29.04 -6.68 13.23
C VAL F 215 -29.11 -6.65 14.78
N PHE F 216 -28.27 -7.49 15.45
CA PHE F 216 -28.24 -7.58 16.90
C PHE F 216 -27.87 -6.26 17.58
N THR F 217 -27.00 -5.45 16.96
CA THR F 217 -26.56 -4.15 17.48
C THR F 217 -27.71 -3.20 17.61
N ASN F 218 -28.78 -3.45 16.82
CA ASN F 218 -30.01 -2.66 16.82
C ASN F 218 -31.14 -3.35 17.57
N ALA F 219 -31.30 -4.66 17.44
CA ALA F 219 -32.36 -5.43 18.12
C ALA F 219 -32.18 -5.41 19.63
N PHE F 220 -30.90 -5.53 20.11
CA PHE F 220 -30.62 -5.54 21.54
C PHE F 220 -30.85 -4.17 22.20
N ARG F 221 -31.15 -3.13 21.37
CA ARG F 221 -31.48 -1.80 21.86
C ARG F 221 -32.88 -1.75 22.46
N TYR F 222 -33.63 -2.89 22.43
CA TYR F 222 -34.96 -3.06 23.04
C TYR F 222 -34.92 -2.54 24.50
N GLY F 223 -33.76 -2.70 25.16
CA GLY F 223 -33.49 -2.31 26.54
C GLY F 223 -33.80 -0.86 26.81
N HIS F 224 -33.82 -0.02 25.72
CA HIS F 224 -34.15 1.40 25.80
C HIS F 224 -35.61 1.61 26.26
N THR F 225 -36.50 0.61 26.04
CA THR F 225 -37.90 0.63 26.48
C THR F 225 -38.06 0.32 27.99
N LEU F 226 -36.98 -0.15 28.64
CA LEU F 226 -36.96 -0.48 30.07
C LEU F 226 -36.46 0.67 30.93
N ILE F 227 -35.82 1.67 30.30
CA ILE F 227 -35.22 2.83 30.96
C ILE F 227 -36.24 3.69 31.72
N GLN F 228 -35.94 4.00 32.99
CA GLN F 228 -36.75 4.86 33.87
C GLN F 228 -36.27 6.32 33.71
N PRO F 229 -37.14 7.34 33.88
CA PRO F 229 -36.69 8.73 33.69
C PRO F 229 -35.82 9.31 34.81
N PHE F 230 -35.55 8.52 35.87
CA PHE F 230 -34.72 8.96 36.99
C PHE F 230 -33.69 7.94 37.37
N MET F 231 -32.63 8.44 38.04
CA MET F 231 -31.65 7.60 38.70
C MET F 231 -32.13 7.64 40.16
N PHE F 232 -32.41 6.45 40.73
CA PHE F 232 -32.92 6.30 42.09
C PHE F 232 -31.82 5.91 43.05
N ARG F 233 -31.69 6.66 44.15
CA ARG F 233 -30.68 6.40 45.18
C ARG F 233 -31.38 6.16 46.51
N LEU F 234 -31.10 5.00 47.12
CA LEU F 234 -31.71 4.60 48.38
C LEU F 234 -30.70 4.40 49.52
N ASP F 235 -31.10 4.74 50.77
CA ASP F 235 -30.26 4.62 51.96
C ASP F 235 -30.20 3.19 52.53
N ASN F 236 -29.48 3.00 53.67
CA ASN F 236 -29.33 1.71 54.40
C ASN F 236 -30.67 1.00 54.61
N ARG F 237 -31.72 1.76 54.98
CA ARG F 237 -33.07 1.27 55.24
C ARG F 237 -33.93 1.16 53.98
N TYR F 238 -33.30 1.29 52.78
CA TYR F 238 -33.91 1.25 51.46
C TYR F 238 -35.00 2.32 51.29
N GLN F 239 -34.71 3.50 51.86
CA GLN F 239 -35.58 4.66 51.85
C GLN F 239 -34.96 5.72 50.94
N PRO F 240 -35.78 6.59 50.31
CA PRO F 240 -35.22 7.61 49.40
C PRO F 240 -34.10 8.42 50.06
N MET F 241 -32.91 8.42 49.46
CA MET F 241 -31.72 9.11 49.96
C MET F 241 -31.83 10.62 49.70
N GLU F 242 -32.38 11.35 50.67
CA GLU F 242 -32.57 12.81 50.58
C GLU F 242 -31.24 13.55 50.84
N PRO F 243 -30.96 14.67 50.14
CA PRO F 243 -31.75 15.28 49.05
C PRO F 243 -31.45 14.59 47.70
N ASN F 244 -32.32 14.86 46.73
CA ASN F 244 -32.22 14.34 45.36
C ASN F 244 -32.24 12.79 45.30
N PRO F 245 -33.32 12.12 45.78
CA PRO F 245 -33.36 10.66 45.64
C PRO F 245 -33.73 10.22 44.21
N ARG F 246 -34.46 11.07 43.45
CA ARG F 246 -34.90 10.86 42.06
C ARG F 246 -34.25 11.94 41.14
N VAL F 247 -33.05 11.70 40.63
CA VAL F 247 -32.41 12.66 39.74
C VAL F 247 -32.77 12.37 38.26
N PRO F 248 -33.32 13.36 37.50
CA PRO F 248 -33.66 13.10 36.10
C PRO F 248 -32.43 12.63 35.34
N LEU F 249 -32.62 11.62 34.49
CA LEU F 249 -31.57 10.99 33.71
C LEU F 249 -30.76 11.96 32.87
N SER F 250 -31.40 13.03 32.35
CA SER F 250 -30.75 14.07 31.56
C SER F 250 -29.73 14.89 32.38
N ARG F 251 -29.61 14.59 33.69
CA ARG F 251 -28.66 15.25 34.60
C ARG F 251 -27.65 14.24 35.16
N VAL F 252 -27.71 12.95 34.73
CA VAL F 252 -26.79 11.89 35.21
C VAL F 252 -25.85 11.37 34.10
N PHE F 253 -26.21 11.52 32.80
CA PHE F 253 -25.35 11.05 31.68
C PHE F 253 -23.97 11.66 31.83
N PHE F 254 -22.93 10.79 31.92
CA PHE F 254 -21.52 11.17 32.10
C PHE F 254 -21.24 11.92 33.43
N ALA F 255 -22.11 11.76 34.45
CA ALA F 255 -21.91 12.47 35.72
C ALA F 255 -21.15 11.62 36.75
N SER F 256 -19.86 11.39 36.47
CA SER F 256 -19.00 10.59 37.34
C SER F 256 -18.78 11.24 38.73
N TRP F 257 -18.96 12.57 38.80
CA TRP F 257 -18.84 13.33 40.05
C TRP F 257 -19.87 12.85 41.07
N ARG F 258 -21.05 12.39 40.60
CA ARG F 258 -22.13 11.88 41.45
C ARG F 258 -21.67 10.63 42.20
N VAL F 259 -20.88 9.78 41.55
CA VAL F 259 -20.34 8.56 42.20
C VAL F 259 -19.31 8.97 43.30
N VAL F 260 -18.38 9.86 42.93
CA VAL F 260 -17.29 10.32 43.78
C VAL F 260 -17.80 11.18 44.96
N LEU F 261 -18.66 12.15 44.68
CA LEU F 261 -19.13 13.14 45.66
C LEU F 261 -20.57 12.98 46.15
N GLU F 262 -21.38 12.05 45.61
CA GLU F 262 -22.75 11.98 46.11
C GLU F 262 -23.13 10.62 46.70
N GLY F 263 -22.17 9.96 47.37
CA GLY F 263 -22.46 8.72 48.09
C GLY F 263 -21.88 7.39 47.65
N GLY F 264 -21.14 7.35 46.56
CA GLY F 264 -20.56 6.10 46.10
C GLY F 264 -21.54 5.24 45.32
N ILE F 265 -21.25 3.94 45.21
CA ILE F 265 -22.08 3.03 44.39
C ILE F 265 -23.22 2.35 45.17
N ASP F 266 -23.10 2.19 46.51
CA ASP F 266 -24.12 1.54 47.35
C ASP F 266 -25.54 2.12 47.18
N PRO F 267 -25.77 3.47 47.24
CA PRO F 267 -27.14 4.00 47.02
C PRO F 267 -27.68 3.74 45.61
N ILE F 268 -26.78 3.75 44.60
CA ILE F 268 -27.11 3.49 43.20
C ILE F 268 -27.54 2.01 43.04
N LEU F 269 -26.79 1.07 43.64
CA LEU F 269 -27.12 -0.36 43.56
C LEU F 269 -28.43 -0.72 44.26
N ARG F 270 -28.73 -0.12 45.41
CA ARG F 270 -29.97 -0.29 46.18
C ARG F 270 -31.15 0.21 45.35
N GLY F 271 -30.95 1.33 44.66
CA GLY F 271 -31.94 1.92 43.77
C GLY F 271 -32.26 1.00 42.61
N LEU F 272 -31.23 0.32 42.05
CA LEU F 272 -31.41 -0.62 40.94
C LEU F 272 -32.19 -1.88 41.37
N MET F 273 -31.89 -2.39 42.57
CA MET F 273 -32.49 -3.58 43.14
C MET F 273 -33.93 -3.38 43.59
N ALA F 274 -34.20 -2.27 44.32
CA ALA F 274 -35.51 -2.01 44.91
C ALA F 274 -36.44 -1.11 44.08
N THR F 275 -36.09 -0.81 42.83
CA THR F 275 -36.95 -0.01 41.96
C THR F 275 -37.37 -0.86 40.76
N PRO F 276 -38.66 -0.82 40.38
CA PRO F 276 -39.08 -1.57 39.18
C PRO F 276 -38.54 -0.94 37.88
N ALA F 277 -38.36 -1.78 36.87
CA ALA F 277 -37.95 -1.33 35.53
C ALA F 277 -39.21 -0.69 34.88
N LYS F 278 -39.02 0.11 33.82
CA LYS F 278 -40.16 0.65 33.07
C LYS F 278 -40.70 -0.51 32.24
N LEU F 279 -42.03 -0.71 32.25
CA LEU F 279 -42.63 -1.75 31.41
C LEU F 279 -42.88 -1.19 29.99
N ASN F 280 -42.44 -1.92 28.95
CA ASN F 280 -42.70 -1.55 27.56
C ASN F 280 -44.14 -1.85 27.20
N ARG F 281 -44.91 -0.81 26.93
CA ARG F 281 -46.31 -0.94 26.55
C ARG F 281 -46.44 -0.26 25.21
N GLN F 282 -47.45 -0.70 24.40
CA GLN F 282 -47.61 -0.20 23.01
C GLN F 282 -47.84 1.33 22.91
N ASN F 283 -48.36 1.93 23.98
CA ASN F 283 -48.63 3.38 24.03
C ASN F 283 -47.67 4.09 24.98
N GLN F 284 -46.64 3.39 25.47
CA GLN F 284 -45.62 3.91 26.39
C GLN F 284 -44.31 3.22 26.02
N ILE F 285 -43.78 3.46 24.80
CA ILE F 285 -42.59 2.76 24.33
C ILE F 285 -41.28 3.25 24.99
N ALA F 286 -40.94 4.56 24.92
CA ALA F 286 -39.71 5.08 25.55
C ALA F 286 -39.89 6.49 26.11
N VAL F 287 -39.27 6.78 27.27
CA VAL F 287 -39.37 8.05 27.99
C VAL F 287 -38.65 9.22 27.28
N ASP F 288 -39.13 10.45 27.57
CA ASP F 288 -38.58 11.67 26.99
C ASP F 288 -37.20 12.05 27.51
N GLU F 289 -36.71 11.44 28.61
CA GLU F 289 -35.36 11.72 29.11
C GLU F 289 -34.32 11.25 28.08
N ILE F 290 -34.65 10.16 27.32
CA ILE F 290 -33.81 9.63 26.24
C ILE F 290 -34.33 10.05 24.84
N ARG F 291 -35.63 10.34 24.74
CA ARG F 291 -36.25 10.75 23.47
C ARG F 291 -36.07 12.23 23.17
N GLU F 292 -35.85 13.07 24.17
CA GLU F 292 -35.75 14.53 24.01
C GLU F 292 -34.52 15.14 24.64
N ARG F 293 -34.00 14.50 25.70
CA ARG F 293 -32.95 15.08 26.50
C ARG F 293 -31.67 14.22 26.61
N LEU F 294 -31.51 13.27 25.69
CA LEU F 294 -30.33 12.43 25.71
C LEU F 294 -29.06 13.25 25.45
N PHE F 295 -28.14 13.23 26.45
CA PHE F 295 -26.83 13.89 26.43
C PHE F 295 -26.95 15.40 26.27
N GLU F 296 -28.07 15.96 26.76
CA GLU F 296 -28.39 17.38 26.80
C GLU F 296 -27.17 18.21 27.25
N GLN F 297 -26.70 18.00 28.46
CA GLN F 297 -25.61 18.80 29.00
C GLN F 297 -24.17 18.41 28.52
N VAL F 298 -24.01 17.80 27.34
CA VAL F 298 -22.68 17.52 26.73
C VAL F 298 -22.69 17.72 25.19
N MET F 299 -23.85 18.12 24.62
CA MET F 299 -24.06 18.33 23.18
C MET F 299 -24.76 19.64 22.90
N ARG F 300 -24.69 20.13 21.64
CA ARG F 300 -25.37 21.38 21.25
C ARG F 300 -26.89 21.29 21.31
N ILE F 301 -27.42 20.10 21.22
CA ILE F 301 -28.86 19.81 21.25
C ILE F 301 -29.03 18.43 21.89
N GLY F 302 -30.19 18.22 22.53
CA GLY F 302 -30.52 16.94 23.15
C GLY F 302 -30.89 15.96 22.06
N LEU F 303 -30.28 14.77 22.11
CA LEU F 303 -30.54 13.72 21.11
C LEU F 303 -31.84 12.95 21.39
N ASP F 304 -32.28 12.15 20.40
CA ASP F 304 -33.48 11.30 20.44
C ASP F 304 -33.00 9.85 20.25
N LEU F 305 -32.80 9.09 21.38
CA LEU F 305 -32.28 7.72 21.33
C LEU F 305 -33.13 6.81 20.40
N PRO F 306 -34.48 6.76 20.53
CA PRO F 306 -35.26 5.96 19.57
C PRO F 306 -35.02 6.34 18.10
N ALA F 307 -34.96 7.66 17.78
CA ALA F 307 -34.71 8.11 16.41
C ALA F 307 -33.32 7.76 15.96
N LEU F 308 -32.31 7.89 16.85
CA LEU F 308 -30.92 7.51 16.54
C LEU F 308 -30.85 6.02 16.18
N ASN F 309 -31.64 5.16 16.89
CA ASN F 309 -31.74 3.71 16.67
C ASN F 309 -32.27 3.41 15.28
N MET F 310 -33.24 4.22 14.83
CA MET F 310 -33.84 4.08 13.50
C MET F 310 -32.91 4.59 12.41
N GLN F 311 -32.21 5.71 12.65
CA GLN F 311 -31.23 6.23 11.68
C GLN F 311 -30.04 5.26 11.56
N ARG F 312 -29.67 4.64 12.70
CA ARG F 312 -28.57 3.69 12.75
C ARG F 312 -28.83 2.44 11.93
N SER F 313 -30.08 1.89 12.00
CA SER F 313 -30.47 0.71 11.20
C SER F 313 -30.35 1.02 9.69
N ARG F 314 -30.64 2.28 9.33
CA ARG F 314 -30.56 2.74 7.96
C ARG F 314 -29.10 2.90 7.53
N ASP F 315 -28.27 3.52 8.41
CA ASP F 315 -26.83 3.71 8.22
C ASP F 315 -26.20 2.32 7.97
N HIS F 316 -26.63 1.33 8.77
CA HIS F 316 -26.17 -0.05 8.74
C HIS F 316 -26.78 -0.89 7.64
N GLY F 317 -27.66 -0.28 6.86
CA GLY F 317 -28.32 -0.93 5.74
C GLY F 317 -29.11 -2.16 6.13
N LEU F 318 -29.72 -2.15 7.31
CA LEU F 318 -30.51 -3.30 7.75
C LEU F 318 -31.86 -3.36 7.01
N PRO F 319 -32.24 -4.57 6.52
CA PRO F 319 -33.58 -4.74 5.93
C PRO F 319 -34.70 -4.31 6.91
N GLY F 320 -35.88 -3.99 6.38
CA GLY F 320 -37.04 -3.66 7.19
C GLY F 320 -37.64 -4.85 7.93
N TYR F 321 -38.71 -4.58 8.69
CA TYR F 321 -39.48 -5.49 9.55
C TYR F 321 -39.88 -6.86 8.92
N ASN F 322 -40.65 -6.90 7.78
CA ASN F 322 -41.07 -8.16 7.12
C ASN F 322 -39.94 -9.07 6.64
N ALA F 323 -38.77 -8.51 6.32
CA ALA F 323 -37.62 -9.30 5.91
C ALA F 323 -37.07 -10.08 7.13
N TRP F 324 -37.07 -9.44 8.34
CA TRP F 324 -36.63 -10.09 9.57
C TRP F 324 -37.63 -11.10 10.07
N ARG F 325 -38.94 -10.81 9.85
CA ARG F 325 -40.06 -11.70 10.17
C ARG F 325 -39.87 -13.01 9.40
N ARG F 326 -39.53 -12.89 8.11
CA ARG F 326 -39.28 -14.00 7.20
C ARG F 326 -38.06 -14.77 7.71
N PHE F 327 -36.98 -14.06 8.01
CA PHE F 327 -35.74 -14.68 8.52
C PHE F 327 -36.01 -15.57 9.76
N CYS F 328 -36.89 -15.09 10.65
CA CYS F 328 -37.28 -15.76 11.87
C CYS F 328 -38.34 -16.84 11.64
N GLY F 329 -38.89 -16.91 10.42
CA GLY F 329 -39.94 -17.86 10.05
C GLY F 329 -41.32 -17.42 10.51
N LEU F 330 -41.46 -16.13 10.84
CA LEU F 330 -42.74 -15.54 11.27
C LEU F 330 -43.52 -15.01 10.06
N PRO F 331 -44.88 -15.05 10.10
CA PRO F 331 -45.66 -14.52 8.97
C PRO F 331 -45.43 -13.02 8.81
N GLN F 332 -45.45 -12.56 7.58
CA GLN F 332 -45.17 -11.18 7.27
C GLN F 332 -46.44 -10.42 6.89
N PRO F 333 -46.94 -9.49 7.77
CA PRO F 333 -48.16 -8.73 7.39
C PRO F 333 -47.92 -7.87 6.16
N GLU F 334 -48.95 -7.71 5.35
CA GLU F 334 -48.89 -6.90 4.13
C GLU F 334 -49.93 -5.80 4.21
N THR F 335 -50.92 -5.98 5.05
CA THR F 335 -52.08 -5.12 5.22
C THR F 335 -52.11 -4.47 6.61
N VAL F 336 -52.78 -3.33 6.72
CA VAL F 336 -52.95 -2.62 8.00
C VAL F 336 -53.66 -3.54 9.03
N GLY F 337 -54.73 -4.21 8.59
CA GLY F 337 -55.49 -5.17 9.38
C GLY F 337 -54.63 -6.36 9.75
N GLN F 338 -53.76 -6.81 8.82
CA GLN F 338 -52.82 -7.91 9.02
C GLN F 338 -51.82 -7.51 10.07
N LEU F 339 -51.28 -6.25 9.98
CA LEU F 339 -50.32 -5.75 10.97
C LEU F 339 -50.98 -5.61 12.35
N GLY F 340 -52.24 -5.18 12.36
CA GLY F 340 -53.06 -5.06 13.56
C GLY F 340 -53.20 -6.37 14.32
N THR F 341 -53.33 -7.50 13.58
CA THR F 341 -53.41 -8.84 14.17
C THR F 341 -52.06 -9.19 14.83
N VAL F 342 -50.95 -8.96 14.08
CA VAL F 342 -49.57 -9.16 14.55
C VAL F 342 -49.32 -8.39 15.85
N LEU F 343 -49.86 -7.17 15.93
CA LEU F 343 -49.65 -6.32 17.09
C LEU F 343 -50.75 -6.40 18.15
N ARG F 344 -51.89 -7.07 17.83
CA ARG F 344 -53.09 -7.13 18.67
C ARG F 344 -53.58 -5.65 18.87
N ASN F 345 -53.33 -4.79 17.83
CA ASN F 345 -53.57 -3.36 17.90
C ASN F 345 -53.75 -2.66 16.52
N LEU F 346 -55.02 -2.34 16.18
CA LEU F 346 -55.33 -1.66 14.93
C LEU F 346 -54.92 -0.17 14.95
N LYS F 347 -55.11 0.52 16.10
CA LYS F 347 -54.74 1.94 16.23
C LYS F 347 -53.25 2.15 15.93
N LEU F 348 -52.39 1.29 16.50
CA LEU F 348 -50.94 1.33 16.29
C LEU F 348 -50.56 0.92 14.87
N ALA F 349 -51.24 -0.09 14.28
CA ALA F 349 -50.92 -0.52 12.92
C ALA F 349 -51.24 0.57 11.94
N ARG F 350 -52.39 1.27 12.15
CA ARG F 350 -52.79 2.41 11.34
C ARG F 350 -51.70 3.50 11.42
N LYS F 351 -51.14 3.73 12.64
CA LYS F 351 -50.12 4.74 12.91
C LYS F 351 -48.85 4.41 12.17
N LEU F 352 -48.36 3.17 12.33
CA LEU F 352 -47.18 2.67 11.67
C LEU F 352 -47.34 2.75 10.14
N MET F 353 -48.55 2.42 9.63
CA MET F 353 -48.87 2.52 8.20
C MET F 353 -48.77 3.95 7.70
N GLU F 354 -49.32 4.93 8.44
CA GLU F 354 -49.29 6.36 8.10
C GLU F 354 -47.84 6.85 7.94
N GLN F 355 -46.92 6.31 8.77
CA GLN F 355 -45.50 6.65 8.73
C GLN F 355 -44.72 5.91 7.65
N TYR F 356 -44.88 4.58 7.58
CA TYR F 356 -44.08 3.73 6.69
C TYR F 356 -44.73 3.30 5.37
N GLY F 357 -46.05 3.24 5.32
CA GLY F 357 -46.79 2.85 4.12
C GLY F 357 -46.87 1.37 3.87
N THR F 358 -45.92 0.61 4.44
CA THR F 358 -45.83 -0.83 4.32
C THR F 358 -45.05 -1.44 5.49
N PRO F 359 -45.51 -2.61 6.04
CA PRO F 359 -44.71 -3.32 7.06
C PRO F 359 -43.30 -3.75 6.55
N ASN F 360 -43.05 -3.66 5.23
CA ASN F 360 -41.73 -3.97 4.65
C ASN F 360 -40.71 -2.89 5.03
N ASN F 361 -41.18 -1.63 5.21
CA ASN F 361 -40.33 -0.47 5.48
C ASN F 361 -40.17 -0.10 6.94
N ILE F 362 -40.88 -0.78 7.85
CA ILE F 362 -40.74 -0.50 9.28
C ILE F 362 -39.30 -0.81 9.75
N ASP F 363 -38.65 0.17 10.40
CA ASP F 363 -37.32 0.01 10.97
C ASP F 363 -37.34 -1.10 12.05
N ILE F 364 -36.36 -2.04 11.98
CA ILE F 364 -36.24 -3.21 12.86
C ILE F 364 -36.49 -2.88 14.35
N TRP F 365 -35.85 -1.85 14.92
CA TRP F 365 -36.05 -1.51 16.32
C TRP F 365 -37.51 -1.17 16.60
N MET F 366 -38.09 -0.27 15.75
CA MET F 366 -39.47 0.19 15.82
C MET F 366 -40.46 -0.96 15.78
N GLY F 367 -40.31 -1.86 14.81
CA GLY F 367 -41.18 -3.02 14.65
C GLY F 367 -41.04 -3.98 15.79
N GLY F 368 -39.79 -4.31 16.12
CA GLY F 368 -39.42 -5.19 17.21
C GLY F 368 -40.03 -4.81 18.55
N VAL F 369 -39.89 -3.53 18.95
CA VAL F 369 -40.38 -3.03 20.24
C VAL F 369 -41.90 -2.81 20.23
N SER F 370 -42.52 -2.78 19.03
CA SER F 370 -43.96 -2.59 18.86
C SER F 370 -44.77 -3.88 19.13
N GLU F 371 -44.15 -5.06 18.91
CA GLU F 371 -44.79 -6.36 19.06
C GLU F 371 -45.22 -6.65 20.49
N PRO F 372 -46.35 -7.37 20.72
CA PRO F 372 -46.72 -7.74 22.10
C PRO F 372 -45.67 -8.68 22.69
N LEU F 373 -45.34 -8.46 23.98
CA LEU F 373 -44.35 -9.24 24.70
C LEU F 373 -44.77 -10.71 24.90
N LYS F 374 -43.79 -11.62 24.85
CA LYS F 374 -44.00 -13.06 25.03
C LYS F 374 -44.26 -13.33 26.51
N ARG F 375 -45.08 -14.34 26.84
CA ARG F 375 -45.40 -14.75 28.21
C ARG F 375 -44.08 -14.92 29.02
N LYS F 376 -44.03 -14.19 30.17
CA LYS F 376 -42.90 -14.16 31.12
C LYS F 376 -41.58 -13.66 30.46
N GLY F 377 -41.75 -12.92 29.37
CA GLY F 377 -40.66 -12.32 28.62
C GLY F 377 -40.85 -10.82 28.50
N ARG F 378 -39.84 -10.11 27.98
CA ARG F 378 -39.94 -8.67 27.80
C ARG F 378 -39.68 -8.22 26.35
N VAL F 379 -39.84 -9.15 25.39
CA VAL F 379 -39.71 -8.95 23.95
C VAL F 379 -40.77 -9.74 23.22
N GLY F 380 -41.01 -9.39 21.96
CA GLY F 380 -41.94 -10.09 21.09
C GLY F 380 -41.26 -11.24 20.36
N PRO F 381 -42.02 -12.03 19.56
CA PRO F 381 -41.40 -13.14 18.80
C PRO F 381 -40.21 -12.79 17.89
N LEU F 382 -40.22 -11.60 17.28
CA LEU F 382 -39.13 -11.18 16.41
C LEU F 382 -37.81 -10.91 17.14
N LEU F 383 -37.86 -10.09 18.23
CA LEU F 383 -36.65 -9.76 18.97
C LEU F 383 -36.14 -10.98 19.71
N ALA F 384 -37.07 -11.86 20.20
CA ALA F 384 -36.68 -13.09 20.89
C ALA F 384 -35.93 -13.98 19.93
N CYS F 385 -36.33 -13.95 18.67
CA CYS F 385 -35.63 -14.76 17.70
C CYS F 385 -34.23 -14.24 17.45
N ILE F 386 -34.11 -12.93 17.13
CA ILE F 386 -32.80 -12.33 16.88
C ILE F 386 -31.87 -12.52 18.11
N ILE F 387 -32.32 -12.07 19.29
CA ILE F 387 -31.57 -12.14 20.54
C ILE F 387 -31.19 -13.57 20.89
N GLY F 388 -32.17 -14.47 20.94
CA GLY F 388 -31.94 -15.88 21.25
C GLY F 388 -30.96 -16.53 20.30
N THR F 389 -31.09 -16.28 18.98
CA THR F 389 -30.18 -16.79 17.95
C THR F 389 -28.75 -16.33 18.23
N GLN F 390 -28.59 -15.02 18.58
CA GLN F 390 -27.30 -14.43 18.86
C GLN F 390 -26.62 -15.08 20.07
N PHE F 391 -27.35 -15.21 21.19
CA PHE F 391 -26.80 -15.78 22.41
C PHE F 391 -26.50 -17.27 22.29
N ARG F 392 -27.25 -18.03 21.46
CA ARG F 392 -26.88 -19.43 21.28
C ARG F 392 -25.53 -19.56 20.60
N LYS F 393 -25.27 -18.67 19.60
CA LYS F 393 -24.01 -18.62 18.85
C LYS F 393 -22.85 -18.22 19.78
N LEU F 394 -23.11 -17.28 20.73
CA LEU F 394 -22.11 -16.82 21.69
C LEU F 394 -21.73 -17.90 22.69
N ARG F 395 -22.66 -18.79 22.99
CA ARG F 395 -22.48 -19.88 23.93
C ARG F 395 -21.86 -21.13 23.25
N ASP F 396 -22.50 -21.65 22.20
CA ASP F 396 -22.04 -22.85 21.48
C ASP F 396 -20.75 -22.66 20.64
N GLY F 397 -20.43 -21.40 20.32
CA GLY F 397 -19.25 -21.05 19.53
C GLY F 397 -18.11 -20.46 20.33
N ASP F 398 -18.17 -20.59 21.66
CA ASP F 398 -17.15 -20.08 22.56
C ASP F 398 -16.41 -21.28 23.14
N ARG F 399 -15.12 -21.38 22.81
CA ARG F 399 -14.25 -22.45 23.27
C ARG F 399 -13.96 -22.30 24.77
N PHE F 400 -14.10 -21.07 25.31
CA PHE F 400 -13.86 -20.78 26.71
C PHE F 400 -15.16 -20.63 27.51
N TRP F 401 -16.27 -21.21 26.98
CA TRP F 401 -17.58 -21.23 27.65
C TRP F 401 -17.34 -21.99 28.94
N TRP F 402 -17.81 -21.45 30.07
CA TRP F 402 -17.57 -22.02 31.39
C TRP F 402 -17.89 -23.53 31.52
N GLU F 403 -18.85 -24.06 30.74
CA GLU F 403 -19.21 -25.49 30.83
C GLU F 403 -18.50 -26.39 29.84
N ASN F 404 -17.56 -25.83 29.05
CA ASN F 404 -16.83 -26.63 28.06
C ASN F 404 -15.73 -27.44 28.77
N GLU F 405 -15.61 -28.74 28.41
CA GLU F 405 -14.59 -29.62 29.01
C GLU F 405 -13.21 -29.04 28.74
N GLY F 406 -12.40 -28.94 29.80
CA GLY F 406 -11.07 -28.38 29.72
C GLY F 406 -10.95 -26.99 30.31
N VAL F 407 -12.04 -26.20 30.33
CA VAL F 407 -12.01 -24.82 30.83
C VAL F 407 -11.84 -24.80 32.38
N PHE F 408 -12.71 -25.56 33.09
CA PHE F 408 -12.69 -25.71 34.54
C PHE F 408 -12.85 -27.21 34.86
N SER F 409 -12.57 -27.60 36.11
CA SER F 409 -12.75 -28.97 36.59
C SER F 409 -14.24 -29.14 37.01
N MET F 410 -14.71 -30.41 37.19
CA MET F 410 -16.07 -30.72 37.65
C MET F 410 -16.31 -29.91 38.97
N GLN F 411 -15.34 -29.95 39.92
CA GLN F 411 -15.42 -29.26 41.22
C GLN F 411 -15.53 -27.73 41.08
N GLN F 412 -14.72 -27.13 40.18
CA GLN F 412 -14.73 -25.68 39.92
C GLN F 412 -16.07 -25.26 39.34
N ARG F 413 -16.63 -26.08 38.42
CA ARG F 413 -17.93 -25.85 37.81
C ARG F 413 -19.00 -25.93 38.89
N GLN F 414 -18.95 -27.00 39.73
CA GLN F 414 -19.88 -27.23 40.83
C GLN F 414 -19.89 -26.02 41.77
N ALA F 415 -18.70 -25.42 42.02
CA ALA F 415 -18.52 -24.23 42.87
C ALA F 415 -19.12 -22.99 42.19
N LEU F 416 -18.78 -22.75 40.90
CA LEU F 416 -19.25 -21.61 40.11
C LEU F 416 -20.75 -21.55 39.99
N ALA F 417 -21.42 -22.73 39.88
CA ALA F 417 -22.86 -22.82 39.79
C ALA F 417 -23.58 -22.13 40.98
N GLN F 418 -22.89 -21.99 42.12
CA GLN F 418 -23.41 -21.38 43.34
C GLN F 418 -23.38 -19.85 43.34
N ILE F 419 -22.69 -19.22 42.38
CA ILE F 419 -22.60 -17.76 42.30
C ILE F 419 -23.94 -17.11 41.89
N SER F 420 -24.09 -15.82 42.22
CA SER F 420 -25.25 -14.98 41.91
C SER F 420 -24.84 -13.51 42.02
N LEU F 421 -25.57 -12.62 41.33
CA LEU F 421 -25.32 -11.19 41.38
C LEU F 421 -25.55 -10.59 42.79
N PRO F 422 -26.61 -10.97 43.55
CA PRO F 422 -26.75 -10.42 44.91
C PRO F 422 -25.56 -10.77 45.79
N ARG F 423 -24.98 -11.98 45.63
CA ARG F 423 -23.81 -12.37 46.41
C ARG F 423 -22.57 -11.52 46.03
N ILE F 424 -22.37 -11.19 44.73
CA ILE F 424 -21.25 -10.34 44.29
C ILE F 424 -21.41 -8.94 44.93
N ILE F 425 -22.66 -8.45 45.05
CA ILE F 425 -22.95 -7.19 45.73
C ILE F 425 -22.50 -7.27 47.23
N CYS F 426 -22.92 -8.33 47.94
CA CYS F 426 -22.59 -8.59 49.36
C CYS F 426 -21.11 -8.57 49.63
N ASP F 427 -20.34 -9.28 48.81
CA ASP F 427 -18.90 -9.43 48.93
C ASP F 427 -18.10 -8.16 48.63
N ASN F 428 -18.69 -7.21 47.87
CA ASN F 428 -17.93 -6.03 47.42
C ASN F 428 -18.55 -4.65 47.74
N THR F 429 -19.51 -4.59 48.70
CA THR F 429 -20.16 -3.35 49.13
C THR F 429 -20.48 -3.41 50.59
N GLY F 430 -21.04 -2.33 51.13
CA GLY F 430 -21.51 -2.27 52.49
C GLY F 430 -22.96 -2.69 52.62
N ILE F 431 -23.55 -3.18 51.52
CA ILE F 431 -24.95 -3.62 51.46
C ILE F 431 -25.03 -5.01 52.10
N THR F 432 -25.92 -5.14 53.12
CA THR F 432 -26.12 -6.36 53.91
C THR F 432 -27.49 -7.05 53.66
N THR F 433 -28.41 -6.36 53.00
CA THR F 433 -29.73 -6.88 52.63
C THR F 433 -29.88 -6.69 51.11
N VAL F 434 -30.02 -7.78 50.37
CA VAL F 434 -30.08 -7.79 48.90
C VAL F 434 -31.34 -8.46 48.33
N SER F 435 -31.52 -8.36 47.00
CA SER F 435 -32.62 -8.95 46.26
C SER F 435 -32.59 -10.47 46.42
N LYS F 436 -33.76 -11.09 46.58
CA LYS F 436 -33.87 -12.55 46.61
C LYS F 436 -33.68 -13.00 45.15
N ASN F 437 -33.09 -14.18 44.93
CA ASN F 437 -32.94 -14.66 43.56
C ASN F 437 -34.32 -15.04 43.01
N ASN F 438 -34.73 -14.57 41.79
CA ASN F 438 -33.94 -13.89 40.77
C ASN F 438 -33.88 -12.37 40.96
N ILE F 439 -32.66 -11.80 41.01
CA ILE F 439 -32.37 -10.37 41.17
C ILE F 439 -33.11 -9.49 40.17
N PHE F 440 -33.26 -9.97 38.94
CA PHE F 440 -33.90 -9.27 37.85
C PHE F 440 -35.41 -9.27 37.99
N MET F 441 -35.95 -10.21 38.79
CA MET F 441 -37.38 -10.27 39.04
C MET F 441 -37.73 -9.52 40.31
N SER F 442 -36.97 -9.79 41.38
CA SER F 442 -37.10 -9.11 42.66
C SER F 442 -36.97 -7.59 42.47
N ASN F 443 -37.94 -6.79 43.02
CA ASN F 443 -37.97 -5.32 42.89
C ASN F 443 -38.70 -4.57 44.02
N SER F 444 -39.21 -5.28 45.03
CA SER F 444 -39.96 -4.66 46.13
C SER F 444 -39.38 -4.94 47.50
N TYR F 445 -39.01 -3.87 48.24
CA TYR F 445 -38.50 -3.91 49.62
C TYR F 445 -39.66 -3.76 50.65
N PRO F 446 -39.71 -4.63 51.68
CA PRO F 446 -38.79 -5.73 51.99
C PRO F 446 -39.16 -7.10 51.43
N ARG F 447 -40.36 -7.21 50.80
CA ARG F 447 -40.93 -8.44 50.26
C ARG F 447 -39.93 -9.35 49.57
N ASP F 448 -39.22 -8.82 48.55
CA ASP F 448 -38.27 -9.56 47.72
C ASP F 448 -36.83 -9.43 48.19
N PHE F 449 -36.63 -9.16 49.49
CA PHE F 449 -35.29 -8.95 50.00
C PHE F 449 -34.90 -9.96 51.08
N VAL F 450 -33.60 -10.30 51.10
CA VAL F 450 -32.99 -11.26 52.01
C VAL F 450 -31.65 -10.77 52.53
N ASN F 451 -31.17 -11.42 53.59
CA ASN F 451 -29.89 -11.11 54.19
C ASN F 451 -28.78 -11.84 53.43
N CYS F 452 -27.58 -11.26 53.45
CA CYS F 452 -26.38 -11.79 52.80
C CYS F 452 -25.98 -13.17 53.27
N SER F 453 -26.11 -13.43 54.60
CA SER F 453 -25.80 -14.68 55.28
C SER F 453 -26.44 -15.89 54.59
N THR F 454 -27.73 -15.75 54.20
CA THR F 454 -28.55 -16.78 53.53
C THR F 454 -27.99 -17.19 52.18
N LEU F 455 -27.34 -16.23 51.46
CA LEU F 455 -26.74 -16.46 50.14
C LEU F 455 -25.42 -17.23 50.21
N PRO F 456 -25.26 -18.32 49.44
CA PRO F 456 -23.98 -19.08 49.50
C PRO F 456 -22.80 -18.37 48.79
N ALA F 457 -21.67 -18.28 49.50
CA ALA F 457 -20.42 -17.69 49.02
C ALA F 457 -19.72 -18.63 48.02
N LEU F 458 -18.82 -18.05 47.20
CA LEU F 458 -18.06 -18.86 46.24
C LEU F 458 -16.92 -19.55 46.98
N ASN F 459 -16.91 -20.90 46.98
CA ASN F 459 -15.86 -21.69 47.61
C ASN F 459 -14.72 -21.86 46.62
N LEU F 460 -13.53 -21.29 46.93
CA LEU F 460 -12.38 -21.39 46.03
C LEU F 460 -11.43 -22.56 46.33
N ALA F 461 -11.82 -23.49 47.24
CA ALA F 461 -11.04 -24.67 47.62
C ALA F 461 -10.49 -25.46 46.41
N SER F 462 -11.33 -25.67 45.38
CA SER F 462 -10.99 -26.39 44.14
C SER F 462 -9.95 -25.66 43.28
N TRP F 463 -9.50 -24.47 43.73
CA TRP F 463 -8.50 -23.68 43.03
C TRP F 463 -7.10 -23.80 43.66
N ARG F 464 -6.97 -24.45 44.84
CA ARG F 464 -5.67 -24.68 45.50
C ARG F 464 -4.86 -25.71 44.69
N GLU F 465 -3.67 -25.30 44.21
CA GLU F 465 -2.79 -26.14 43.40
C GLU F 465 -1.97 -27.10 44.28
N CYS G 1 -33.16 2.74 -9.66
CA CYS G 1 -33.90 1.47 -9.72
C CYS G 1 -35.36 1.65 -10.20
N PRO G 2 -35.65 1.36 -11.51
CA PRO G 2 -37.02 1.59 -12.03
C PRO G 2 -38.11 0.69 -11.46
N GLU G 3 -39.29 1.28 -11.19
CA GLU G 3 -40.48 0.61 -10.62
C GLU G 3 -41.15 -0.37 -11.59
N GLN G 4 -40.85 -0.23 -12.90
CA GLN G 4 -41.33 -1.12 -13.96
C GLN G 4 -40.27 -1.27 -15.06
N ASP G 5 -40.02 -2.53 -15.48
CA ASP G 5 -39.05 -2.88 -16.52
C ASP G 5 -39.44 -4.19 -17.21
N LYS G 6 -39.14 -4.30 -18.51
CA LYS G 6 -39.46 -5.50 -19.28
C LYS G 6 -38.24 -6.41 -19.41
N TYR G 7 -37.03 -5.82 -19.38
CA TYR G 7 -35.79 -6.55 -19.59
C TYR G 7 -34.75 -6.44 -18.49
N ARG G 8 -33.82 -7.40 -18.52
CA ARG G 8 -32.67 -7.44 -17.66
C ARG G 8 -31.74 -6.33 -18.11
N THR G 9 -31.00 -5.77 -17.15
CA THR G 9 -29.96 -4.82 -17.44
C THR G 9 -28.77 -5.72 -17.77
N ILE G 10 -27.72 -5.16 -18.34
CA ILE G 10 -26.54 -5.96 -18.67
C ILE G 10 -25.79 -6.39 -17.41
N THR G 11 -25.61 -5.47 -16.44
CA THR G 11 -24.82 -5.73 -15.22
C THR G 11 -25.52 -6.57 -14.17
N GLY G 12 -26.82 -6.82 -14.33
CA GLY G 12 -27.59 -7.59 -13.37
C GLY G 12 -28.18 -6.71 -12.28
N MET G 13 -27.76 -5.43 -12.24
CA MET G 13 -28.24 -4.43 -11.30
C MET G 13 -29.76 -4.36 -11.40
N CYS G 14 -30.44 -4.17 -10.27
CA CYS G 14 -31.90 -4.00 -10.15
C CYS G 14 -32.70 -5.30 -10.34
N ASN G 15 -32.06 -6.49 -10.44
CA ASN G 15 -32.83 -7.76 -10.51
C ASN G 15 -33.57 -7.89 -9.19
N ASN G 16 -32.82 -7.82 -8.07
CA ASN G 16 -33.42 -7.78 -6.74
C ASN G 16 -33.70 -6.30 -6.47
N ARG G 17 -34.95 -5.92 -6.25
CA ARG G 17 -35.28 -4.52 -6.03
C ARG G 17 -34.91 -4.01 -4.59
N ARG G 18 -34.87 -4.91 -3.59
CA ARG G 18 -34.53 -4.54 -2.21
C ARG G 18 -33.02 -4.36 -1.98
N SER G 19 -32.24 -5.24 -2.60
CA SER G 19 -30.77 -5.21 -2.54
C SER G 19 -30.33 -5.26 -4.03
N PRO G 20 -30.37 -4.10 -4.74
CA PRO G 20 -30.18 -4.12 -6.21
C PRO G 20 -28.83 -4.55 -6.77
N THR G 21 -27.80 -4.77 -5.94
CA THR G 21 -26.50 -5.25 -6.46
C THR G 21 -26.42 -6.77 -6.45
N LEU G 22 -27.37 -7.46 -5.78
CA LEU G 22 -27.36 -8.92 -5.63
C LEU G 22 -27.46 -9.65 -6.95
N GLY G 23 -26.38 -10.37 -7.26
CA GLY G 23 -26.26 -11.08 -8.52
C GLY G 23 -25.72 -10.22 -9.65
N ALA G 24 -25.49 -8.93 -9.37
CA ALA G 24 -24.90 -8.01 -10.35
C ALA G 24 -23.38 -8.25 -10.47
N SER G 25 -22.80 -7.82 -11.61
CA SER G 25 -21.39 -8.02 -11.91
C SER G 25 -20.44 -7.11 -11.06
N ASN G 26 -19.14 -7.50 -11.01
CA ASN G 26 -18.07 -6.83 -10.28
C ASN G 26 -18.44 -6.51 -8.82
N ARG G 27 -18.76 -7.59 -8.08
CA ARG G 27 -19.17 -7.57 -6.67
C ARG G 27 -18.57 -8.79 -6.01
N ALA G 28 -18.27 -8.70 -4.71
CA ALA G 28 -17.70 -9.82 -3.96
C ALA G 28 -18.67 -11.02 -3.92
N PHE G 29 -18.12 -12.24 -3.90
CA PHE G 29 -18.94 -13.45 -3.79
C PHE G 29 -19.53 -13.48 -2.40
N VAL G 30 -20.67 -14.16 -2.25
CA VAL G 30 -21.25 -14.41 -0.94
C VAL G 30 -20.43 -15.59 -0.34
N ARG G 31 -20.34 -15.67 0.97
CA ARG G 31 -19.68 -16.80 1.63
C ARG G 31 -20.74 -17.60 2.35
N TRP G 32 -20.73 -18.92 2.18
CA TRP G 32 -21.65 -19.82 2.87
C TRP G 32 -21.04 -20.27 4.19
N LEU G 33 -19.69 -20.16 4.34
CA LEU G 33 -18.93 -20.47 5.54
C LEU G 33 -17.87 -19.41 5.73
N PRO G 34 -17.41 -19.09 6.97
CA PRO G 34 -16.35 -18.07 7.10
C PRO G 34 -15.04 -18.61 6.56
N ALA G 35 -14.25 -17.73 5.91
CA ALA G 35 -12.96 -18.08 5.32
C ALA G 35 -11.93 -18.62 6.35
N GLU G 36 -10.98 -19.42 5.88
CA GLU G 36 -9.91 -20.03 6.67
C GLU G 36 -8.59 -19.70 6.04
N TYR G 37 -7.91 -18.72 6.61
CA TYR G 37 -6.61 -18.25 6.17
C TYR G 37 -5.59 -18.48 7.28
N GLU G 38 -4.33 -18.68 6.89
CA GLU G 38 -3.16 -18.89 7.75
C GLU G 38 -3.08 -17.85 8.88
N ASP G 39 -3.35 -16.54 8.57
CA ASP G 39 -3.30 -15.41 9.52
C ASP G 39 -4.69 -15.01 10.04
N GLY G 40 -5.73 -15.72 9.61
CA GLY G 40 -7.11 -15.42 9.96
C GLY G 40 -7.87 -14.58 8.95
N PHE G 41 -7.19 -13.66 8.24
CA PHE G 41 -7.90 -12.74 7.36
C PHE G 41 -7.38 -12.62 5.87
N SER G 42 -6.12 -12.99 5.55
CA SER G 42 -5.65 -12.83 4.18
C SER G 42 -4.66 -13.87 3.64
N LEU G 43 -3.73 -14.34 4.45
CA LEU G 43 -2.69 -15.26 3.96
C LEU G 43 -3.20 -16.66 3.73
N PRO G 44 -2.93 -17.23 2.54
CA PRO G 44 -3.41 -18.59 2.27
C PRO G 44 -2.63 -19.67 3.01
N TYR G 45 -3.30 -20.79 3.34
CA TYR G 45 -2.63 -21.91 3.98
C TYR G 45 -1.61 -22.42 2.96
N GLY G 46 -0.35 -22.51 3.38
CA GLY G 46 0.76 -22.87 2.51
C GLY G 46 1.69 -21.70 2.26
N TRP G 47 1.24 -20.48 2.60
CA TRP G 47 2.03 -19.26 2.44
C TRP G 47 3.32 -19.30 3.24
N THR G 48 3.25 -19.57 4.53
CA THR G 48 4.43 -19.59 5.38
C THR G 48 4.96 -21.00 5.61
N PRO G 49 6.26 -21.22 5.27
CA PRO G 49 6.88 -22.53 5.54
C PRO G 49 6.83 -22.85 7.04
N GLY G 50 6.46 -24.09 7.36
CA GLY G 50 6.37 -24.55 8.73
C GLY G 50 5.01 -24.36 9.39
N VAL G 51 4.19 -23.40 8.91
CA VAL G 51 2.88 -23.15 9.51
C VAL G 51 1.88 -24.25 9.12
N LYS G 52 1.37 -24.98 10.11
CA LYS G 52 0.43 -26.09 9.93
C LYS G 52 -1.02 -25.62 9.88
N ARG G 53 -1.88 -26.39 9.19
CA ARG G 53 -3.33 -26.18 9.12
C ARG G 53 -3.92 -27.29 10.00
N ASN G 54 -4.76 -26.92 11.03
CA ASN G 54 -5.41 -27.85 11.96
C ASN G 54 -4.41 -28.87 12.56
N GLY G 55 -3.21 -28.44 12.90
CA GLY G 55 -2.19 -29.31 13.46
C GLY G 55 -1.53 -30.25 12.47
N PHE G 56 -1.67 -29.98 11.16
CA PHE G 56 -1.07 -30.83 10.12
C PHE G 56 -0.28 -30.02 9.10
N PRO G 57 0.89 -30.51 8.60
CA PRO G 57 1.61 -29.78 7.55
C PRO G 57 0.73 -29.64 6.31
N VAL G 58 0.82 -28.48 5.65
CA VAL G 58 0.07 -28.21 4.43
C VAL G 58 0.69 -28.98 3.24
N ALA G 59 -0.11 -29.85 2.60
CA ALA G 59 0.34 -30.61 1.43
C ALA G 59 0.46 -29.69 0.22
N LEU G 60 1.50 -29.91 -0.61
CA LEU G 60 1.72 -29.12 -1.84
C LEU G 60 0.66 -29.57 -2.84
N ALA G 61 -0.07 -28.61 -3.47
CA ALA G 61 -1.12 -28.89 -4.48
C ALA G 61 -0.58 -29.81 -5.57
N ARG G 62 0.66 -29.52 -6.06
CA ARG G 62 1.32 -30.35 -7.07
C ARG G 62 1.59 -31.81 -6.57
N ALA G 63 1.97 -31.96 -5.28
CA ALA G 63 2.20 -33.29 -4.67
C ALA G 63 0.89 -34.08 -4.62
N VAL G 64 -0.23 -33.42 -4.22
CA VAL G 64 -1.55 -34.04 -4.19
C VAL G 64 -1.94 -34.47 -5.64
N SER G 65 -1.75 -33.57 -6.61
CA SER G 65 -2.01 -33.81 -8.02
C SER G 65 -1.19 -35.01 -8.55
N ASN G 66 0.09 -35.08 -8.20
CA ASN G 66 0.99 -36.16 -8.60
C ASN G 66 0.60 -37.51 -8.00
N GLU G 67 0.25 -37.53 -6.71
CA GLU G 67 -0.05 -38.77 -6.01
C GLU G 67 -1.48 -39.26 -6.17
N ILE G 68 -2.46 -38.36 -6.29
CA ILE G 68 -3.88 -38.71 -6.34
C ILE G 68 -4.52 -38.56 -7.71
N VAL G 69 -4.27 -37.42 -8.39
CA VAL G 69 -4.91 -37.12 -9.67
C VAL G 69 -4.30 -37.92 -10.85
N ARG G 70 -2.95 -37.97 -10.94
CA ARG G 70 -2.22 -38.66 -12.00
C ARG G 70 -2.67 -40.11 -12.26
N PHE G 71 -2.84 -40.46 -13.55
CA PHE G 71 -3.20 -41.80 -14.06
C PHE G 71 -2.78 -41.93 -15.57
N PRO G 72 -2.56 -43.16 -16.10
CA PRO G 72 -2.16 -43.30 -17.52
C PRO G 72 -3.32 -43.05 -18.49
N THR G 73 -3.12 -42.11 -19.41
CA THR G 73 -4.11 -41.65 -20.39
C THR G 73 -4.76 -42.80 -21.18
N ASP G 74 -3.95 -43.81 -21.56
CA ASP G 74 -4.39 -45.00 -22.30
C ASP G 74 -5.51 -45.79 -21.55
N GLN G 75 -5.56 -45.65 -20.20
CA GLN G 75 -6.51 -46.32 -19.32
C GLN G 75 -7.88 -45.64 -19.22
N LEU G 76 -8.00 -44.39 -19.72
CA LEU G 76 -9.22 -43.58 -19.70
C LEU G 76 -10.49 -44.40 -19.98
N THR G 77 -11.50 -44.24 -19.11
CA THR G 77 -12.80 -44.91 -19.22
C THR G 77 -13.79 -43.96 -19.92
N PRO G 78 -14.25 -44.25 -21.14
CA PRO G 78 -15.27 -43.37 -21.73
C PRO G 78 -16.60 -43.57 -21.00
N ASP G 79 -17.40 -42.51 -20.88
CA ASP G 79 -18.70 -42.60 -20.24
C ASP G 79 -19.71 -43.18 -21.24
N GLN G 80 -20.34 -44.30 -20.89
CA GLN G 80 -21.33 -44.91 -21.77
C GLN G 80 -22.65 -44.11 -21.82
N GLU G 81 -22.88 -43.26 -20.82
CA GLU G 81 -24.14 -42.52 -20.71
C GLU G 81 -23.99 -40.99 -20.75
N ARG G 82 -22.84 -40.46 -21.20
CA ARG G 82 -22.58 -39.02 -21.33
C ARG G 82 -21.74 -38.69 -22.57
N SER G 83 -22.10 -37.59 -23.24
CA SER G 83 -21.41 -37.06 -24.41
C SER G 83 -20.41 -35.98 -23.99
N LEU G 84 -19.44 -35.60 -24.88
CA LEU G 84 -18.51 -34.51 -24.56
C LEU G 84 -19.29 -33.20 -24.47
N MET G 85 -20.46 -33.14 -25.13
CA MET G 85 -21.37 -32.01 -25.12
C MET G 85 -21.80 -31.68 -23.67
N PHE G 86 -21.92 -32.73 -22.83
CA PHE G 86 -22.22 -32.62 -21.40
C PHE G 86 -21.09 -31.87 -20.68
N MET G 87 -19.83 -32.14 -21.07
CA MET G 87 -18.64 -31.49 -20.52
C MET G 87 -18.65 -30.02 -20.98
N GLN G 88 -18.79 -29.79 -22.29
CA GLN G 88 -18.74 -28.45 -22.89
C GLN G 88 -19.86 -27.51 -22.44
N TRP G 89 -21.08 -28.03 -22.21
CA TRP G 89 -22.16 -27.18 -21.73
C TRP G 89 -21.81 -26.67 -20.33
N GLY G 90 -21.27 -27.55 -19.46
CA GLY G 90 -20.84 -27.20 -18.13
C GLY G 90 -19.87 -26.02 -18.13
N GLN G 91 -18.81 -26.08 -18.96
CA GLN G 91 -17.86 -24.99 -19.08
C GLN G 91 -18.56 -23.72 -19.54
N LEU G 92 -19.38 -23.82 -20.61
CA LEU G 92 -20.13 -22.68 -21.16
C LEU G 92 -21.02 -22.05 -20.09
N LEU G 93 -21.76 -22.89 -19.34
CA LEU G 93 -22.65 -22.50 -18.25
C LEU G 93 -21.85 -21.76 -17.16
N ASP G 94 -20.70 -22.35 -16.76
CA ASP G 94 -19.81 -21.78 -15.77
C ASP G 94 -19.39 -20.33 -16.13
N HIS G 95 -19.24 -20.05 -17.44
CA HIS G 95 -18.84 -18.77 -18.00
C HIS G 95 -20.01 -17.77 -18.08
N ASP G 96 -21.21 -18.21 -17.68
CA ASP G 96 -22.41 -17.35 -17.58
C ASP G 96 -22.53 -16.94 -16.09
N LEU G 97 -21.88 -17.70 -15.20
CA LEU G 97 -22.01 -17.51 -13.76
C LEU G 97 -20.85 -16.81 -13.08
N ASP G 98 -19.62 -17.32 -13.25
CA ASP G 98 -18.49 -16.72 -12.53
C ASP G 98 -17.18 -16.60 -13.28
N PHE G 99 -16.52 -15.47 -13.05
CA PHE G 99 -15.17 -15.15 -13.46
C PHE G 99 -14.49 -14.41 -12.31
N THR G 100 -13.39 -14.99 -11.80
CA THR G 100 -12.65 -14.41 -10.68
C THR G 100 -11.39 -13.69 -11.20
N PRO G 101 -11.41 -12.34 -11.23
CA PRO G 101 -10.25 -11.60 -11.75
C PRO G 101 -8.95 -11.74 -10.96
N GLU G 102 -7.82 -11.62 -11.72
CA GLU G 102 -6.42 -11.63 -11.24
C GLU G 102 -5.78 -10.31 -11.70
N PRO G 103 -4.65 -9.87 -11.10
CA PRO G 103 -4.00 -8.62 -11.56
C PRO G 103 -3.48 -8.62 -13.01
N ASN H 2 6.61 -10.20 -11.21
CA ASN H 2 5.83 -10.79 -12.28
C ASN H 2 5.64 -12.29 -12.01
N CYS H 3 4.39 -12.71 -11.69
CA CYS H 3 4.04 -14.11 -11.38
C CYS H 3 4.32 -15.07 -12.52
N GLU H 4 4.20 -14.59 -13.78
CA GLU H 4 4.44 -15.37 -15.00
C GLU H 4 5.89 -15.89 -15.12
N THR H 5 6.88 -15.15 -14.60
CA THR H 5 8.29 -15.50 -14.76
C THR H 5 9.08 -15.74 -13.45
N SER H 6 8.63 -15.16 -12.33
CA SER H 6 9.32 -15.30 -11.05
C SER H 6 8.76 -16.45 -10.19
N CYS H 7 9.60 -16.97 -9.29
CA CYS H 7 9.24 -18.04 -8.36
C CYS H 7 9.17 -17.57 -6.93
N VAL H 8 9.38 -16.27 -6.72
CA VAL H 8 9.36 -15.62 -5.42
C VAL H 8 7.92 -15.46 -4.94
N GLN H 9 7.67 -15.81 -3.67
CA GLN H 9 6.36 -15.66 -3.04
C GLN H 9 6.20 -14.22 -2.46
N GLN H 10 5.93 -13.26 -3.35
CA GLN H 10 5.70 -11.86 -3.00
C GLN H 10 4.33 -11.47 -3.56
N PRO H 11 3.41 -10.88 -2.75
CA PRO H 11 2.08 -10.51 -3.30
C PRO H 11 2.15 -9.74 -4.62
N PRO H 12 1.30 -10.06 -5.63
CA PRO H 12 0.19 -11.04 -5.62
C PRO H 12 0.54 -12.46 -6.01
N CYS H 13 1.85 -12.80 -5.99
CA CYS H 13 2.30 -14.14 -6.39
C CYS H 13 2.14 -15.13 -5.29
N PHE H 14 1.54 -16.29 -5.62
CA PHE H 14 1.43 -17.42 -4.72
C PHE H 14 1.88 -18.67 -5.51
N PRO H 15 3.17 -18.74 -5.91
CA PRO H 15 3.59 -19.88 -6.77
C PRO H 15 3.46 -21.25 -6.14
N LEU H 16 3.24 -22.24 -7.02
CA LEU H 16 3.10 -23.63 -6.60
C LEU H 16 4.49 -24.25 -6.55
N LYS H 17 5.02 -24.49 -5.33
CA LYS H 17 6.34 -25.10 -5.15
C LYS H 17 6.37 -26.53 -5.74
N ILE H 18 7.53 -26.95 -6.28
CA ILE H 18 7.70 -28.26 -6.91
C ILE H 18 8.19 -29.31 -5.90
N PRO H 19 7.50 -30.46 -5.80
CA PRO H 19 7.93 -31.48 -4.83
C PRO H 19 9.16 -32.25 -5.33
N PRO H 20 9.88 -32.99 -4.46
CA PRO H 20 10.99 -33.80 -4.98
C PRO H 20 10.43 -34.98 -5.77
N ASN H 21 11.24 -35.53 -6.69
CA ASN H 21 10.88 -36.67 -7.55
C ASN H 21 9.55 -36.45 -8.33
N ASP H 22 9.37 -35.22 -8.85
CA ASP H 22 8.22 -34.84 -9.66
C ASP H 22 8.33 -35.56 -11.02
N PRO H 23 7.21 -36.08 -11.59
CA PRO H 23 7.33 -36.79 -12.89
C PRO H 23 7.72 -35.94 -14.10
N ARG H 24 7.50 -34.61 -14.03
CA ARG H 24 7.80 -33.70 -15.14
C ARG H 24 8.85 -32.61 -14.80
N ILE H 25 8.65 -31.82 -13.72
CA ILE H 25 9.54 -30.72 -13.35
C ILE H 25 10.68 -31.20 -12.45
N LYS H 26 11.86 -31.42 -13.07
CA LYS H 26 13.07 -31.90 -12.40
C LYS H 26 13.84 -30.78 -11.67
N ASN H 27 13.57 -29.49 -11.98
CA ASN H 27 14.19 -28.37 -11.28
C ASN H 27 13.31 -27.97 -10.10
N GLN H 28 13.77 -28.24 -8.86
CA GLN H 28 13.01 -27.92 -7.63
C GLN H 28 12.97 -26.41 -7.33
N ALA H 29 13.89 -25.62 -7.95
CA ALA H 29 13.94 -24.16 -7.79
C ALA H 29 12.84 -23.53 -8.64
N ASP H 30 12.40 -24.21 -9.70
CA ASP H 30 11.30 -23.79 -10.58
C ASP H 30 9.94 -23.85 -9.81
N CYS H 31 8.85 -23.45 -10.46
CA CYS H 31 7.50 -23.45 -9.88
C CYS H 31 6.43 -23.35 -10.96
N ILE H 32 5.18 -23.45 -10.54
CA ILE H 32 4.04 -23.28 -11.43
C ILE H 32 3.46 -21.89 -11.10
N PRO H 33 3.41 -20.99 -12.12
CA PRO H 33 2.92 -19.62 -11.87
C PRO H 33 1.49 -19.56 -11.35
N PHE H 34 1.24 -18.58 -10.44
CA PHE H 34 -0.06 -18.37 -9.81
C PHE H 34 -0.20 -16.96 -9.26
N PHE H 35 -1.25 -16.25 -9.69
CA PHE H 35 -1.58 -14.89 -9.25
C PHE H 35 -2.76 -15.06 -8.33
N ARG H 36 -2.70 -14.48 -7.14
CA ARG H 36 -3.81 -14.52 -6.19
C ARG H 36 -4.97 -13.74 -6.78
N SER H 37 -6.20 -14.25 -6.62
CA SER H 37 -7.37 -13.55 -7.10
C SER H 37 -7.46 -12.17 -6.42
N CYS H 38 -7.85 -11.17 -7.21
CA CYS H 38 -8.04 -9.78 -6.77
C CYS H 38 -8.91 -9.71 -5.50
N PRO H 39 -8.44 -9.04 -4.41
CA PRO H 39 -9.28 -8.94 -3.21
C PRO H 39 -10.40 -7.90 -3.41
N ALA H 40 -11.57 -8.16 -2.82
CA ALA H 40 -12.73 -7.26 -2.86
C ALA H 40 -12.41 -5.93 -2.17
N CYS H 41 -11.57 -5.97 -1.13
CA CYS H 41 -11.10 -4.81 -0.38
C CYS H 41 -9.56 -4.81 -0.27
N PRO H 42 -8.85 -4.21 -1.25
CA PRO H 42 -7.37 -4.22 -1.22
C PRO H 42 -6.71 -3.48 -0.06
N GLY H 43 -5.67 -4.10 0.48
CA GLY H 43 -4.86 -3.52 1.54
C GLY H 43 -5.41 -3.53 2.94
N SER H 44 -6.68 -3.94 3.14
CA SER H 44 -7.32 -3.97 4.46
C SER H 44 -6.77 -4.98 5.46
N ASN H 45 -6.58 -4.50 6.69
CA ASN H 45 -6.15 -5.31 7.83
C ASN H 45 -7.37 -5.65 8.71
N ILE H 46 -8.57 -5.14 8.33
CA ILE H 46 -9.85 -5.30 9.05
C ILE H 46 -10.75 -6.41 8.48
N THR H 47 -11.03 -6.32 7.19
CA THR H 47 -11.90 -7.26 6.52
C THR H 47 -11.26 -8.62 6.31
N ILE H 48 -12.09 -9.68 6.22
CA ILE H 48 -11.58 -11.01 5.90
C ILE H 48 -11.62 -11.07 4.37
N ARG H 49 -10.45 -11.32 3.76
CA ARG H 49 -10.27 -11.33 2.32
C ARG H 49 -11.31 -12.15 1.60
N ASN H 50 -11.87 -11.54 0.56
CA ASN H 50 -12.87 -12.15 -0.29
C ASN H 50 -12.54 -11.81 -1.74
N GLN H 51 -13.07 -12.59 -2.67
CA GLN H 51 -12.77 -12.41 -4.09
C GLN H 51 -13.98 -11.81 -4.81
N ILE H 52 -13.79 -11.38 -6.08
CA ILE H 52 -14.81 -10.70 -6.89
C ILE H 52 -15.38 -11.58 -7.98
N ASN H 53 -16.70 -11.45 -8.26
CA ASN H 53 -17.31 -12.08 -9.41
C ASN H 53 -17.56 -10.95 -10.39
N ALA H 54 -16.84 -11.00 -11.52
CA ALA H 54 -16.85 -10.02 -12.61
C ALA H 54 -18.04 -10.18 -13.54
N LEU H 55 -18.82 -11.29 -13.35
CA LEU H 55 -19.98 -11.61 -14.17
C LEU H 55 -21.27 -11.57 -13.36
N THR H 56 -22.40 -11.52 -14.05
CA THR H 56 -23.74 -11.58 -13.46
C THR H 56 -23.95 -13.05 -13.08
N SER H 57 -24.38 -13.33 -11.86
CA SER H 57 -24.60 -14.71 -11.38
C SER H 57 -25.73 -15.40 -12.13
N PHE H 58 -26.69 -14.60 -12.65
CA PHE H 58 -27.87 -15.09 -13.37
C PHE H 58 -27.54 -15.87 -14.59
N VAL H 59 -28.38 -16.88 -14.88
CA VAL H 59 -28.31 -17.71 -16.08
C VAL H 59 -29.03 -16.83 -17.14
N ASP H 60 -28.35 -15.76 -17.55
CA ASP H 60 -28.87 -14.73 -18.44
C ASP H 60 -28.14 -14.64 -19.76
N ALA H 61 -27.30 -15.64 -20.09
CA ALA H 61 -26.49 -15.72 -21.30
C ALA H 61 -25.48 -14.55 -21.38
N SER H 62 -24.92 -14.18 -20.22
CA SER H 62 -23.95 -13.08 -20.16
C SER H 62 -22.62 -13.44 -20.84
N MET H 63 -22.38 -14.74 -21.13
CA MET H 63 -21.18 -15.17 -21.87
C MET H 63 -21.35 -14.78 -23.34
N VAL H 64 -22.58 -14.37 -23.72
CA VAL H 64 -22.95 -13.93 -25.05
C VAL H 64 -23.00 -12.40 -25.12
N TYR H 65 -23.69 -11.78 -24.18
CA TYR H 65 -23.97 -10.36 -24.19
C TYR H 65 -23.01 -9.47 -23.40
N GLY H 66 -22.34 -10.02 -22.39
CA GLY H 66 -21.44 -9.26 -21.54
C GLY H 66 -22.10 -8.92 -20.23
N SER H 67 -21.31 -8.61 -19.21
CA SER H 67 -21.79 -8.25 -17.88
C SER H 67 -21.43 -6.80 -17.57
N GLU H 68 -20.94 -6.06 -18.58
CA GLU H 68 -20.58 -4.65 -18.48
C GLU H 68 -21.12 -3.92 -19.73
N GLU H 69 -21.74 -2.74 -19.53
CA GLU H 69 -22.40 -1.96 -20.61
C GLU H 69 -21.44 -1.55 -21.75
N PRO H 70 -20.19 -1.03 -21.52
CA PRO H 70 -19.32 -0.69 -22.68
C PRO H 70 -19.07 -1.90 -23.58
N LEU H 71 -18.70 -3.07 -22.98
CA LEU H 71 -18.47 -4.34 -23.70
C LEU H 71 -19.74 -4.78 -24.44
N ALA H 72 -20.89 -4.76 -23.74
CA ALA H 72 -22.19 -5.12 -24.30
C ALA H 72 -22.50 -4.32 -25.59
N ARG H 73 -22.23 -2.99 -25.57
CA ARG H 73 -22.39 -2.11 -26.72
C ARG H 73 -21.45 -2.51 -27.85
N ASN H 74 -20.15 -2.75 -27.56
CA ASN H 74 -19.15 -3.17 -28.55
C ASN H 74 -19.54 -4.43 -29.28
N LEU H 75 -20.08 -5.42 -28.55
CA LEU H 75 -20.52 -6.71 -29.10
C LEU H 75 -21.71 -6.57 -30.07
N ARG H 76 -22.41 -5.44 -30.00
CA ARG H 76 -23.55 -5.17 -30.86
C ARG H 76 -23.15 -4.57 -32.20
N ASN H 77 -24.02 -4.79 -33.14
CA ASN H 77 -23.95 -4.28 -34.49
C ASN H 77 -24.69 -2.93 -34.53
N MET H 78 -23.92 -1.83 -34.45
CA MET H 78 -24.47 -0.48 -34.44
C MET H 78 -24.57 0.13 -35.85
N SER H 79 -24.26 -0.66 -36.89
CA SER H 79 -24.33 -0.22 -38.30
C SER H 79 -25.76 -0.08 -38.84
N ASN H 80 -26.76 -0.67 -38.13
CA ASN H 80 -28.17 -0.65 -38.56
C ASN H 80 -29.14 -0.79 -37.40
N GLN H 81 -30.46 -0.89 -37.71
CA GLN H 81 -31.56 -1.02 -36.75
C GLN H 81 -32.15 -2.46 -36.74
N LEU H 82 -31.28 -3.48 -36.92
CA LEU H 82 -31.70 -4.88 -36.96
C LEU H 82 -31.44 -5.69 -35.64
N GLY H 83 -30.87 -5.03 -34.64
CA GLY H 83 -30.59 -5.55 -33.31
C GLY H 83 -29.75 -6.80 -33.27
N LEU H 84 -28.79 -6.87 -34.19
CA LEU H 84 -27.90 -8.02 -34.29
C LEU H 84 -26.69 -7.84 -33.42
N LEU H 85 -25.97 -8.92 -33.25
CA LEU H 85 -24.69 -8.96 -32.57
C LEU H 85 -23.66 -8.89 -33.70
N ALA H 86 -22.53 -8.21 -33.45
CA ALA H 86 -21.43 -8.06 -34.42
C ALA H 86 -20.83 -9.42 -34.80
N VAL H 87 -20.37 -9.53 -36.04
CA VAL H 87 -19.79 -10.76 -36.58
C VAL H 87 -18.39 -10.48 -37.15
N ASN H 88 -17.59 -11.53 -37.34
CA ASN H 88 -16.25 -11.40 -37.90
C ASN H 88 -16.34 -10.76 -39.30
N GLN H 89 -15.56 -9.68 -39.53
CA GLN H 89 -15.58 -8.96 -40.80
C GLN H 89 -14.53 -9.47 -41.79
N ARG H 90 -13.69 -10.41 -41.37
CA ARG H 90 -12.63 -10.96 -42.22
C ARG H 90 -12.91 -12.41 -42.61
N PHE H 91 -13.63 -13.19 -41.79
CA PHE H 91 -13.88 -14.61 -42.04
C PHE H 91 -15.30 -15.07 -41.75
N GLN H 92 -15.70 -16.16 -42.45
CA GLN H 92 -16.99 -16.83 -42.30
C GLN H 92 -16.77 -18.36 -42.30
N ASP H 93 -17.75 -19.13 -41.79
CA ASP H 93 -17.72 -20.60 -41.75
C ASP H 93 -18.80 -21.09 -42.72
N ASN H 94 -18.41 -21.24 -44.02
CA ASN H 94 -19.30 -21.60 -45.13
C ASN H 94 -20.49 -20.64 -45.17
N GLY H 95 -20.17 -19.34 -45.22
CA GLY H 95 -21.15 -18.25 -45.25
C GLY H 95 -21.79 -17.97 -43.89
N ARG H 96 -21.47 -18.78 -42.89
CA ARG H 96 -22.02 -18.60 -41.56
C ARG H 96 -21.10 -17.72 -40.68
N ALA H 97 -21.72 -16.98 -39.76
CA ALA H 97 -21.01 -16.05 -38.89
C ALA H 97 -20.02 -16.67 -37.91
N LEU H 98 -18.87 -15.98 -37.73
CA LEU H 98 -17.86 -16.29 -36.73
C LEU H 98 -17.84 -15.08 -35.76
N LEU H 99 -17.35 -15.29 -34.52
CA LEU H 99 -17.25 -14.21 -33.52
C LEU H 99 -16.26 -13.12 -34.02
N PRO H 100 -16.43 -11.83 -33.65
CA PRO H 100 -15.45 -10.84 -34.08
C PRO H 100 -14.12 -11.11 -33.39
N PHE H 101 -13.02 -10.53 -33.91
CA PHE H 101 -11.72 -10.67 -33.29
C PHE H 101 -11.55 -9.57 -32.24
N ASP H 102 -10.80 -9.88 -31.16
CA ASP H 102 -10.52 -8.94 -30.08
C ASP H 102 -9.21 -8.23 -30.37
N ASN H 103 -9.03 -7.05 -29.78
CA ASN H 103 -7.83 -6.24 -29.93
C ASN H 103 -7.08 -6.28 -28.60
N LEU H 104 -6.30 -7.35 -28.39
CA LEU H 104 -5.58 -7.55 -27.13
C LEU H 104 -4.12 -7.14 -27.27
N HIS H 105 -3.56 -6.57 -26.18
CA HIS H 105 -2.15 -6.15 -26.10
C HIS H 105 -1.27 -7.41 -26.26
N ASP H 106 -1.47 -8.42 -25.40
CA ASP H 106 -0.79 -9.71 -25.46
C ASP H 106 -1.87 -10.75 -25.78
N ASP H 107 -1.99 -11.09 -27.06
CA ASP H 107 -2.98 -12.04 -27.55
C ASP H 107 -2.40 -13.45 -27.47
N PRO H 108 -2.98 -14.36 -26.66
CA PRO H 108 -2.43 -15.73 -26.60
C PRO H 108 -2.67 -16.57 -27.86
N CYS H 109 -3.70 -16.24 -28.63
CA CYS H 109 -4.07 -16.99 -29.82
C CYS H 109 -3.07 -16.91 -30.94
N LEU H 110 -2.37 -15.76 -31.06
CA LEU H 110 -1.33 -15.57 -32.07
C LEU H 110 -0.12 -16.46 -31.75
N LEU H 111 0.05 -16.83 -30.46
CA LEU H 111 1.15 -17.69 -30.01
C LEU H 111 1.01 -19.15 -30.41
N THR H 112 -0.23 -19.64 -30.49
CA THR H 112 -0.54 -21.04 -30.83
C THR H 112 -0.11 -21.42 -32.25
N ASN H 113 0.11 -20.38 -33.09
CA ASN H 113 0.52 -20.48 -34.48
C ASN H 113 1.09 -19.18 -35.03
N ARG H 114 2.38 -19.17 -35.37
CA ARG H 114 3.00 -17.97 -35.95
C ARG H 114 2.44 -17.61 -37.35
N SER H 115 2.56 -18.55 -38.33
CA SER H 115 2.12 -18.32 -39.71
C SER H 115 0.64 -17.96 -39.86
N ALA H 116 -0.28 -18.67 -39.17
CA ALA H 116 -1.72 -18.40 -39.28
C ALA H 116 -2.14 -16.99 -38.91
N ARG H 117 -1.45 -16.35 -37.93
CA ARG H 117 -1.69 -14.98 -37.46
C ARG H 117 -3.18 -14.70 -37.09
N ILE H 118 -3.80 -15.64 -36.35
CA ILE H 118 -5.22 -15.53 -35.96
C ILE H 118 -5.35 -15.07 -34.51
N PRO H 119 -5.86 -13.84 -34.29
CA PRO H 119 -6.04 -13.37 -32.90
C PRO H 119 -7.24 -14.00 -32.17
N CYS H 120 -7.44 -13.67 -30.89
CA CYS H 120 -8.56 -14.19 -30.08
C CYS H 120 -9.90 -13.65 -30.55
N PHE H 121 -10.96 -14.41 -30.27
CA PHE H 121 -12.32 -14.00 -30.57
C PHE H 121 -12.82 -13.11 -29.44
N LEU H 122 -13.82 -12.29 -29.73
CA LEU H 122 -14.44 -11.38 -28.79
C LEU H 122 -15.90 -11.82 -28.54
N ALA H 123 -16.24 -12.08 -27.26
CA ALA H 123 -17.56 -12.51 -26.82
C ALA H 123 -17.97 -11.83 -25.50
N GLY H 124 -19.11 -12.24 -24.93
CA GLY H 124 -19.60 -11.73 -23.67
C GLY H 124 -18.67 -12.04 -22.51
N ASP H 125 -18.00 -13.21 -22.57
CA ASP H 125 -17.02 -13.64 -21.58
C ASP H 125 -15.65 -13.70 -22.26
N THR H 126 -14.59 -13.29 -21.54
CA THR H 126 -13.20 -13.19 -21.99
C THR H 126 -12.51 -14.51 -22.24
N ARG H 127 -13.12 -15.65 -21.87
CA ARG H 127 -12.45 -16.94 -22.07
C ARG H 127 -12.91 -17.71 -23.31
N SER H 128 -13.68 -17.04 -24.19
CA SER H 128 -14.28 -17.61 -25.40
C SER H 128 -13.32 -18.39 -26.33
N SER H 129 -12.04 -17.99 -26.39
CA SER H 129 -11.05 -18.65 -27.24
C SER H 129 -10.22 -19.73 -26.54
N GLU H 130 -10.56 -20.04 -25.25
CA GLU H 130 -9.82 -20.99 -24.41
C GLU H 130 -9.63 -22.35 -25.06
N MET H 131 -10.68 -22.89 -25.68
CA MET H 131 -10.62 -24.14 -26.41
C MET H 131 -11.65 -24.07 -27.57
N PRO H 132 -11.33 -24.60 -28.78
CA PRO H 132 -12.25 -24.47 -29.92
C PRO H 132 -13.66 -25.01 -29.68
N GLU H 133 -13.82 -25.99 -28.77
CA GLU H 133 -15.12 -26.53 -28.41
C GLU H 133 -16.00 -25.45 -27.72
N LEU H 134 -15.38 -24.66 -26.84
CA LEU H 134 -16.05 -23.57 -26.16
C LEU H 134 -16.39 -22.47 -27.17
N THR H 135 -15.41 -22.09 -28.03
CA THR H 135 -15.59 -21.10 -29.07
C THR H 135 -16.79 -21.46 -29.93
N SER H 136 -16.90 -22.75 -30.30
CA SER H 136 -17.98 -23.29 -31.11
C SER H 136 -19.35 -23.07 -30.48
N MET H 137 -19.44 -23.26 -29.16
CA MET H 137 -20.68 -23.05 -28.40
C MET H 137 -21.05 -21.57 -28.36
N HIS H 138 -20.04 -20.68 -28.24
CA HIS H 138 -20.20 -19.22 -28.26
C HIS H 138 -20.68 -18.76 -29.63
N THR H 139 -20.06 -19.32 -30.69
CA THR H 139 -20.36 -19.01 -32.09
C THR H 139 -21.81 -19.45 -32.42
N LEU H 140 -22.23 -20.60 -31.85
CA LEU H 140 -23.56 -21.15 -32.04
C LEU H 140 -24.62 -20.18 -31.48
N LEU H 141 -24.38 -19.67 -30.27
CA LEU H 141 -25.29 -18.76 -29.58
C LEU H 141 -25.37 -17.37 -30.23
N LEU H 142 -24.24 -16.87 -30.76
CA LEU H 142 -24.19 -15.60 -31.52
C LEU H 142 -25.09 -15.73 -32.79
N ARG H 143 -25.03 -16.87 -33.49
CA ARG H 143 -25.84 -17.17 -34.66
C ARG H 143 -27.30 -17.26 -34.28
N GLU H 144 -27.59 -17.94 -33.15
CA GLU H 144 -28.95 -18.09 -32.61
C GLU H 144 -29.63 -16.75 -32.30
N HIS H 145 -28.87 -15.76 -31.79
CA HIS H 145 -29.42 -14.42 -31.53
C HIS H 145 -29.80 -13.74 -32.85
N ASN H 146 -28.88 -13.73 -33.82
CA ASN H 146 -29.09 -13.08 -35.12
C ASN H 146 -30.22 -13.70 -35.90
N ARG H 147 -30.35 -15.04 -35.84
CA ARG H 147 -31.43 -15.82 -36.46
C ARG H 147 -32.78 -15.37 -35.87
N LEU H 148 -32.85 -15.24 -34.54
CA LEU H 148 -34.03 -14.78 -33.83
C LEU H 148 -34.41 -13.33 -34.19
N ALA H 149 -33.43 -12.38 -34.13
CA ALA H 149 -33.66 -10.95 -34.48
C ALA H 149 -34.15 -10.80 -35.92
N THR H 150 -33.66 -11.68 -36.84
CA THR H 150 -34.06 -11.71 -38.23
C THR H 150 -35.54 -12.13 -38.37
N GLU H 151 -35.93 -13.24 -37.69
CA GLU H 151 -37.28 -13.79 -37.66
C GLU H 151 -38.27 -12.78 -37.03
N LEU H 152 -37.86 -12.10 -35.92
CA LEU H 152 -38.69 -11.09 -35.26
C LEU H 152 -38.87 -9.83 -36.07
N LYS H 153 -37.92 -9.51 -36.98
CA LYS H 153 -37.99 -8.34 -37.88
C LYS H 153 -39.08 -8.59 -38.93
N SER H 154 -39.14 -9.81 -39.51
CA SER H 154 -40.16 -10.12 -40.50
C SER H 154 -41.55 -10.21 -39.85
N LEU H 155 -41.60 -10.59 -38.57
CA LEU H 155 -42.83 -10.65 -37.79
C LEU H 155 -43.30 -9.26 -37.41
N ASN H 156 -42.38 -8.45 -36.84
CA ASN H 156 -42.65 -7.09 -36.39
C ASN H 156 -41.75 -6.07 -37.10
N PRO H 157 -42.07 -5.71 -38.37
CA PRO H 157 -41.22 -4.75 -39.12
C PRO H 157 -41.08 -3.38 -38.48
N ARG H 158 -42.07 -2.97 -37.66
CA ARG H 158 -42.07 -1.67 -36.99
C ARG H 158 -41.10 -1.61 -35.79
N TRP H 159 -40.62 -2.76 -35.28
CA TRP H 159 -39.67 -2.82 -34.16
C TRP H 159 -38.30 -2.27 -34.55
N ASP H 160 -37.69 -1.49 -33.66
CA ASP H 160 -36.36 -0.90 -33.86
C ASP H 160 -35.24 -1.82 -33.30
N GLY H 161 -33.99 -1.47 -33.59
CA GLY H 161 -32.79 -2.19 -33.18
C GLY H 161 -32.76 -2.59 -31.72
N GLU H 162 -33.06 -1.64 -30.82
CA GLU H 162 -33.08 -1.90 -29.37
C GLU H 162 -34.10 -2.98 -28.99
N ARG H 163 -35.34 -2.86 -29.54
CA ARG H 163 -36.44 -3.79 -29.28
C ARG H 163 -36.07 -5.20 -29.71
N LEU H 164 -35.53 -5.33 -30.93
CA LEU H 164 -35.11 -6.60 -31.51
C LEU H 164 -34.00 -7.24 -30.70
N TYR H 165 -32.95 -6.45 -30.39
CA TYR H 165 -31.81 -6.91 -29.60
C TYR H 165 -32.31 -7.48 -28.26
N GLN H 166 -33.16 -6.71 -27.56
CA GLN H 166 -33.71 -7.08 -26.27
C GLN H 166 -34.59 -8.33 -26.32
N GLU H 167 -35.50 -8.40 -27.29
CA GLU H 167 -36.41 -9.54 -27.42
C GLU H 167 -35.68 -10.86 -27.72
N ALA H 168 -34.74 -10.87 -28.70
CA ALA H 168 -33.95 -12.05 -29.04
C ALA H 168 -33.09 -12.49 -27.81
N ARG H 169 -32.46 -11.52 -27.08
CA ARG H 169 -31.63 -11.72 -25.90
C ARG H 169 -32.42 -12.42 -24.82
N LYS H 170 -33.67 -11.96 -24.58
CA LYS H 170 -34.63 -12.52 -23.63
C LYS H 170 -34.86 -14.00 -23.98
N ILE H 171 -35.10 -14.31 -25.27
CA ILE H 171 -35.29 -15.70 -25.76
C ILE H 171 -34.02 -16.54 -25.52
N VAL H 172 -32.83 -16.00 -25.87
CA VAL H 172 -31.55 -16.72 -25.73
C VAL H 172 -31.30 -17.10 -24.26
N GLY H 173 -31.51 -16.13 -23.36
CA GLY H 173 -31.36 -16.31 -21.92
C GLY H 173 -32.28 -17.42 -21.42
N ALA H 174 -33.55 -17.42 -21.91
CA ALA H 174 -34.52 -18.47 -21.56
C ALA H 174 -34.03 -19.83 -22.04
N MET H 175 -33.58 -19.91 -23.30
CA MET H 175 -33.07 -21.15 -23.89
C MET H 175 -31.95 -21.79 -23.04
N VAL H 176 -31.01 -20.97 -22.53
CA VAL H 176 -29.91 -21.41 -21.67
C VAL H 176 -30.48 -22.03 -20.37
N GLN H 177 -31.48 -21.34 -19.74
CA GLN H 177 -32.18 -21.76 -18.53
C GLN H 177 -32.87 -23.10 -18.71
N ILE H 178 -33.60 -23.27 -19.85
CA ILE H 178 -34.33 -24.49 -20.18
C ILE H 178 -33.35 -25.64 -20.32
N ILE H 179 -32.34 -25.50 -21.22
CA ILE H 179 -31.34 -26.55 -21.47
C ILE H 179 -30.62 -26.96 -20.18
N THR H 180 -30.25 -25.96 -19.33
CA THR H 180 -29.56 -26.21 -18.08
C THR H 180 -30.41 -26.98 -17.10
N TYR H 181 -31.57 -26.44 -16.71
CA TYR H 181 -32.42 -27.01 -15.66
C TYR H 181 -33.22 -28.24 -16.07
N ARG H 182 -33.65 -28.33 -17.35
CA ARG H 182 -34.42 -29.47 -17.85
C ARG H 182 -33.52 -30.62 -18.30
N ASP H 183 -32.36 -30.32 -18.92
CA ASP H 183 -31.53 -31.38 -19.51
C ASP H 183 -30.18 -31.62 -18.84
N TYR H 184 -29.46 -30.52 -18.44
CA TYR H 184 -28.12 -30.60 -17.90
C TYR H 184 -28.06 -31.02 -16.43
N LEU H 185 -28.60 -30.19 -15.54
CA LEU H 185 -28.59 -30.40 -14.10
C LEU H 185 -29.11 -31.79 -13.66
N PRO H 186 -30.26 -32.31 -14.19
CA PRO H 186 -30.71 -33.67 -13.80
C PRO H 186 -29.65 -34.76 -14.04
N LEU H 187 -28.75 -34.53 -15.02
CA LEU H 187 -27.67 -35.44 -15.39
C LEU H 187 -26.37 -35.22 -14.59
N VAL H 188 -26.26 -34.06 -13.89
CA VAL H 188 -25.12 -33.79 -13.03
C VAL H 188 -25.40 -34.41 -11.65
N LEU H 189 -26.57 -34.05 -11.10
CA LEU H 189 -27.00 -34.43 -9.75
C LEU H 189 -27.62 -35.81 -9.58
N GLY H 190 -28.30 -36.29 -10.62
CA GLY H 190 -29.07 -37.52 -10.52
C GLY H 190 -30.46 -37.20 -10.00
N PRO H 191 -31.41 -38.17 -10.06
CA PRO H 191 -32.79 -37.86 -9.67
C PRO H 191 -33.06 -37.50 -8.21
N THR H 192 -32.44 -38.18 -7.24
CA THR H 192 -32.77 -37.89 -5.83
C THR H 192 -32.29 -36.49 -5.44
N ALA H 193 -31.04 -36.10 -5.82
CA ALA H 193 -30.51 -34.76 -5.54
C ALA H 193 -31.30 -33.70 -6.31
N MET H 194 -31.74 -34.06 -7.55
CA MET H 194 -32.58 -33.19 -8.37
C MET H 194 -33.86 -32.84 -7.61
N ARG H 195 -34.58 -33.84 -7.09
CA ARG H 195 -35.80 -33.62 -6.29
C ARG H 195 -35.50 -32.86 -4.97
N LYS H 196 -34.41 -33.23 -4.31
CA LYS H 196 -33.99 -32.65 -3.04
C LYS H 196 -33.64 -31.15 -3.14
N TYR H 197 -32.68 -30.80 -4.02
CA TYR H 197 -32.19 -29.44 -4.16
C TYR H 197 -32.93 -28.60 -5.18
N LEU H 198 -33.65 -29.23 -6.14
CA LEU H 198 -34.40 -28.48 -7.14
C LEU H 198 -35.86 -28.94 -7.23
N PRO H 199 -36.67 -28.73 -6.16
CA PRO H 199 -38.10 -29.10 -6.27
C PRO H 199 -38.79 -28.20 -7.29
N THR H 200 -39.95 -28.65 -7.80
CA THR H 200 -40.75 -27.90 -8.80
C THR H 200 -40.79 -26.39 -8.50
N TYR H 201 -40.50 -25.58 -9.52
CA TYR H 201 -40.54 -24.11 -9.42
C TYR H 201 -41.96 -23.62 -9.05
N ARG H 202 -42.07 -22.77 -8.04
CA ARG H 202 -43.36 -22.19 -7.63
C ARG H 202 -43.43 -20.78 -8.24
N SER H 203 -42.61 -19.85 -7.75
CA SER H 203 -42.53 -18.47 -8.25
C SER H 203 -41.25 -17.76 -7.74
N TYR H 204 -40.98 -16.55 -8.29
CA TYR H 204 -39.86 -15.70 -7.89
C TYR H 204 -40.00 -15.35 -6.44
N ASN H 205 -38.86 -15.31 -5.75
CA ASN H 205 -38.70 -14.99 -4.34
C ASN H 205 -37.58 -13.94 -4.12
N ASP H 206 -37.97 -12.71 -3.73
CA ASP H 206 -37.02 -11.61 -3.52
C ASP H 206 -36.16 -11.75 -2.24
N SER H 207 -36.35 -12.83 -1.46
CA SER H 207 -35.60 -13.10 -0.24
C SER H 207 -34.58 -14.20 -0.44
N VAL H 208 -34.39 -14.59 -1.69
CA VAL H 208 -33.42 -15.62 -2.07
C VAL H 208 -32.22 -14.92 -2.69
N ASP H 209 -31.07 -15.03 -2.02
CA ASP H 209 -29.80 -14.45 -2.43
C ASP H 209 -29.31 -15.10 -3.75
N PRO H 210 -29.31 -14.36 -4.89
CA PRO H 210 -28.94 -14.98 -6.17
C PRO H 210 -27.44 -15.04 -6.44
N ARG H 211 -26.61 -14.44 -5.57
CA ARG H 211 -25.15 -14.40 -5.70
C ARG H 211 -24.49 -15.78 -5.81
N ILE H 212 -23.32 -15.82 -6.48
CA ILE H 212 -22.54 -17.05 -6.54
C ILE H 212 -21.72 -17.06 -5.26
N ALA H 213 -21.71 -18.20 -4.56
CA ALA H 213 -20.92 -18.38 -3.35
C ALA H 213 -19.49 -18.73 -3.77
N ASN H 214 -18.50 -18.30 -2.96
CA ASN H 214 -17.08 -18.53 -3.18
C ASN H 214 -16.76 -20.02 -3.49
N VAL H 215 -17.30 -20.96 -2.67
CA VAL H 215 -17.11 -22.41 -2.82
C VAL H 215 -17.51 -22.94 -4.23
N PHE H 216 -18.63 -22.41 -4.79
CA PHE H 216 -19.14 -22.77 -6.10
C PHE H 216 -18.11 -22.66 -7.22
N THR H 217 -17.31 -21.58 -7.21
CA THR H 217 -16.23 -21.33 -8.20
C THR H 217 -15.21 -22.46 -8.24
N ASN H 218 -15.14 -23.26 -7.17
CA ASN H 218 -14.19 -24.35 -7.04
C ASN H 218 -14.88 -25.72 -7.18
N ALA H 219 -16.11 -25.85 -6.61
CA ALA H 219 -16.91 -27.08 -6.64
C ALA H 219 -17.37 -27.36 -8.06
N PHE H 220 -17.78 -26.30 -8.83
CA PHE H 220 -18.21 -26.48 -10.20
C PHE H 220 -17.04 -26.86 -11.12
N ARG H 221 -15.81 -26.88 -10.59
CA ARG H 221 -14.62 -27.33 -11.34
C ARG H 221 -14.57 -28.87 -11.47
N TYR H 222 -15.58 -29.56 -10.94
CA TYR H 222 -15.76 -31.01 -11.05
C TYR H 222 -15.69 -31.40 -12.55
N GLY H 223 -16.15 -30.48 -13.43
CA GLY H 223 -16.20 -30.66 -14.87
C GLY H 223 -14.85 -30.98 -15.48
N HIS H 224 -13.75 -30.63 -14.76
CA HIS H 224 -12.40 -30.93 -15.19
C HIS H 224 -12.15 -32.45 -15.28
N THR H 225 -12.94 -33.26 -14.52
CA THR H 225 -12.86 -34.72 -14.50
C THR H 225 -13.55 -35.35 -15.73
N LEU H 226 -14.32 -34.55 -16.48
CA LEU H 226 -15.05 -34.99 -17.67
C LEU H 226 -14.27 -34.74 -18.97
N ILE H 227 -13.23 -33.90 -18.91
CA ILE H 227 -12.37 -33.52 -20.02
C ILE H 227 -11.65 -34.71 -20.66
N GLN H 228 -11.74 -34.82 -22.00
CA GLN H 228 -11.06 -35.84 -22.80
C GLN H 228 -9.68 -35.29 -23.26
N PRO H 229 -8.65 -36.15 -23.46
CA PRO H 229 -7.32 -35.64 -23.85
C PRO H 229 -7.19 -35.15 -25.30
N PHE H 230 -8.26 -35.24 -26.09
CA PHE H 230 -8.27 -34.80 -27.47
C PHE H 230 -9.46 -33.96 -27.81
N MET H 231 -9.32 -33.14 -28.86
CA MET H 231 -10.42 -32.46 -29.49
C MET H 231 -10.72 -33.36 -30.70
N PHE H 232 -11.97 -33.82 -30.78
CA PHE H 232 -12.45 -34.72 -31.84
C PHE H 232 -13.22 -33.95 -32.90
N ARG H 233 -12.83 -34.12 -34.16
CA ARG H 233 -13.50 -33.48 -35.29
C ARG H 233 -14.04 -34.53 -36.24
N LEU H 234 -15.36 -34.51 -36.48
CA LEU H 234 -16.05 -35.51 -37.31
C LEU H 234 -16.70 -34.91 -38.56
N ASP H 235 -16.72 -35.67 -39.68
CA ASP H 235 -17.31 -35.26 -40.94
C ASP H 235 -18.84 -35.44 -41.00
N ASN H 236 -19.46 -35.12 -42.17
CA ASN H 236 -20.91 -35.25 -42.45
C ASN H 236 -21.46 -36.61 -42.03
N ARG H 237 -20.69 -37.69 -42.33
CA ARG H 237 -21.03 -39.10 -42.05
C ARG H 237 -20.61 -39.53 -40.63
N TYR H 238 -20.24 -38.55 -39.77
CA TYR H 238 -19.82 -38.72 -38.37
C TYR H 238 -18.60 -39.65 -38.27
N GLN H 239 -17.69 -39.50 -39.24
CA GLN H 239 -16.47 -40.25 -39.35
C GLN H 239 -15.27 -39.33 -39.05
N PRO H 240 -14.12 -39.86 -38.55
CA PRO H 240 -12.97 -39.00 -38.27
C PRO H 240 -12.58 -38.10 -39.44
N MET H 241 -12.64 -36.77 -39.22
CA MET H 241 -12.32 -35.78 -40.24
C MET H 241 -10.80 -35.67 -40.39
N GLU H 242 -10.25 -36.38 -41.41
CA GLU H 242 -8.82 -36.45 -41.73
C GLU H 242 -8.36 -35.23 -42.53
N PRO H 243 -7.11 -34.72 -42.32
CA PRO H 243 -6.11 -35.15 -41.35
C PRO H 243 -6.38 -34.54 -39.95
N ASN H 244 -5.74 -35.11 -38.93
CA ASN H 244 -5.83 -34.71 -37.51
C ASN H 244 -7.28 -34.76 -36.96
N PRO H 245 -7.92 -35.93 -36.94
CA PRO H 245 -9.26 -36.01 -36.34
C PRO H 245 -9.24 -35.99 -34.79
N ARG H 246 -8.11 -36.41 -34.18
CA ARG H 246 -7.86 -36.45 -32.74
C ARG H 246 -6.67 -35.55 -32.47
N VAL H 247 -6.91 -34.28 -32.08
CA VAL H 247 -5.81 -33.33 -31.78
C VAL H 247 -5.62 -33.28 -30.25
N PRO H 248 -4.39 -33.53 -29.71
CA PRO H 248 -4.19 -33.41 -28.26
C PRO H 248 -4.57 -32.00 -27.78
N LEU H 249 -5.26 -31.96 -26.65
CA LEU H 249 -5.76 -30.73 -26.05
C LEU H 249 -4.68 -29.67 -25.82
N SER H 250 -3.44 -30.11 -25.50
CA SER H 250 -2.28 -29.22 -25.30
C SER H 250 -1.87 -28.49 -26.59
N ARG H 251 -2.56 -28.79 -27.71
CA ARG H 251 -2.30 -28.14 -29.00
C ARG H 251 -3.54 -27.35 -29.48
N VAL H 252 -4.64 -27.34 -28.67
CA VAL H 252 -5.90 -26.63 -29.05
C VAL H 252 -6.19 -25.41 -28.15
N PHE H 253 -5.62 -25.34 -26.92
CA PHE H 253 -5.86 -24.19 -26.02
C PHE H 253 -5.49 -22.89 -26.73
N PHE H 254 -6.45 -21.96 -26.83
CA PHE H 254 -6.31 -20.66 -27.51
C PHE H 254 -6.01 -20.79 -29.03
N ALA H 255 -6.34 -21.94 -29.63
CA ALA H 255 -6.05 -22.14 -31.05
C ALA H 255 -7.25 -21.76 -31.93
N SER H 256 -7.56 -20.46 -31.90
CA SER H 256 -8.64 -19.89 -32.71
C SER H 256 -8.43 -20.12 -34.23
N TRP H 257 -7.17 -20.27 -34.67
CA TRP H 257 -6.82 -20.53 -36.08
C TRP H 257 -7.45 -21.81 -36.56
N ARG H 258 -7.61 -22.81 -35.67
CA ARG H 258 -8.22 -24.11 -35.99
C ARG H 258 -9.69 -23.92 -36.41
N VAL H 259 -10.42 -23.00 -35.76
CA VAL H 259 -11.81 -22.69 -36.11
C VAL H 259 -11.86 -22.01 -37.50
N VAL H 260 -11.02 -20.99 -37.69
CA VAL H 260 -10.96 -20.19 -38.91
C VAL H 260 -10.44 -20.99 -40.12
N LEU H 261 -9.33 -21.72 -39.95
CA LEU H 261 -8.63 -22.43 -41.02
C LEU H 261 -8.78 -23.94 -41.07
N GLU H 262 -9.35 -24.58 -40.03
CA GLU H 262 -9.41 -26.05 -40.09
C GLU H 262 -10.82 -26.63 -40.09
N GLY H 263 -11.77 -25.94 -40.74
CA GLY H 263 -13.11 -26.46 -40.93
C GLY H 263 -14.31 -25.82 -40.28
N GLY H 264 -14.11 -24.79 -39.47
CA GLY H 264 -15.23 -24.12 -38.81
C GLY H 264 -15.71 -24.84 -37.58
N ILE H 265 -16.95 -24.56 -37.15
CA ILE H 265 -17.48 -25.13 -35.92
C ILE H 265 -18.22 -26.48 -36.09
N ASP H 266 -18.79 -26.77 -37.29
CA ASP H 266 -19.51 -28.02 -37.57
C ASP H 266 -18.75 -29.31 -37.18
N PRO H 267 -17.46 -29.51 -37.58
CA PRO H 267 -16.75 -30.73 -37.18
C PRO H 267 -16.53 -30.83 -35.67
N ILE H 268 -16.31 -29.67 -35.01
CA ILE H 268 -16.14 -29.58 -33.56
C ILE H 268 -17.43 -29.98 -32.84
N LEU H 269 -18.59 -29.48 -33.31
CA LEU H 269 -19.89 -29.80 -32.69
C LEU H 269 -20.28 -31.27 -32.83
N ARG H 270 -20.00 -31.89 -33.98
CA ARG H 270 -20.24 -33.32 -34.28
C ARG H 270 -19.39 -34.18 -33.35
N GLY H 271 -18.14 -33.74 -33.14
CA GLY H 271 -17.22 -34.40 -32.24
C GLY H 271 -17.73 -34.37 -30.81
N LEU H 272 -18.34 -33.24 -30.39
CA LEU H 272 -18.90 -33.10 -29.04
C LEU H 272 -20.10 -34.00 -28.83
N MET H 273 -20.98 -34.08 -29.84
CA MET H 273 -22.21 -34.89 -29.81
C MET H 273 -21.96 -36.39 -29.87
N ALA H 274 -21.09 -36.84 -30.80
CA ALA H 274 -20.86 -38.26 -31.03
C ALA H 274 -19.66 -38.87 -30.29
N THR H 275 -19.06 -38.13 -29.34
CA THR H 275 -17.95 -38.66 -28.56
C THR H 275 -18.36 -38.74 -27.10
N PRO H 276 -18.04 -39.87 -26.40
CA PRO H 276 -18.37 -39.95 -24.98
C PRO H 276 -17.47 -39.03 -24.13
N ALA H 277 -18.02 -38.53 -23.02
CA ALA H 277 -17.27 -37.71 -22.06
C ALA H 277 -16.33 -38.66 -21.29
N LYS H 278 -15.28 -38.12 -20.65
CA LYS H 278 -14.42 -38.94 -19.80
C LYS H 278 -15.23 -39.23 -18.53
N LEU H 279 -15.23 -40.49 -18.07
CA LEU H 279 -15.91 -40.85 -16.83
C LEU H 279 -14.95 -40.62 -15.65
N ASN H 280 -15.42 -39.90 -14.61
CA ASN H 280 -14.61 -39.68 -13.40
C ASN H 280 -14.61 -40.98 -12.55
N ARG H 281 -13.42 -41.57 -12.40
CA ARG H 281 -13.23 -42.77 -11.61
C ARG H 281 -12.21 -42.40 -10.54
N GLN H 282 -12.25 -43.06 -9.38
CA GLN H 282 -11.39 -42.71 -8.25
C GLN H 282 -9.91 -42.90 -8.49
N ASN H 283 -9.52 -43.73 -9.51
CA ASN H 283 -8.12 -43.95 -9.89
C ASN H 283 -7.81 -43.33 -11.25
N GLN H 284 -8.77 -42.54 -11.82
CA GLN H 284 -8.67 -41.86 -13.11
C GLN H 284 -9.42 -40.55 -12.97
N ILE H 285 -8.93 -39.64 -12.12
CA ILE H 285 -9.63 -38.38 -11.84
C ILE H 285 -9.50 -37.35 -12.99
N ALA H 286 -8.26 -36.97 -13.41
CA ALA H 286 -8.11 -35.99 -14.49
C ALA H 286 -6.89 -36.30 -15.38
N VAL H 287 -7.04 -36.06 -16.70
CA VAL H 287 -6.02 -36.37 -17.73
C VAL H 287 -4.78 -35.46 -17.65
N ASP H 288 -3.64 -35.98 -18.15
CA ASP H 288 -2.37 -35.27 -18.17
C ASP H 288 -2.31 -34.09 -19.16
N GLU H 289 -3.27 -33.99 -20.10
CA GLU H 289 -3.31 -32.85 -21.04
C GLU H 289 -3.58 -31.57 -20.26
N ILE H 290 -4.35 -31.67 -19.15
CA ILE H 290 -4.65 -30.53 -18.26
C ILE H 290 -3.77 -30.58 -16.97
N ARG H 291 -3.31 -31.78 -16.60
CA ARG H 291 -2.50 -31.95 -15.39
C ARG H 291 -1.02 -31.64 -15.61
N GLU H 292 -0.53 -31.76 -16.86
CA GLU H 292 0.88 -31.58 -17.19
C GLU H 292 1.14 -30.61 -18.30
N ARG H 293 0.17 -30.46 -19.23
CA ARG H 293 0.37 -29.70 -20.43
C ARG H 293 -0.63 -28.55 -20.63
N LEU H 294 -1.27 -28.11 -19.55
CA LEU H 294 -2.23 -27.02 -19.66
C LEU H 294 -1.53 -25.71 -20.06
N PHE H 295 -1.92 -25.17 -21.24
CA PHE H 295 -1.45 -23.91 -21.82
C PHE H 295 0.06 -23.94 -22.11
N GLU H 296 0.62 -25.14 -22.42
CA GLU H 296 2.07 -25.28 -22.69
C GLU H 296 2.54 -24.44 -23.90
N GLN H 297 1.69 -24.22 -24.91
CA GLN H 297 2.09 -23.41 -26.08
C GLN H 297 2.07 -21.87 -25.86
N VAL H 298 1.57 -21.40 -24.71
CA VAL H 298 1.45 -19.94 -24.45
C VAL H 298 2.15 -19.50 -23.16
N MET H 299 2.77 -20.44 -22.42
CA MET H 299 3.40 -20.15 -21.14
C MET H 299 4.81 -20.67 -21.10
N ARG H 300 5.63 -20.17 -20.14
CA ARG H 300 7.00 -20.64 -19.91
C ARG H 300 7.08 -22.12 -19.50
N ILE H 301 6.00 -22.65 -18.91
CA ILE H 301 5.88 -24.02 -18.41
C ILE H 301 4.41 -24.43 -18.53
N GLY H 302 4.17 -25.73 -18.69
CA GLY H 302 2.81 -26.29 -18.73
C GLY H 302 2.22 -26.31 -17.32
N LEU H 303 1.01 -25.76 -17.16
CA LEU H 303 0.33 -25.72 -15.85
C LEU H 303 -0.33 -27.07 -15.48
N ASP H 304 -0.77 -27.18 -14.21
CA ASP H 304 -1.46 -28.34 -13.64
C ASP H 304 -2.83 -27.84 -13.16
N LEU H 305 -3.89 -28.01 -14.01
CA LEU H 305 -5.24 -27.54 -13.69
C LEU H 305 -5.76 -28.09 -12.32
N PRO H 306 -5.67 -29.42 -12.02
CA PRO H 306 -6.09 -29.88 -10.69
C PRO H 306 -5.33 -29.19 -9.55
N ALA H 307 -4.00 -29.01 -9.67
CA ALA H 307 -3.21 -28.33 -8.64
C ALA H 307 -3.60 -26.86 -8.51
N LEU H 308 -3.84 -26.16 -9.66
CA LEU H 308 -4.31 -24.78 -9.66
C LEU H 308 -5.63 -24.65 -8.88
N ASN H 309 -6.53 -25.65 -9.01
CA ASN H 309 -7.83 -25.65 -8.31
C ASN H 309 -7.61 -25.69 -6.83
N MET H 310 -6.66 -26.54 -6.41
CA MET H 310 -6.34 -26.70 -5.00
C MET H 310 -5.68 -25.47 -4.43
N GLN H 311 -4.78 -24.84 -5.18
CA GLN H 311 -4.12 -23.60 -4.75
C GLN H 311 -5.16 -22.49 -4.68
N ARG H 312 -6.12 -22.49 -5.66
CA ARG H 312 -7.18 -21.48 -5.73
C ARG H 312 -8.08 -21.54 -4.51
N SER H 313 -8.46 -22.76 -4.09
CA SER H 313 -9.31 -23.00 -2.92
C SER H 313 -8.65 -22.35 -1.69
N ARG H 314 -7.30 -22.47 -1.59
CA ARG H 314 -6.45 -21.92 -0.52
C ARG H 314 -6.33 -20.39 -0.60
N ASP H 315 -6.13 -19.86 -1.83
CA ASP H 315 -6.09 -18.43 -2.12
C ASP H 315 -7.41 -17.81 -1.64
N HIS H 316 -8.52 -18.49 -1.92
CA HIS H 316 -9.88 -18.08 -1.58
C HIS H 316 -10.26 -18.33 -0.13
N GLY H 317 -9.32 -18.91 0.62
CA GLY H 317 -9.51 -19.24 2.03
C GLY H 317 -10.70 -20.15 2.30
N LEU H 318 -10.96 -21.11 1.38
CA LEU H 318 -12.08 -22.01 1.54
C LEU H 318 -11.85 -23.04 2.63
N PRO H 319 -12.83 -23.28 3.53
CA PRO H 319 -12.69 -24.35 4.52
C PRO H 319 -12.46 -25.72 3.84
N GLY H 320 -11.91 -26.67 4.58
CA GLY H 320 -11.65 -28.00 4.04
C GLY H 320 -12.88 -28.86 3.85
N TYR H 321 -12.64 -30.08 3.40
CA TYR H 321 -13.64 -31.10 3.11
C TYR H 321 -14.71 -31.30 4.19
N ASN H 322 -14.32 -31.64 5.43
CA ASN H 322 -15.26 -31.89 6.55
C ASN H 322 -16.20 -30.74 6.83
N ALA H 323 -15.68 -29.49 6.77
CA ALA H 323 -16.49 -28.30 7.04
C ALA H 323 -17.61 -28.18 6.03
N TRP H 324 -17.34 -28.52 4.75
CA TRP H 324 -18.38 -28.50 3.72
C TRP H 324 -19.34 -29.64 3.89
N ARG H 325 -18.82 -30.78 4.40
CA ARG H 325 -19.62 -31.96 4.63
C ARG H 325 -20.65 -31.66 5.69
N ARG H 326 -20.23 -30.94 6.77
CA ARG H 326 -21.08 -30.52 7.86
C ARG H 326 -22.10 -29.47 7.37
N PHE H 327 -21.65 -28.52 6.50
CA PHE H 327 -22.51 -27.47 5.92
C PHE H 327 -23.68 -28.11 5.17
N CYS H 328 -23.39 -29.24 4.52
CA CYS H 328 -24.34 -30.01 3.74
C CYS H 328 -25.19 -30.99 4.57
N GLY H 329 -24.81 -31.24 5.81
CA GLY H 329 -25.53 -32.17 6.68
C GLY H 329 -25.12 -33.60 6.38
N LEU H 330 -23.84 -33.81 6.12
CA LEU H 330 -23.29 -35.13 5.82
C LEU H 330 -22.28 -35.50 6.90
N PRO H 331 -22.12 -36.83 7.17
CA PRO H 331 -21.15 -37.27 8.19
C PRO H 331 -19.73 -36.80 7.89
N GLN H 332 -18.99 -36.46 8.94
CA GLN H 332 -17.65 -35.94 8.74
C GLN H 332 -16.62 -36.98 9.17
N PRO H 333 -15.95 -37.64 8.20
CA PRO H 333 -14.93 -38.65 8.57
C PRO H 333 -13.76 -37.98 9.28
N GLU H 334 -13.31 -38.58 10.39
CA GLU H 334 -12.22 -38.03 11.20
C GLU H 334 -10.86 -38.73 10.95
N THR H 335 -10.89 -39.89 10.31
CA THR H 335 -9.67 -40.64 10.05
C THR H 335 -9.80 -41.53 8.79
N VAL H 336 -8.73 -42.25 8.46
CA VAL H 336 -8.62 -43.13 7.28
C VAL H 336 -9.76 -44.19 7.23
N GLY H 337 -10.03 -44.85 8.37
CA GLY H 337 -11.08 -45.86 8.48
C GLY H 337 -12.46 -45.36 8.11
N GLN H 338 -12.82 -44.20 8.64
CA GLN H 338 -14.09 -43.52 8.39
C GLN H 338 -14.11 -42.99 6.96
N LEU H 339 -12.99 -42.40 6.50
CA LEU H 339 -12.90 -41.85 5.14
C LEU H 339 -13.06 -42.93 4.08
N GLY H 340 -12.43 -44.09 4.28
CA GLY H 340 -12.54 -45.25 3.40
C GLY H 340 -13.99 -45.67 3.21
N THR H 341 -14.79 -45.58 4.29
CA THR H 341 -16.24 -45.88 4.29
C THR H 341 -17.00 -44.80 3.50
N VAL H 342 -16.76 -43.51 3.80
CA VAL H 342 -17.42 -42.41 3.10
C VAL H 342 -17.16 -42.57 1.60
N LEU H 343 -15.88 -42.68 1.23
CA LEU H 343 -15.45 -42.82 -0.15
C LEU H 343 -15.66 -44.20 -0.76
N ARG H 344 -16.09 -45.23 0.04
CA ARG H 344 -16.26 -46.62 -0.45
C ARG H 344 -14.98 -47.02 -1.23
N ASN H 345 -13.82 -46.60 -0.65
CA ASN H 345 -12.48 -46.76 -1.23
C ASN H 345 -11.42 -46.52 -0.17
N LEU H 346 -10.88 -47.59 0.45
CA LEU H 346 -9.84 -47.47 1.46
C LEU H 346 -8.48 -47.05 0.84
N LYS H 347 -8.14 -47.59 -0.37
CA LYS H 347 -6.91 -47.28 -1.13
C LYS H 347 -6.80 -45.77 -1.33
N LEU H 348 -7.91 -45.10 -1.70
CA LEU H 348 -7.93 -43.66 -1.91
C LEU H 348 -7.94 -42.90 -0.60
N ALA H 349 -8.59 -43.45 0.44
CA ALA H 349 -8.60 -42.79 1.76
C ALA H 349 -7.16 -42.75 2.31
N ARG H 350 -6.40 -43.87 2.14
CA ARG H 350 -5.00 -44.05 2.54
C ARG H 350 -4.10 -43.05 1.81
N LYS H 351 -4.26 -42.94 0.46
CA LYS H 351 -3.51 -42.02 -0.38
C LYS H 351 -3.80 -40.57 0.07
N LEU H 352 -5.09 -40.26 0.32
CA LEU H 352 -5.51 -38.92 0.76
C LEU H 352 -5.04 -38.55 2.18
N MET H 353 -5.03 -39.50 3.13
CA MET H 353 -4.55 -39.26 4.50
C MET H 353 -3.05 -39.04 4.54
N GLU H 354 -2.30 -39.77 3.67
CA GLU H 354 -0.85 -39.62 3.58
C GLU H 354 -0.46 -38.18 3.18
N GLN H 355 -1.29 -37.56 2.31
CA GLN H 355 -1.09 -36.20 1.83
C GLN H 355 -1.58 -35.13 2.79
N TYR H 356 -2.80 -35.27 3.32
CA TYR H 356 -3.44 -34.25 4.16
C TYR H 356 -3.37 -34.44 5.68
N GLY H 357 -3.27 -35.69 6.14
CA GLY H 357 -3.18 -36.02 7.56
C GLY H 357 -4.51 -36.04 8.29
N THR H 358 -5.48 -35.29 7.76
CA THR H 358 -6.82 -35.17 8.33
C THR H 358 -7.84 -34.84 7.22
N PRO H 359 -9.04 -35.47 7.26
CA PRO H 359 -10.07 -35.13 6.27
C PRO H 359 -10.53 -33.68 6.39
N ASN H 360 -10.16 -32.99 7.50
CA ASN H 360 -10.47 -31.58 7.71
C ASN H 360 -9.69 -30.68 6.74
N ASN H 361 -8.47 -31.12 6.34
CA ASN H 361 -7.55 -30.37 5.47
C ASN H 361 -7.65 -30.71 4.00
N ILE H 362 -8.47 -31.69 3.60
CA ILE H 362 -8.62 -32.02 2.19
C ILE H 362 -9.25 -30.83 1.46
N ASP H 363 -8.60 -30.39 0.36
CA ASP H 363 -9.09 -29.29 -0.47
C ASP H 363 -10.43 -29.68 -1.09
N ILE H 364 -11.44 -28.76 -1.00
CA ILE H 364 -12.81 -28.97 -1.48
C ILE H 364 -12.90 -29.67 -2.87
N TRP H 365 -12.15 -29.19 -3.87
CA TRP H 365 -12.21 -29.83 -5.19
C TRP H 365 -11.78 -31.29 -5.12
N MET H 366 -10.63 -31.54 -4.47
CA MET H 366 -10.03 -32.85 -4.27
C MET H 366 -10.99 -33.83 -3.59
N GLY H 367 -11.59 -33.41 -2.48
CA GLY H 367 -12.53 -34.22 -1.73
C GLY H 367 -13.79 -34.48 -2.51
N GLY H 368 -14.35 -33.40 -3.06
CA GLY H 368 -15.56 -33.42 -3.87
C GLY H 368 -15.51 -34.41 -5.02
N VAL H 369 -14.42 -34.36 -5.82
CA VAL H 369 -14.23 -35.24 -7.01
C VAL H 369 -13.82 -36.67 -6.63
N SER H 370 -13.35 -36.88 -5.39
CA SER H 370 -12.95 -38.18 -4.86
C SER H 370 -14.17 -39.05 -4.46
N GLU H 371 -15.31 -38.43 -4.09
CA GLU H 371 -16.50 -39.14 -3.63
C GLU H 371 -17.14 -39.99 -4.70
N PRO H 372 -17.74 -41.15 -4.33
CA PRO H 372 -18.40 -41.98 -5.36
C PRO H 372 -19.61 -41.24 -5.93
N LEU H 373 -19.84 -41.36 -7.23
CA LEU H 373 -20.91 -40.65 -7.93
C LEU H 373 -22.30 -41.15 -7.51
N LYS H 374 -23.30 -40.24 -7.48
CA LYS H 374 -24.68 -40.57 -7.12
C LYS H 374 -25.31 -41.29 -8.31
N ARG H 375 -26.26 -42.21 -8.04
CA ARG H 375 -26.96 -42.97 -9.08
C ARG H 375 -27.57 -42.02 -10.12
N LYS H 376 -27.19 -42.24 -11.40
CA LYS H 376 -27.61 -41.49 -12.60
C LYS H 376 -27.12 -40.02 -12.56
N GLY H 377 -26.07 -39.76 -11.78
CA GLY H 377 -25.44 -38.46 -11.61
C GLY H 377 -23.94 -38.56 -11.83
N ARG H 378 -23.26 -37.40 -11.93
CA ARG H 378 -21.82 -37.39 -12.19
C ARG H 378 -21.00 -36.68 -11.07
N VAL H 379 -21.63 -36.55 -9.89
CA VAL H 379 -21.04 -35.97 -8.67
C VAL H 379 -21.46 -36.80 -7.45
N GLY H 380 -20.73 -36.61 -6.36
CA GLY H 380 -21.01 -37.25 -5.08
C GLY H 380 -21.99 -36.43 -4.26
N PRO H 381 -22.36 -36.90 -3.05
CA PRO H 381 -23.33 -36.14 -2.23
C PRO H 381 -22.93 -34.71 -1.96
N LEU H 382 -21.63 -34.52 -1.65
CA LEU H 382 -21.09 -33.22 -1.36
C LEU H 382 -21.31 -32.22 -2.49
N LEU H 383 -20.71 -32.48 -3.67
CA LEU H 383 -20.81 -31.58 -4.81
C LEU H 383 -22.25 -31.42 -5.24
N ALA H 384 -23.07 -32.51 -5.14
CA ALA H 384 -24.51 -32.50 -5.45
C ALA H 384 -25.22 -31.46 -4.53
N CYS H 385 -24.78 -31.37 -3.28
CA CYS H 385 -25.34 -30.39 -2.38
C CYS H 385 -24.95 -28.95 -2.74
N ILE H 386 -23.62 -28.67 -2.90
CA ILE H 386 -23.14 -27.34 -3.26
C ILE H 386 -23.76 -26.84 -4.58
N ILE H 387 -23.67 -27.68 -5.63
CA ILE H 387 -24.16 -27.35 -6.95
C ILE H 387 -25.69 -27.14 -6.94
N GLY H 388 -26.41 -28.08 -6.37
CA GLY H 388 -27.87 -27.98 -6.31
C GLY H 388 -28.33 -26.77 -5.51
N THR H 389 -27.70 -26.53 -4.35
CA THR H 389 -27.99 -25.35 -3.53
C THR H 389 -27.81 -24.06 -4.33
N GLN H 390 -26.71 -23.97 -5.08
CA GLN H 390 -26.41 -22.81 -5.90
C GLN H 390 -27.45 -22.60 -6.97
N PHE H 391 -27.74 -23.63 -7.77
CA PHE H 391 -28.70 -23.52 -8.88
C PHE H 391 -30.13 -23.21 -8.41
N ARG H 392 -30.53 -23.69 -7.22
CA ARG H 392 -31.84 -23.32 -6.72
C ARG H 392 -31.93 -21.83 -6.47
N LYS H 393 -30.82 -21.23 -5.93
CA LYS H 393 -30.69 -19.81 -5.63
C LYS H 393 -30.72 -18.98 -6.93
N LEU H 394 -30.11 -19.49 -8.00
CA LEU H 394 -30.05 -18.84 -9.30
C LEU H 394 -31.42 -18.82 -9.98
N ARG H 395 -32.23 -19.85 -9.70
CA ARG H 395 -33.56 -19.98 -10.26
C ARG H 395 -34.62 -19.20 -9.43
N ASP H 396 -34.74 -19.49 -8.12
CA ASP H 396 -35.72 -18.89 -7.22
C ASP H 396 -35.46 -17.40 -6.90
N GLY H 397 -34.22 -16.95 -7.09
CA GLY H 397 -33.81 -15.56 -6.83
C GLY H 397 -33.64 -14.71 -8.06
N ASP H 398 -34.12 -15.19 -9.20
CA ASP H 398 -34.04 -14.48 -10.47
C ASP H 398 -35.44 -13.99 -10.82
N ARG H 399 -35.61 -12.67 -10.86
CA ARG H 399 -36.87 -12.02 -11.19
C ARG H 399 -37.21 -12.21 -12.68
N PHE H 400 -36.19 -12.50 -13.52
CA PHE H 400 -36.35 -12.70 -14.95
C PHE H 400 -36.27 -14.18 -15.35
N TRP H 401 -36.55 -15.12 -14.40
CA TRP H 401 -36.59 -16.56 -14.71
C TRP H 401 -37.76 -16.77 -15.70
N TRP H 402 -37.52 -17.48 -16.82
CA TRP H 402 -38.48 -17.67 -17.91
C TRP H 402 -39.93 -18.02 -17.47
N GLU H 403 -40.08 -18.74 -16.33
CA GLU H 403 -41.38 -19.17 -15.80
C GLU H 403 -42.07 -18.17 -14.86
N ASN H 404 -41.38 -17.12 -14.43
CA ASN H 404 -41.96 -16.11 -13.53
C ASN H 404 -43.00 -15.30 -14.28
N GLU H 405 -44.08 -14.92 -13.59
CA GLU H 405 -45.18 -14.15 -14.15
C GLU H 405 -44.70 -12.75 -14.61
N GLY H 406 -45.09 -12.38 -15.81
CA GLY H 406 -44.76 -11.09 -16.41
C GLY H 406 -43.63 -11.13 -17.42
N VAL H 407 -42.73 -12.11 -17.28
CA VAL H 407 -41.55 -12.28 -18.12
C VAL H 407 -41.98 -12.65 -19.54
N PHE H 408 -42.72 -13.76 -19.65
CA PHE H 408 -43.29 -14.25 -20.91
C PHE H 408 -44.78 -14.52 -20.70
N SER H 409 -45.53 -14.63 -21.79
CA SER H 409 -46.96 -14.97 -21.73
C SER H 409 -47.08 -16.51 -21.64
N MET H 410 -48.28 -17.04 -21.28
CA MET H 410 -48.57 -18.47 -21.22
C MET H 410 -48.19 -19.15 -22.60
N GLN H 411 -48.56 -18.48 -23.73
CA GLN H 411 -48.28 -18.92 -25.10
C GLN H 411 -46.77 -18.95 -25.42
N GLN H 412 -46.03 -17.89 -25.00
CA GLN H 412 -44.57 -17.78 -25.22
C GLN H 412 -43.85 -18.87 -24.44
N ARG H 413 -44.32 -19.15 -23.21
CA ARG H 413 -43.76 -20.21 -22.36
C ARG H 413 -44.00 -21.56 -23.02
N GLN H 414 -45.25 -21.79 -23.49
CA GLN H 414 -45.66 -23.02 -24.18
C GLN H 414 -44.77 -23.27 -25.41
N ALA H 415 -44.41 -22.17 -26.13
CA ALA H 415 -43.53 -22.20 -27.30
C ALA H 415 -42.10 -22.55 -26.89
N LEU H 416 -41.55 -21.83 -25.88
CA LEU H 416 -40.20 -22.01 -25.36
C LEU H 416 -39.92 -23.42 -24.86
N ALA H 417 -40.93 -24.07 -24.27
CA ALA H 417 -40.82 -25.44 -23.78
C ALA H 417 -40.40 -26.44 -24.87
N GLN H 418 -40.65 -26.09 -26.14
CA GLN H 418 -40.33 -26.93 -27.30
C GLN H 418 -38.87 -26.84 -27.76
N ILE H 419 -38.09 -25.88 -27.23
CA ILE H 419 -36.68 -25.71 -27.62
C ILE H 419 -35.81 -26.84 -27.06
N SER H 420 -34.64 -27.02 -27.70
CA SER H 420 -33.61 -28.00 -27.37
C SER H 420 -32.30 -27.57 -28.03
N LEU H 421 -31.16 -28.00 -27.46
CA LEU H 421 -29.83 -27.74 -28.00
C LEU H 421 -29.64 -28.40 -29.40
N PRO H 422 -30.07 -29.66 -29.67
CA PRO H 422 -29.90 -30.20 -31.04
C PRO H 422 -30.62 -29.36 -32.08
N ARG H 423 -31.81 -28.82 -31.75
CA ARG H 423 -32.55 -27.95 -32.68
C ARG H 423 -31.79 -26.63 -32.94
N ILE H 424 -31.14 -26.04 -31.89
CA ILE H 424 -30.32 -24.83 -32.00
C ILE H 424 -29.20 -25.09 -33.00
N ILE H 425 -28.55 -26.27 -32.91
CA ILE H 425 -27.50 -26.71 -33.83
C ILE H 425 -28.04 -26.75 -35.28
N CYS H 426 -29.20 -27.41 -35.51
CA CYS H 426 -29.86 -27.55 -36.82
C CYS H 426 -30.09 -26.21 -37.51
N ASP H 427 -30.65 -25.26 -36.76
CA ASP H 427 -31.00 -23.94 -37.26
C ASP H 427 -29.82 -23.04 -37.58
N ASN H 428 -28.62 -23.32 -37.02
CA ASN H 428 -27.48 -22.42 -37.18
C ASN H 428 -26.20 -23.04 -37.73
N THR H 429 -26.26 -24.25 -38.31
CA THR H 429 -25.10 -24.95 -38.89
C THR H 429 -25.53 -25.74 -40.12
N GLY H 430 -24.56 -26.38 -40.75
CA GLY H 430 -24.77 -27.28 -41.89
C GLY H 430 -25.00 -28.70 -41.42
N ILE H 431 -25.13 -28.93 -40.09
CA ILE H 431 -25.38 -30.23 -39.49
C ILE H 431 -26.86 -30.57 -39.67
N THR H 432 -27.12 -31.72 -40.29
CA THR H 432 -28.47 -32.20 -40.63
C THR H 432 -28.92 -33.43 -39.81
N THR H 433 -27.96 -34.12 -39.14
CA THR H 433 -28.22 -35.28 -38.28
C THR H 433 -27.64 -34.93 -36.90
N VAL H 434 -28.49 -34.89 -35.87
CA VAL H 434 -28.11 -34.49 -34.50
C VAL H 434 -28.44 -35.53 -33.43
N SER H 435 -27.96 -35.29 -32.19
CA SER H 435 -28.21 -36.12 -31.02
C SER H 435 -29.71 -36.17 -30.72
N LYS H 436 -30.22 -37.36 -30.37
CA LYS H 436 -31.60 -37.51 -29.92
C LYS H 436 -31.61 -36.93 -28.49
N ASN H 437 -32.72 -36.33 -28.08
CA ASN H 437 -32.80 -35.80 -26.73
C ASN H 437 -32.84 -36.98 -25.73
N ASN H 438 -32.02 -36.95 -24.64
CA ASN H 438 -31.19 -35.86 -24.13
C ASN H 438 -29.80 -35.83 -24.79
N ILE H 439 -29.41 -34.66 -25.36
CA ILE H 439 -28.13 -34.39 -26.02
C ILE H 439 -26.92 -34.75 -25.15
N PHE H 440 -27.02 -34.52 -23.83
CA PHE H 440 -25.96 -34.79 -22.86
C PHE H 440 -25.84 -36.28 -22.55
N MET H 441 -26.89 -37.06 -22.86
CA MET H 441 -26.86 -38.51 -22.70
C MET H 441 -26.45 -39.18 -24.03
N SER H 442 -27.04 -38.70 -25.16
CA SER H 442 -26.77 -39.20 -26.53
C SER H 442 -25.31 -39.01 -26.99
N ASN H 443 -24.57 -40.14 -27.17
CA ASN H 443 -23.14 -40.11 -27.52
C ASN H 443 -22.68 -41.13 -28.58
N SER H 444 -23.60 -41.96 -29.12
CA SER H 444 -23.25 -43.00 -30.08
C SER H 444 -23.99 -42.86 -31.41
N TYR H 445 -23.21 -42.76 -32.51
CA TYR H 445 -23.73 -42.67 -33.88
C TYR H 445 -23.76 -44.07 -34.55
N PRO H 446 -24.88 -44.45 -35.22
CA PRO H 446 -26.12 -43.69 -35.44
C PRO H 446 -27.21 -43.90 -34.40
N ARG H 447 -27.02 -44.85 -33.46
CA ARG H 447 -27.96 -45.25 -32.42
C ARG H 447 -28.73 -44.08 -31.77
N ASP H 448 -28.00 -43.10 -31.24
CA ASP H 448 -28.56 -41.96 -30.52
C ASP H 448 -28.73 -40.73 -31.42
N PHE H 449 -28.86 -40.94 -32.74
CA PHE H 449 -28.95 -39.81 -33.67
C PHE H 449 -30.24 -39.78 -34.48
N VAL H 450 -30.71 -38.56 -34.78
CA VAL H 450 -31.94 -38.31 -35.54
C VAL H 450 -31.75 -37.18 -36.56
N ASN H 451 -32.68 -37.09 -37.52
CA ASN H 451 -32.68 -36.03 -38.53
C ASN H 451 -33.32 -34.78 -37.95
N CYS H 452 -32.91 -33.61 -38.45
CA CYS H 452 -33.39 -32.29 -38.04
C CYS H 452 -34.88 -32.10 -38.21
N SER H 453 -35.43 -32.61 -39.33
CA SER H 453 -36.85 -32.56 -39.70
C SER H 453 -37.78 -33.01 -38.57
N THR H 454 -37.41 -34.13 -37.90
CA THR H 454 -38.14 -34.74 -36.77
C THR H 454 -38.25 -33.79 -35.55
N LEU H 455 -37.23 -32.94 -35.33
CA LEU H 455 -37.15 -32.00 -34.23
C LEU H 455 -38.05 -30.78 -34.42
N PRO H 456 -38.87 -30.42 -33.40
CA PRO H 456 -39.75 -29.24 -33.56
C PRO H 456 -39.02 -27.90 -33.42
N ALA H 457 -39.23 -27.02 -34.41
CA ALA H 457 -38.66 -25.66 -34.42
C ALA H 457 -39.37 -24.74 -33.40
N LEU H 458 -38.73 -23.62 -33.01
CA LEU H 458 -39.34 -22.65 -32.11
C LEU H 458 -40.33 -21.79 -32.89
N ASN H 459 -41.63 -21.83 -32.52
CA ASN H 459 -42.68 -21.06 -33.16
C ASN H 459 -42.73 -19.68 -32.51
N LEU H 460 -42.42 -18.63 -33.27
CA LEU H 460 -42.41 -17.27 -32.75
C LEU H 460 -43.74 -16.51 -32.93
N ALA H 461 -44.81 -17.20 -33.39
CA ALA H 461 -46.15 -16.63 -33.60
C ALA H 461 -46.63 -15.75 -32.42
N SER H 462 -46.47 -16.23 -31.17
CA SER H 462 -46.84 -15.56 -29.93
C SER H 462 -46.05 -14.29 -29.66
N TRP H 463 -45.08 -13.95 -30.54
CA TRP H 463 -44.25 -12.75 -30.43
C TRP H 463 -44.71 -11.61 -31.35
N ARG H 464 -45.71 -11.85 -32.25
CA ARG H 464 -46.23 -10.82 -33.14
C ARG H 464 -47.07 -9.82 -32.31
N GLU H 465 -46.69 -8.53 -32.34
CA GLU H 465 -47.36 -7.47 -31.59
C GLU H 465 -48.59 -6.94 -32.31
C1 NAG I . 31.48 44.78 32.37
C2 NAG I . 30.19 45.47 32.65
C3 NAG I . 30.25 46.24 33.92
C4 NAG I . 30.87 45.44 35.02
C5 NAG I . 32.10 44.80 34.45
C6 NAG I . 32.87 43.99 35.45
C7 NAG I . 28.89 46.68 31.03
C8 NAG I . 28.97 47.86 30.13
N2 NAG I . 30.04 46.35 31.54
O3 NAG I . 28.91 46.51 34.25
O4 NAG I . 31.42 46.32 36.00
O5 NAG I . 31.70 43.96 33.44
O6 NAG I . 34.20 43.94 34.93
O7 NAG I . 27.87 46.08 31.24
C1 NAG I . 30.61 46.59 37.15
C2 NAG I . 31.61 46.82 38.25
C3 NAG I . 30.86 47.13 39.50
C4 NAG I . 30.00 48.35 39.30
C5 NAG I . 29.09 48.14 38.12
C6 NAG I . 28.38 49.43 37.79
C7 NAG I . 33.70 45.63 38.52
C8 NAG I . 34.33 44.38 39.04
N2 NAG I . 32.37 45.63 38.47
O3 NAG I . 31.81 47.44 40.53
O4 NAG I . 29.23 48.53 40.49
O5 NAG I . 29.89 47.80 37.00
O6 NAG I . 27.73 49.26 36.54
O7 NAG I . 34.37 46.57 38.15
C1 NAG J . 14.91 0.22 4.79
C2 NAG J . 13.62 -0.52 4.46
C3 NAG J . 13.61 -0.49 2.92
C4 NAG J . 13.60 0.95 2.39
C5 NAG J . 14.72 1.80 3.01
C6 NAG J . 14.50 3.28 2.81
C7 NAG J . 12.97 -2.32 6.01
C8 NAG J . 13.03 -3.79 6.29
N2 NAG J . 13.64 -1.89 4.94
O3 NAG J . 12.46 -1.16 2.44
O4 NAG J . 13.79 0.91 0.98
O5 NAG J . 14.75 1.58 4.44
O6 NAG J . 13.15 3.63 3.09
O7 NAG J . 12.31 -1.56 6.71
C1 NAG J . 12.95 1.71 0.13
C2 NAG J . 13.55 1.94 -1.23
C3 NAG J . 12.57 2.71 -2.06
C4 NAG J . 11.38 1.85 -2.32
C5 NAG J . 10.82 1.49 -0.99
C6 NAG J . 9.79 0.40 -1.20
C7 NAG J . 15.92 2.25 -1.00
C8 NAG J . 16.94 3.26 -0.75
N2 NAG J . 14.72 2.72 -1.18
O3 NAG J . 13.13 3.06 -3.30
O4 NAG J . 10.41 2.51 -3.14
O5 NAG J . 11.81 0.98 -0.12
O6 NAG J . 10.41 -0.87 -1.30
O7 NAG J . 16.19 1.09 -1.00
C1 BMA J . 10.24 1.88 -4.39
C2 BMA J . 8.85 2.09 -4.86
C3 BMA J . 8.72 1.63 -6.29
C4 BMA J . 9.77 2.28 -7.17
C5 BMA J . 11.12 2.02 -6.56
C6 BMA J . 12.25 2.78 -7.19
O2 BMA J . 8.58 3.47 -4.82
O3 BMA J . 7.44 1.90 -6.84
O4 BMA J . 9.64 1.64 -8.43
O5 BMA J . 11.03 2.59 -5.28
O6 BMA J . 11.82 4.09 -7.51
C1 MAN J . 6.73 0.68 -7.24
C2 MAN J . 5.52 1.15 -8.00
C3 MAN J . 4.59 1.79 -7.01
C4 MAN J . 4.06 0.67 -6.19
C5 MAN J . 5.24 0.05 -5.46
C6 MAN J . 4.80 -1.19 -4.70
O2 MAN J . 4.94 0.00 -8.58
O3 MAN J . 3.52 2.47 -7.63
O4 MAN J . 3.15 1.30 -5.31
O5 MAN J . 6.34 -0.28 -6.31
O6 MAN J . 5.12 -2.40 -5.40
C1 MAN J . 12.25 5.21 -6.67
C2 MAN J . 10.95 5.88 -6.30
C3 MAN J . 10.53 6.80 -7.41
C4 MAN J . 11.61 7.76 -7.74
C5 MAN J . 12.88 7.04 -8.06
C6 MAN J . 14.05 7.99 -8.18
O2 MAN J . 11.08 6.56 -5.05
O3 MAN J . 9.41 7.56 -7.05
O4 MAN J . 11.11 8.40 -8.88
O5 MAN J . 13.22 6.13 -7.05
O6 MAN J . 14.63 8.33 -6.93
C1 FUC J . 12.85 4.98 2.88
C2 FUC J . 11.37 5.13 2.71
C3 FUC J . 10.62 4.69 3.94
C4 FUC J . 11.10 5.36 5.18
C5 FUC J . 12.59 5.25 5.21
C6 FUC J . 13.11 6.06 6.37
O2 FUC J . 10.93 4.31 1.67
O3 FUC J . 9.26 5.04 3.77
O4 FUC J . 10.75 6.72 5.15
O5 FUC J . 13.09 5.78 4.01
C1 NAG K . 5.19 16.00 -11.48
C2 NAG K . 4.14 15.50 -10.47
C3 NAG K . 4.62 15.49 -9.00
C4 NAG K . 5.85 14.64 -8.62
C5 NAG K . 6.83 14.86 -9.79
C6 NAG K . 7.86 13.72 -9.87
C7 NAG K . 2.02 16.02 -11.42
C8 NAG K . 0.86 16.95 -11.48
N2 NAG K . 2.97 16.33 -10.56
O3 NAG K . 3.57 15.04 -8.15
O4 NAG K . 6.40 14.97 -7.28
O5 NAG K . 6.20 15.00 -11.10
O6 NAG K . 7.55 12.62 -9.02
O7 NAG K . 2.11 15.03 -12.12
C1 NAG K . 6.55 14.00 -6.16
C2 NAG K . 7.61 14.44 -5.14
C3 NAG K . 7.71 13.36 -4.07
C4 NAG K . 6.33 13.10 -3.47
C5 NAG K . 5.34 12.69 -4.56
C6 NAG K . 3.92 12.50 -4.06
C7 NAG K . 9.36 15.87 -6.10
C8 NAG K . 10.71 15.90 -6.78
N2 NAG K . 8.89 14.66 -5.79
O3 NAG K . 8.60 13.79 -3.04
O4 NAG K . 6.39 12.09 -2.47
O5 NAG K . 5.28 13.73 -5.55
O6 NAG K . 3.40 13.73 -3.54
O7 NAG K . 8.76 16.91 -5.84
C1 BMA K . 6.10 12.48 -1.13
C2 BMA K . 5.53 11.27 -0.39
C3 BMA K . 5.55 11.43 1.11
C4 BMA K . 6.91 11.91 1.59
C5 BMA K . 7.37 13.13 0.79
C6 BMA K . 8.81 13.50 1.07
O2 BMA K . 6.26 10.10 -0.75
O3 BMA K . 5.24 10.15 1.68
O4 BMA K . 6.87 12.28 2.95
O5 BMA K . 7.36 12.80 -0.58
O6 BMA K . 9.54 12.30 1.24
C1 MAN K . 4.36 10.26 2.82
C2 MAN K . 4.10 8.93 3.48
C3 MAN K . 3.05 8.14 2.73
C4 MAN K . 1.83 8.99 2.46
C5 MAN K . 2.23 10.27 1.77
C6 MAN K . 0.99 11.13 1.54
O2 MAN K . 3.67 9.16 4.82
O3 MAN K . 2.65 6.99 3.47
O4 MAN K . 0.95 8.27 1.63
O5 MAN K . 3.16 10.98 2.58
O6 MAN K . 1.36 12.50 1.41
C1 MAN K . 10.31 11.81 0.12
C2 MAN K . 9.94 10.36 -0.09
C3 MAN K . 10.57 9.54 1.02
C4 MAN K . 12.07 9.78 1.05
C5 MAN K . 12.39 11.25 1.16
C6 MAN K . 13.89 11.48 1.02
O2 MAN K . 10.36 9.88 -1.36
O3 MAN K . 10.31 8.15 0.81
O4 MAN K . 12.60 9.11 2.19
O5 MAN K . 11.70 12.01 0.17
O6 MAN K . 14.27 11.69 -0.34
C1 FUC K . 8.29 11.39 -9.27
C2 FUC K . 7.46 10.20 -8.75
C3 FUC K . 6.35 9.85 -9.75
C4 FUC K . 6.94 9.54 -11.12
C5 FUC K . 7.77 10.73 -11.61
C6 FUC K . 8.51 10.46 -12.89
O2 FUC K . 6.93 10.51 -7.47
O3 FUC K . 5.59 8.75 -9.30
O4 FUC K . 7.73 8.36 -11.08
O5 FUC K . 8.75 11.10 -10.61
C1 NAG L . -21.45 20.26 41.81
C2 NAG L . -22.89 20.37 42.31
C3 NAG L . -22.90 21.22 43.58
C4 NAG L . -21.92 20.67 44.63
C5 NAG L . -20.56 20.34 44.00
C6 NAG L . -19.64 19.59 44.92
C7 NAG L . -24.76 20.52 40.70
C8 NAG L . -25.32 21.31 39.55
N2 NAG L . -23.65 21.03 41.25
O3 NAG L . -24.20 21.26 44.14
O4 NAG L . -21.70 21.70 45.59
O5 NAG L . -20.74 19.54 42.82
O6 NAG L . -18.31 19.59 44.42
O7 NAG L . -25.29 19.49 41.10
C1 NAG L . -22.19 21.55 46.90
C2 NAG L . -21.28 22.36 47.84
C3 NAG L . -21.81 22.29 49.27
C4 NAG L . -23.27 22.73 49.32
C5 NAG L . -24.10 21.94 48.31
C6 NAG L . -25.53 22.43 48.18
C7 NAG L . -18.91 22.52 47.12
C8 NAG L . -17.54 21.93 47.24
N2 NAG L . -19.90 21.89 47.78
O3 NAG L . -21.02 23.12 50.10
O4 NAG L . -23.78 22.56 50.63
O5 NAG L . -23.52 22.06 47.00
O6 NAG L . -26.18 21.88 47.04
O7 NAG L . -19.11 23.54 46.45
C1 NAG M . -22.34 -27.59 14.95
C2 NAG M . -23.29 -28.77 14.72
C3 NAG M . -23.43 -28.75 13.20
C4 NAG M . -24.06 -27.44 12.71
C5 NAG M . -23.32 -26.23 13.29
C6 NAG M . -24.10 -24.95 13.16
C7 NAG M . -22.81 -30.56 16.38
C8 NAG M . -22.08 -31.85 16.60
N2 NAG M . -22.63 -29.99 15.16
O3 NAG M . -24.21 -29.83 12.74
O4 NAG M . -23.96 -27.39 11.29
O5 NAG M . -23.10 -26.42 14.69
O6 NAG M . -25.48 -25.19 13.38
O7 NAG M . -23.52 -30.05 17.24
C1 NAG M . -25.09 -27.11 10.53
C2 NAG M . -24.63 -26.55 9.18
C3 NAG M . -25.89 -26.31 8.34
C4 NAG M . -26.68 -27.62 8.23
C5 NAG M . -27.09 -28.10 9.63
C6 NAG M . -27.83 -29.41 9.65
C7 NAG M . -22.55 -25.25 9.34
C8 NAG M . -21.94 -23.94 9.78
N2 NAG M . -23.90 -25.31 9.36
O3 NAG M . -25.55 -25.78 7.07
O4 NAG M . -27.83 -27.43 7.43
O5 NAG M . -25.90 -28.29 10.41
O6 NAG M . -27.02 -30.47 9.12
O7 NAG M . -21.85 -26.19 8.99
C1 BMA M . -27.86 -28.02 6.17
C2 BMA M . -29.29 -28.49 5.89
C3 BMA M . -29.45 -28.97 4.45
C4 BMA M . -28.86 -27.98 3.44
C5 BMA M . -27.45 -27.57 3.86
C6 BMA M . -26.84 -26.46 3.01
O2 BMA M . -30.20 -27.41 6.15
O3 BMA M . -30.83 -29.16 4.18
O4 BMA M . -28.80 -28.61 2.17
O5 BMA M . -27.47 -27.07 5.20
O6 BMA M . -27.70 -25.32 2.85
C1 MAN M . -31.25 -30.29 3.42
C2 MAN M . -32.74 -30.13 3.09
C3 MAN M . -33.59 -30.32 4.36
C4 MAN M . -33.27 -31.65 5.03
C5 MAN M . -31.77 -31.78 5.29
C6 MAN M . -31.37 -33.16 5.78
O2 MAN M . -33.12 -31.06 2.09
O3 MAN M . -34.97 -30.23 4.05
O4 MAN M . -33.97 -31.69 6.27
O5 MAN M . -31.02 -31.54 4.09
O6 MAN M . -29.97 -33.36 5.66
C1 MAN M . -27.68 -24.36 3.89
C2 MAN M . -29.13 -24.08 4.27
C3 MAN M . -29.81 -23.35 3.11
C4 MAN M . -29.07 -22.06 2.79
C5 MAN M . -27.62 -22.38 2.44
C6 MAN M . -26.77 -21.14 2.24
O2 MAN M . -29.21 -23.32 5.46
O3 MAN M . -31.17 -23.10 3.41
O4 MAN M . -29.70 -21.41 1.69
O5 MAN M . -27.02 -23.14 3.51
O6 MAN M . -26.57 -20.39 3.46
C1 FUC M . -26.28 -24.03 13.34
C2 FUC M . -27.73 -24.51 13.37
C3 FUC M . -28.02 -25.17 14.72
C4 FUC M . -27.71 -24.23 15.87
C5 FUC M . -26.25 -23.78 15.78
C6 FUC M . -25.87 -22.75 16.84
O2 FUC M . -27.96 -25.44 12.31
O3 FUC M . -29.39 -25.56 14.77
O4 FUC M . -28.58 -23.11 15.82
O5 FUC M . -26.02 -23.19 14.48
C1 NAG N . -38.28 -17.19 0.23
C2 NAG N . -39.23 -18.01 1.10
C3 NAG N . -38.77 -17.71 2.52
C4 NAG N . -37.30 -18.12 2.73
C5 NAG N . -36.39 -17.52 1.67
C6 NAG N . -35.02 -18.17 1.62
C7 NAG N . -41.48 -18.20 0.12
C8 NAG N . -42.84 -17.56 0.02
N2 NAG N . -40.61 -17.57 0.92
O3 NAG N . -39.58 -18.37 3.48
O4 NAG N . -36.88 -17.62 3.99
O5 NAG N . -36.97 -17.73 0.37
O6 NAG N . -35.16 -19.58 1.70
O7 NAG N . -41.19 -19.20 -0.51
C1 NAG N . -36.27 -18.50 4.89
C2 NAG N . -35.39 -17.65 5.81
C3 NAG N . -34.76 -18.59 6.84
C4 NAG N . -35.86 -19.36 7.58
C5 NAG N . -36.72 -20.13 6.58
C6 NAG N . -37.90 -20.83 7.20
C7 NAG N . -34.43 -15.67 4.70
C8 NAG N . -33.28 -15.14 3.90
N2 NAG N . -34.35 -16.96 5.05
O3 NAG N . -33.96 -17.86 7.75
O4 NAG N . -35.30 -20.22 8.54
O5 NAG N . -37.26 -19.22 5.61
O6 NAG N . -38.83 -19.91 7.75
O7 NAG N . -35.38 -14.96 5.03
C1 BMA N . -35.48 -19.87 9.89
C2 BMA N . -35.65 -21.15 10.70
C3 BMA N . -35.66 -20.84 12.20
C4 BMA N . -34.51 -19.94 12.63
C5 BMA N . -34.41 -18.72 11.71
C6 BMA N . -33.20 -17.84 11.95
O2 BMA N . -34.59 -22.06 10.39
O3 BMA N . -35.60 -22.09 12.92
O4 BMA N . -34.74 -19.46 13.95
O5 BMA N . -34.33 -19.15 10.34
O6 BMA N . -31.95 -18.53 11.97
C1 MAN N . -36.37 -22.27 14.10
C2 MAN N . -35.96 -23.60 14.73
C3 MAN N . -36.48 -24.77 13.89
C4 MAN N . -37.98 -24.67 13.66
C5 MAN N . -38.35 -23.30 13.07
C6 MAN N . -39.83 -23.06 13.03
O2 MAN N . -36.48 -23.66 16.05
O3 MAN N . -36.14 -26.02 14.46
O4 MAN N . -38.36 -25.70 12.76
O5 MAN N . -37.79 -22.24 13.86
O6 MAN N . -40.12 -21.67 12.84
C1 MAN N . -31.36 -18.81 10.72
C2 MAN N . -31.02 -20.31 10.70
C3 MAN N . -29.91 -20.58 11.71
C4 MAN N . -28.68 -19.73 11.42
C5 MAN N . -29.07 -18.25 11.38
C6 MAN N . -27.93 -17.34 10.93
O2 MAN N . -30.65 -20.73 9.40
O3 MAN N . -29.58 -21.97 11.72
O4 MAN N . -27.68 -19.95 12.41
O5 MAN N . -30.17 -18.03 10.46
O6 MAN N . -27.52 -17.61 9.61
C1 FUC N . -33.96 -20.33 1.64
C2 FUC N . -34.24 -21.73 2.23
C3 FUC N . -35.19 -22.51 1.33
C4 FUC N . -34.64 -22.58 -0.10
C5 FUC N . -34.38 -21.16 -0.62
C6 FUC N . -33.71 -21.14 -1.97
O2 FUC N . -34.78 -21.64 3.54
O3 FUC N . -35.35 -23.82 1.85
O4 FUC N . -33.45 -23.36 -0.14
O5 FUC N . -33.52 -20.45 0.28
CL CL O . 17.97 19.67 0.02
CHA HEM P . 21.89 29.38 11.83
CHB HEM P . 21.82 32.49 15.30
CHC HEM P . 18.56 29.91 17.68
CHD HEM P . 18.64 26.70 14.14
C1A HEM P . 22.07 30.49 12.54
C2A HEM P . 22.99 31.50 12.15
C3A HEM P . 22.93 32.46 13.10
C4A HEM P . 22.00 31.94 14.08
CMA HEM P . 23.67 33.75 13.10
CAA HEM P . 23.80 31.55 10.86
CBA HEM P . 23.02 32.56 9.93
CGA HEM P . 23.53 32.65 8.48
O1A HEM P . 24.53 33.29 8.16
O2A HEM P . 22.83 32.03 7.49
C1B HEM P . 20.94 32.00 16.25
C2B HEM P . 20.80 32.65 17.52
C3B HEM P . 19.93 31.93 18.21
C4B HEM P . 19.51 30.83 17.35
CMB HEM P . 21.42 33.92 17.99
CAB HEM P . 19.51 32.28 19.57
CBB HEM P . 18.66 31.52 20.27
C1C HEM P . 18.18 28.87 16.85
C2C HEM P . 17.17 27.93 17.17
C3C HEM P . 17.15 27.02 16.14
C4C HEM P . 18.19 27.44 15.21
CMC HEM P . 16.35 27.95 18.46
CAC HEM P . 16.32 25.83 15.99
CBC HEM P . 15.42 25.45 16.86
C1D HEM P . 19.65 27.18 13.28
C2D HEM P . 20.18 26.41 12.16
C3D HEM P . 21.03 27.18 11.51
C4D HEM P . 21.09 28.39 12.27
CMD HEM P . 19.76 25.04 11.66
CAD HEM P . 21.91 26.77 10.33
CBD HEM P . 23.07 26.00 11.01
CGD HEM P . 24.19 25.50 10.10
O1D HEM P . 24.10 24.49 9.39
O2D HEM P . 25.33 26.19 10.09
NA HEM P . 21.38 30.79 13.71
NB HEM P . 20.13 30.95 16.14
NC HEM P . 18.71 28.64 15.60
ND HEM P . 20.23 28.38 13.30
FE HEM P . 19.86 29.86 14.54
C1 NAG Q . 41.59 16.73 35.23
C2 NAG Q . 41.29 18.20 35.47
C3 NAG Q . 41.79 18.67 36.80
C4 NAG Q . 41.08 17.85 37.83
C5 NAG Q . 41.31 16.39 37.57
C6 NAG Q . 40.52 15.58 38.57
C7 NAG Q . 41.04 19.55 33.56
C8 NAG Q . 41.75 20.21 32.44
N2 NAG Q . 41.83 18.98 34.42
O3 NAG Q . 41.42 20.00 37.01
O4 NAG Q . 41.53 18.11 39.15
O5 NAG Q . 40.91 16.04 36.25
O6 NAG Q . 39.28 16.24 38.84
O7 NAG Q . 39.86 19.51 33.69
CA CA R . 25.87 14.93 15.74
CL CL S . 40.46 27.06 30.89
C13 XSD T . 33.29 33.97 15.70
C18 XSD T . 30.97 36.64 15.34
C17 XSD T . 31.79 35.68 14.78
C16 XSD T . 34.01 31.34 16.19
C15 XSD T . 34.98 32.32 16.10
C19 XSD T . 29.82 37.04 14.66
C20 XSD T . 29.51 36.47 13.44
C21 XSD T . 30.34 35.52 12.89
C22 XSD T . 31.48 35.11 13.55
C11 XSD T . 32.67 31.66 16.02
C12 XSD T . 32.32 32.99 15.79
C1 XSD T . 26.68 30.39 12.62
C2 XSD T . 25.97 29.21 12.34
N1 XSD T . 24.97 28.76 13.13
C3 XSD T . 24.68 29.44 14.26
C4 XSD T . 25.38 30.59 14.64
C5 XSD T . 26.39 31.09 13.80
N2 XSD T . 26.31 28.44 11.29
C6 XSD T . 27.22 32.32 14.10
C7 XSD T . 28.37 31.94 15.00
C8 XSD T . 28.37 31.87 16.40
N3 XSD T . 29.50 31.39 16.88
N4 XSD T . 30.26 31.13 15.79
C9 XSD T . 29.64 31.46 14.64
C10 XSD T . 31.61 30.58 15.95
C14 XSD T . 34.64 33.64 15.84
N5 XSD T . 23.73 29.20 15.31
N6 XSD T . 23.94 30.19 16.27
N7 XSD T . 24.88 31.00 15.91
O1 XSD T . 32.95 35.31 15.50
CHA HEM U . 29.59 0.67 -22.69
CHB HEM U . 30.96 -1.92 -26.31
CHC HEM U . 26.42 -2.78 -27.55
CHD HEM U . 24.98 -0.15 -23.83
C1A HEM U . 30.32 -0.03 -23.54
C2A HEM U . 31.71 -0.02 -23.47
C3A HEM U . 32.14 -0.83 -24.50
C4A HEM U . 30.96 -1.25 -25.14
CMA HEM U . 33.57 -1.13 -24.88
CAA HEM U . 32.55 0.73 -22.45
CBA HEM U . 33.13 -0.36 -21.54
CGA HEM U . 33.88 0.04 -20.29
O1A HEM U . 35.08 0.25 -20.33
O2A HEM U . 33.22 0.14 -19.08
C1B HEM U . 29.80 -2.32 -26.99
C2B HEM U . 29.87 -3.00 -28.22
C3B HEM U . 28.66 -3.20 -28.62
C4B HEM U . 27.78 -2.63 -27.58
CMB HEM U . 31.06 -3.50 -28.98
CAB HEM U . 28.34 -3.90 -29.88
CBB HEM U . 27.08 -4.01 -30.30
C1C HEM U . 25.62 -2.23 -26.58
C2C HEM U . 24.21 -2.38 -26.55
C3C HEM U . 23.79 -1.64 -25.45
C4C HEM U . 24.97 -1.05 -24.87
CMC HEM U . 23.40 -3.21 -27.54
CAC HEM U . 22.41 -1.47 -24.91
CBC HEM U . 21.36 -1.93 -25.51
C1D HEM U . 26.16 0.34 -23.27
C2D HEM U . 26.21 1.36 -22.21
C3D HEM U . 27.48 1.55 -21.89
C4D HEM U . 28.24 0.68 -22.77
CMD HEM U . 25.08 2.04 -21.52
CAD HEM U . 28.03 2.60 -20.97
CBD HEM U . 28.06 3.88 -21.82
CGD HEM U . 28.65 5.11 -21.15
O1D HEM U . 28.07 5.83 -20.38
O2D HEM U . 29.88 5.49 -21.40
NA HEM U . 29.81 -0.86 -24.51
NB HEM U . 28.54 -2.13 -26.59
NC HEM U . 26.09 -1.53 -25.50
ND HEM U . 27.43 -0.05 -23.57
FE HEM U . 27.95 -1.42 -24.87
C1 NAG V . 42.01 -3.29 -46.94
C2 NAG V . 41.66 -4.78 -46.84
C3 NAG V . 41.54 -5.50 -48.16
C4 NAG V . 40.48 -4.79 -48.95
C5 NAG V . 40.98 -3.37 -49.10
C6 NAG V . 40.08 -2.61 -50.06
C7 NAG V . 42.19 -6.65 -45.46
C8 NAG V . 42.42 -6.69 -43.98
N2 NAG V . 42.61 -5.57 -46.07
O3 NAG V . 41.16 -6.87 -47.95
O4 NAG V . 40.32 -5.45 -50.22
O5 NAG V . 41.04 -2.72 -47.83
O6 NAG V . 39.72 -3.47 -51.14
O7 NAG V . 41.64 -7.55 -46.07
CA CA W . 20.63 12.94 -25.86
C13 XSD X . 39.38 5.64 -29.79
C18 XSD X . 40.28 2.19 -29.33
C17 XSD X . 40.00 3.45 -28.84
C16 XSD X . 37.78 7.88 -29.97
C15 XSD X . 39.14 7.99 -30.18
C19 XSD X . 39.99 1.08 -28.55
C20 XSD X . 39.43 1.23 -27.29
C21 XSD X . 39.16 2.49 -26.81
C22 XSD X . 39.45 3.62 -27.57
C11 XSD X . 37.20 6.67 -29.62
C12 XSD X . 38.01 5.53 -29.59
C1 XSD X . 33.29 3.40 -24.54
C2 XSD X . 32.05 3.68 -23.94
N1 XSD X . 30.89 3.20 -24.44
C3 XSD X . 30.92 2.45 -25.54
C4 XSD X . 32.10 2.14 -26.21
C5 XSD X . 33.32 2.64 -25.70
N2 XSD X . 31.97 4.47 -22.84
C6 XSD X . 34.66 2.46 -26.38
C7 XSD X . 34.86 3.44 -27.50
C8 XSD X . 34.65 3.25 -28.88
N3 XSD X . 34.92 4.33 -29.59
N4 XSD X . 35.32 5.26 -28.69
C9 XSD X . 35.29 4.78 -27.44
C10 XSD X . 35.77 6.61 -29.15
C14 XSD X . 39.96 6.87 -30.09
N5 XSD X . 29.88 1.84 -26.30
N6 XSD X . 30.50 1.21 -27.40
N7 XSD X . 31.76 1.36 -27.38
O1 XSD X . 40.24 4.54 -29.69
CL CL Y . -27.40 -8.56 9.89
CHA HEM Z . -26.48 2.04 21.61
CHB HEM Z . -27.43 4.95 25.14
CHC HEM Z . -29.25 1.35 27.77
CHD HEM Z . -28.25 -1.65 24.14
C1A HEM Z . -26.73 3.14 22.32
C2A HEM Z . -26.36 4.40 21.86
C3A HEM Z . -26.68 5.28 22.82
C4A HEM Z . -27.20 4.49 23.88
CMA HEM Z . -26.51 6.81 22.77
CAA HEM Z . -25.76 4.73 20.48
CBA HEM Z . -26.90 5.33 19.64
CGA HEM Z . -26.56 5.62 18.19
O1A HEM Z . -25.88 6.56 17.79
O2A HEM Z . -27.04 4.82 17.25
C1B HEM Z . -27.91 4.18 26.18
C2B HEM Z . -28.23 4.76 27.44
C3B HEM Z . -28.77 3.83 28.19
C4B HEM Z . -28.75 2.58 27.36
CMB HEM Z . -28.15 6.18 27.87
CAB HEM Z . -29.27 4.07 29.53
CBB HEM Z . -29.59 3.03 30.31
C1C HEM Z . -29.20 0.25 26.96
C2C HEM Z . -29.72 -1.02 27.37
C3C HEM Z . -29.43 -1.93 26.30
C4C HEM Z . -28.76 -1.12 25.31
CMC HEM Z . -30.43 -1.30 28.70
CAC HEM Z . -29.75 -3.38 26.16
CBC HEM Z . -30.25 -4.06 27.14
C1D HEM Z . -27.60 -0.83 23.20
C2D HEM Z . -26.94 -1.38 21.99
C3D HEM Z . -26.45 -0.35 21.33
C4D HEM Z . -26.77 0.82 22.14
CMD HEM Z . -26.86 -2.80 21.49
CAD HEM Z . -25.60 -0.43 20.07
CBD HEM Z . -24.19 -0.68 20.63
CGD HEM Z . -23.04 -0.68 19.64
O1D HEM Z . -22.75 -1.64 18.95
O2D HEM Z . -22.26 0.40 19.48
NA HEM Z . -27.33 3.17 23.56
NB HEM Z . -28.25 2.89 26.12
NC HEM Z . -28.70 0.20 25.70
ND HEM Z . -27.44 0.51 23.25
FE HEM Z . -28.18 1.72 24.60
C1 NAG AA . -1.57 -1.67 43.34
C2 NAG AA . -2.26 -0.33 43.52
C3 NAG AA . -1.90 0.37 44.83
C4 NAG AA . -2.10 -0.59 46.00
C5 NAG AA . -1.34 -1.90 45.76
C6 NAG AA . -1.59 -2.95 46.83
C7 NAG AA . -2.98 0.91 41.51
C8 NAG AA . -2.57 1.88 40.44
N2 NAG AA . -2.02 0.56 42.39
O3 NAG AA . -2.75 1.50 45.00
O4 NAG AA . -1.69 0.03 47.22
O5 NAG AA . -1.75 -2.48 44.51
O6 NAG AA . -2.96 -3.35 46.88
O7 NAG AA . -4.13 0.48 41.58
CA CA BA . -16.75 -9.56 24.83
CL CL CA . -6.26 7.79 38.98
C13 XSD DA . -17.22 10.76 24.62
C18 XSD DA . -20.44 12.20 24.44
C17 XSD DA . -19.29 11.78 23.78
C16 XSD DA . -15.51 8.63 24.94
C15 XSD DA . -15.00 9.92 24.85
C19 XSD DA . -21.66 12.11 23.78
C20 XSD DA . -21.73 11.61 22.49
C21 XSD DA . -20.57 11.19 21.86
C22 XSD DA . -19.35 11.27 22.50
C11 XSD DA . -16.87 8.39 24.86
C12 XSD DA . -17.73 9.48 24.72
C1 XSD DA . -22.21 4.93 21.73
C2 XSD DA . -22.56 3.61 21.40
N1 XSD DA . -23.28 2.82 22.23
C3 XSD DA . -23.65 3.32 23.42
C4 XSD DA . -23.34 4.61 23.82
C5 XSD DA . -22.61 5.45 22.96
N2 XSD DA . -22.19 3.06 20.22
C6 XSD DA . -22.23 6.88 23.29
C7 XSD DA . -21.00 6.92 24.15
C8 XSD DA . -20.88 6.92 25.54
N3 XSD DA . -19.62 6.93 25.95
N4 XSD DA . -18.88 6.95 24.81
C9 XSD DA . -19.66 6.94 23.72
C10 XSD DA . -17.42 6.98 24.89
C14 XSD DA . -15.86 11.00 24.68
N5 XSD DA . -24.32 2.73 24.51
N6 XSD DA . -24.37 3.68 25.51
N7 XSD DA . -23.82 4.77 25.14
O1 XSD DA . -18.08 11.87 24.47
CHA HEM EA . -11.44 -22.31 -13.83
CHB HEM EA . -9.53 -24.31 -17.61
CHC HEM EA . -13.49 -26.90 -18.37
CHD HEM EA . -15.41 -24.95 -14.43
C1A HEM EA . -10.55 -22.75 -14.74
C2A HEM EA . -9.23 -22.22 -14.83
C3A HEM EA . -8.66 -22.82 -15.85
C4A HEM EA . -9.65 -23.68 -16.41
CMA HEM EA . -7.27 -22.57 -16.31
CAA HEM EA . -8.61 -21.17 -13.91
CBA HEM EA . -7.73 -21.97 -12.92
CGA HEM EA . -7.12 -21.15 -11.77
O1A HEM EA . -6.19 -20.38 -11.89
O2A HEM EA . -7.60 -21.26 -10.54
C1B HEM EA . -10.49 -25.11 -18.16
C2B HEM EA . -10.28 -25.75 -19.43
C3B HEM EA . -11.38 -26.45 -19.69
C4B HEM EA . -12.30 -26.26 -18.54
CMB HEM EA . -9.09 -25.75 -20.27
CAB HEM EA . -11.52 -27.28 -20.89
CBB HEM EA . -12.66 -27.97 -21.11
C1C HEM EA . -14.32 -26.69 -17.29
C2C HEM EA . -15.55 -27.38 -17.11
C3C HEM EA . -16.09 -26.85 -15.97
C4C HEM EA . -15.17 -25.81 -15.49
CMC HEM EA . -16.12 -28.47 -18.03
CAC HEM EA . -17.37 -27.19 -15.31
CBC HEM EA . -18.35 -27.78 -15.94
C1D HEM EA . -14.47 -24.01 -14.03
C2D HEM EA . -14.73 -22.97 -13.00
C3D HEM EA . -13.64 -22.24 -12.89
C4D HEM EA . -12.72 -22.78 -13.85
CMD HEM EA . -15.92 -22.74 -12.13
CAD HEM EA . -13.45 -21.00 -12.07
CBD HEM EA . -14.03 -19.85 -12.89
CGD HEM EA . -13.93 -18.49 -12.20
O1D HEM EA . -14.65 -18.06 -11.32
O2D HEM EA . -13.00 -17.67 -12.56
NA HEM EA . -10.80 -23.75 -15.68
NB HEM EA . -11.68 -25.45 -17.61
NC HEM EA . -14.05 -25.83 -16.25
ND HEM EA . -13.23 -23.86 -14.51
FE HEM EA . -12.33 -24.99 -15.83
C1 NAG FA . -24.18 -5.55 -39.47
C2 NAG FA . -22.85 -6.24 -39.79
C3 NAG FA . -22.58 -6.34 -41.29
C4 NAG FA . -23.78 -6.94 -42.01
C5 NAG FA . -25.04 -6.15 -41.66
C6 NAG FA . -26.31 -6.75 -42.25
C7 NAG FA . -21.04 -6.24 -38.13
C8 NAG FA . -19.89 -5.47 -37.56
N2 NAG FA . -21.73 -5.62 -39.10
O3 NAG FA . -21.44 -7.17 -41.49
O4 NAG FA . -23.54 -6.94 -43.42
O5 NAG FA . -25.24 -6.13 -40.24
O6 NAG FA . -26.54 -8.06 -41.77
O7 NAG FA . -21.34 -7.37 -37.73
C1 NAG GA . -0.46 -23.37 -38.75
C2 NAG GA . 0.10 -24.77 -38.57
C3 NAG GA . 0.42 -25.33 -39.95
C4 NAG GA . -0.83 -25.35 -40.82
C5 NAG GA . -1.46 -23.95 -40.90
C6 NAG GA . -2.82 -23.97 -41.53
C7 NAG GA . 1.39 -25.24 -36.53
C8 NAG GA . 2.63 -24.90 -35.75
N2 NAG GA . 1.29 -24.69 -37.75
O3 NAG GA . 0.94 -26.65 -39.80
O4 NAG GA . -0.50 -25.80 -42.12
O5 NAG GA . -1.63 -23.39 -39.58
O6 NAG GA . -3.18 -22.66 -41.94
O7 NAG GA . 0.52 -25.97 -36.07
CA CA HA . -24.60 -14.45 -16.04
C13 XSD IA . -5.31 -14.24 -21.90
C18 XSD IA . -3.41 -17.10 -21.16
C17 XSD IA . -3.82 -15.82 -20.81
C16 XSD IA . -7.65 -12.77 -21.82
C15 XSD IA . -6.50 -12.22 -22.38
C19 XSD IA . -3.22 -18.04 -20.16
C20 XSD IA . -3.43 -17.71 -18.83
C21 XSD IA . -3.83 -16.43 -18.50
C22 XSD IA . -4.02 -15.47 -19.47
C11 XSD IA . -7.65 -14.07 -21.32
C12 XSD IA . -6.47 -14.81 -21.39
C1 XSD IA . -9.36 -18.44 -15.96
C2 XSD IA . -10.50 -18.70 -15.21
N1 XSD IA . -11.40 -19.64 -15.58
C3 XSD IA . -11.19 -20.34 -16.71
C4 XSD IA . -10.08 -20.12 -17.51
C5 XSD IA . -9.12 -19.16 -17.13
N2 XSD IA . -10.76 -18.05 -14.07
C6 XSD IA . -7.88 -18.83 -17.93
C7 XSD IA . -8.25 -17.85 -19.01
C8 XSD IA . -8.69 -18.13 -20.31
N3 XSD IA . -8.98 -17.04 -20.99
N4 XSD IA . -8.73 -16.02 -20.13
C9 XSD IA . -8.31 -16.45 -18.93
C10 XSD IA . -8.86 -14.62 -20.61
C14 XSD IA . -5.33 -12.95 -22.42
N5 XSD IA . -11.98 -21.32 -17.35
N6 XSD IA . -11.30 -21.62 -18.55
N7 XSD IA . -10.20 -20.96 -18.65
O1 XSD IA . -4.09 -14.91 -21.84
#